data_8D0Y
#
_entry.id   8D0Y
#
_cell.length_a   264.672
_cell.length_b   264.672
_cell.length_c   264.672
_cell.angle_alpha   90.000
_cell.angle_beta   90.000
_cell.angle_gamma   90.000
#
_symmetry.space_group_name_H-M   'P 21 3'
#
loop_
_entity.id
_entity.type
_entity.pdbx_description
1 polymer '35O22scFv Heavy Chain Variable'
2 polymer '35O22scFv Light Chain Variable'
3 polymer 'PGT124 Fab Heavy Chain'
4 polymer 'PGT124 Fab Light Chain'
5 polymer 'BG505SOSIPv8 gp120'
6 polymer 'BG505SOSIPv8 gp41'
7 branched alpha-D-mannopyranose-(1-3)-[alpha-D-mannopyranose-(1-6)]alpha-D-mannopyranose-(1-6)-[alpha-D-mannopyranose-(1-3)]beta-D-mannopyranose-(1-4)-2-acetamido-2-deoxy-beta-D-glucopyranose-(1-4)-2-acetamido-2-deoxy-beta-D-glucopyranose
8 branched 2-acetamido-2-deoxy-beta-D-glucopyranose-(1-4)-2-acetamido-2-deoxy-beta-D-glucopyranose
9 branched alpha-D-mannopyranose-(1-2)-alpha-D-mannopyranose-(1-3)-[alpha-D-mannopyranose-(1-6)-alpha-D-mannopyranose-(1-6)]beta-D-mannopyranose-(1-4)-2-acetamido-2-deoxy-beta-D-glucopyranose-(1-4)-2-acetamido-2-deoxy-beta-D-glucopyranose
10 branched alpha-D-mannopyranose-(1-6)-alpha-D-mannopyranose-(1-6)-[alpha-D-mannopyranose-(1-3)]beta-D-mannopyranose-(1-4)-2-acetamido-2-deoxy-beta-D-glucopyranose-(1-4)-2-acetamido-2-deoxy-beta-D-glucopyranose
11 branched alpha-D-mannopyranose-(1-3)-[alpha-D-mannopyranose-(1-6)]beta-D-mannopyranose-(1-4)-2-acetamido-2-deoxy-beta-D-glucopyranose-(1-4)-2-acetamido-2-deoxy-beta-D-glucopyranose
12 branched alpha-D-mannopyranose-(1-3)-beta-D-mannopyranose-(1-4)-2-acetamido-2-deoxy-beta-D-glucopyranose-(1-4)-2-acetamido-2-deoxy-beta-D-glucopyranose
13 non-polymer 2-acetamido-2-deoxy-beta-D-glucopyranose
#
loop_
_entity_poly.entity_id
_entity_poly.type
_entity_poly.pdbx_seq_one_letter_code
_entity_poly.pdbx_strand_id
1 'polypeptide(L)'
;QGQLVQSGATTTKPGSSVKISCKTSGYRFNFYHINWIRQTAGRGPEWMGWISPYSGDKNLAPAFQDRVNMTTDTEVPVTS
FTSTGAAYMEIRNLTSDDTGTYFCAKGLLRDGSSTWLPYLWGQGTLLT
;
D
2 'polypeptide(L)'
;VLTQSASVSGSLGQSVTISCTGPNSVCCSHKSISWYQWPPGRAPTLIIYEDNERAPGISPRFSGYKSYWSAYLTISDLRP
EDETTYYCCSYTHNSGCVFGTGTKVSVLGQS
;
E
3 'polypeptide(L)'
;QVQLQESGPGRVKPSETLSLTCAVSDDSFGSSYFYWSWIRQAPGKGLEWIGYIAYSGGVRYNPSLSSRVTISRNIHERQF
YLRLTSMTAADTAVYYCARHCEDDYGYYSAAQSYGLDSWGQGIAVTVSPSTKGPSVFPLAPTSGGTAALGCLVKDYFPEP
VTVSWNSGALTSGVHTFPAVLQSSGLYSLSSVVTVPSSSLGTQTYICNVNHKPSNTKVDKRVEPK
;
H
4 'polypeptide(L)'
;DIQMTQSPSSLSASVGDRVTITCRTSENVNNCLNWYQQKPGKAPKLLIYRTSTLQRGVPSRFSGTGSGTDYTLTISSLQS
EDFGTYYCQHYYGTPLTFGGGTMVDIKRTVAAPSVFIFPPSDEQLKSGTASVVCLLNNFYPREAKVQWKVDNALQSGNSQ
ESVTEQDSKDSTYSLSSTLTLSKADYEKHKVYACEVTHQGLSSPVTKSFNRGE
;
L
5 'polypeptide(L)'
;ENLWVTVYYGVPVWKDAETTLFCASDAKAYETKKHNVWATHCCVPTDPNPQEIHLENVTEEFNMWKNNMVEQMHEDIISL
WDQSLKPCVKLTPLCVTLQCTNVTNNITDDMRGELKNCSFNMTTELRDKKQKVYSLFYRLDVVQINSNKEYRLINCNTSA
ITQACPKVSFEPIPIHYCAPAGFAILKCKDKKFNGTGPCPNVSTVQCTHGIKPVVSTQLLLNGSLAEEEVIIRSENITNN
AKNILVQLNTPVQINCTRPNNNTVKSIRIGPGQWFYYTGDIIGDIRQAHCNVSKATWNETLGKVVKQLRKHFGNNTIIRF
ANSSGGDLEVTTHSFNCGGEFFYCNTSGLFNSTWISGSNDSITLPCRIKQIINMWQRIGQAMYAPPIQGVIRCVSNITGL
ILTRDGGSTNSTTETFRPGGGDMRDNWRSELYKYKVVKIEPLGVAPTRCKRRVVG
;
G
6 'polypeptide(L)'
;VFLGFLGAAGSTMGAASMTLTVQARNLLSGIVQQQSNLLRAPECQQHLLKDTHWGIKQLQARVLAVEHYLRDQQLLGIWG
CSGKLICCTNVPWNSSWSNRNLSEIWDNMTWLQWDKEISNYTQIIYGLLEESQNQQEKNEQDLLAL
;
B
#
# COMPACT_ATOMS: atom_id res chain seq x y z
N GLN A 1 5.45 -26.89 -18.67
CA GLN A 1 5.14 -25.58 -18.12
C GLN A 1 6.25 -24.58 -18.46
N GLY A 2 7.46 -25.11 -18.64
CA GLY A 2 8.60 -24.27 -19.00
C GLY A 2 8.64 -23.95 -20.49
N GLN A 3 9.47 -22.96 -20.83
CA GLN A 3 9.67 -22.54 -22.20
C GLN A 3 11.14 -22.30 -22.45
N LEU A 4 11.60 -22.65 -23.65
CA LEU A 4 12.99 -22.44 -24.05
C LEU A 4 13.01 -21.63 -25.34
N VAL A 5 13.32 -20.35 -25.24
CA VAL A 5 13.43 -19.47 -26.40
C VAL A 5 14.87 -19.49 -26.89
N GLN A 6 15.04 -19.46 -28.21
CA GLN A 6 16.35 -19.51 -28.83
C GLN A 6 16.58 -18.25 -29.67
N SER A 7 17.84 -17.87 -29.82
CA SER A 7 18.19 -16.65 -30.53
C SER A 7 17.82 -16.76 -32.01
N GLY A 8 17.89 -15.62 -32.70
CA GLY A 8 17.62 -15.61 -34.12
C GLY A 8 18.72 -16.29 -34.92
N ALA A 9 18.33 -16.87 -36.05
CA ALA A 9 19.26 -17.59 -36.90
C ALA A 9 20.09 -16.62 -37.73
N THR A 10 21.30 -17.05 -38.06
CA THR A 10 22.22 -16.24 -38.85
C THR A 10 23.18 -17.15 -39.59
N THR A 11 23.58 -16.72 -40.79
CA THR A 11 24.52 -17.45 -41.62
C THR A 11 25.83 -16.67 -41.68
N THR A 12 26.92 -17.32 -41.28
CA THR A 12 28.26 -16.75 -41.36
C THR A 12 29.16 -17.70 -42.12
N LYS A 13 30.06 -17.13 -42.93
CA LYS A 13 30.99 -17.94 -43.69
C LYS A 13 31.93 -18.69 -42.75
N PRO A 14 32.44 -19.85 -43.18
CA PRO A 14 33.36 -20.62 -42.33
C PRO A 14 34.62 -19.83 -41.99
N GLY A 15 35.24 -20.21 -40.88
CA GLY A 15 36.47 -19.61 -40.40
C GLY A 15 36.30 -18.75 -39.16
N SER A 16 35.11 -18.24 -38.91
CA SER A 16 34.83 -17.35 -37.80
C SER A 16 34.05 -18.07 -36.70
N SER A 17 34.04 -17.46 -35.53
CA SER A 17 33.32 -17.99 -34.37
C SER A 17 31.97 -17.30 -34.23
N VAL A 18 31.04 -17.99 -33.57
CA VAL A 18 29.66 -17.54 -33.42
C VAL A 18 29.19 -17.84 -32.00
N LYS A 19 27.95 -17.46 -31.71
CA LYS A 19 27.37 -17.64 -30.39
C LYS A 19 25.86 -17.81 -30.53
N ILE A 20 25.32 -18.85 -29.87
CA ILE A 20 23.88 -19.10 -29.80
C ILE A 20 23.42 -18.82 -28.38
N SER A 21 22.28 -18.13 -28.26
CA SER A 21 21.70 -17.81 -26.96
C SER A 21 20.36 -18.54 -26.81
N CYS A 22 20.15 -19.17 -25.66
CA CYS A 22 18.94 -19.93 -25.36
C CYS A 22 18.39 -19.40 -24.04
N LYS A 23 17.32 -18.61 -24.12
CA LYS A 23 16.73 -17.99 -22.94
C LYS A 23 15.62 -18.86 -22.37
N THR A 24 15.58 -18.96 -21.04
CA THR A 24 14.68 -19.88 -20.35
C THR A 24 13.64 -19.11 -19.53
N SER A 25 12.59 -19.83 -19.16
CA SER A 25 11.50 -19.33 -18.34
C SER A 25 10.56 -20.48 -18.03
N GLY A 26 9.70 -20.29 -17.04
CA GLY A 26 8.69 -21.27 -16.69
C GLY A 26 9.16 -22.43 -15.84
N TYR A 27 10.34 -22.33 -15.22
CA TYR A 27 10.84 -23.36 -14.32
C TYR A 27 12.02 -22.76 -13.58
N ARG A 28 12.69 -23.59 -12.79
CA ARG A 28 13.87 -23.15 -12.03
C ARG A 28 15.11 -23.48 -12.87
N PHE A 29 15.70 -22.44 -13.47
CA PHE A 29 16.77 -22.62 -14.44
C PHE A 29 17.95 -23.40 -13.85
N ASN A 30 18.18 -23.28 -12.55
CA ASN A 30 19.27 -24.01 -11.92
C ASN A 30 18.93 -25.46 -11.60
N PHE A 31 17.68 -25.88 -11.80
CA PHE A 31 17.28 -27.24 -11.44
C PHE A 31 17.64 -28.24 -12.51
N TYR A 32 17.40 -27.92 -13.77
CA TYR A 32 17.59 -28.86 -14.88
C TYR A 32 18.80 -28.48 -15.69
N HIS A 33 19.47 -29.49 -16.26
CA HIS A 33 20.65 -29.24 -17.07
C HIS A 33 20.26 -28.59 -18.40
N ILE A 34 21.29 -28.23 -19.18
CA ILE A 34 21.11 -27.63 -20.49
C ILE A 34 21.92 -28.43 -21.50
N ASN A 35 21.24 -29.00 -22.49
CA ASN A 35 21.88 -29.79 -23.53
C ASN A 35 21.84 -29.06 -24.86
N TRP A 36 22.88 -29.27 -25.66
CA TRP A 36 22.98 -28.73 -27.00
C TRP A 36 23.17 -29.87 -27.99
N ILE A 37 22.30 -29.95 -29.00
CA ILE A 37 22.30 -31.06 -29.95
C ILE A 37 22.15 -30.50 -31.36
N ARG A 38 22.79 -31.17 -32.33
CA ARG A 38 22.76 -30.78 -33.73
C ARG A 38 22.11 -31.88 -34.57
N GLN A 39 21.27 -31.47 -35.52
CA GLN A 39 20.69 -32.36 -36.51
C GLN A 39 21.45 -32.19 -37.83
N THR A 40 22.26 -33.18 -38.18
CA THR A 40 23.05 -33.11 -39.40
C THR A 40 22.19 -33.47 -40.61
N ALA A 41 22.26 -32.64 -41.64
CA ALA A 41 21.55 -32.91 -42.90
C ALA A 41 22.42 -33.83 -43.74
N GLY A 42 21.95 -35.07 -43.94
CA GLY A 42 22.68 -36.07 -44.69
C GLY A 42 23.24 -37.20 -43.85
N ARG A 43 23.23 -37.06 -42.53
CA ARG A 43 23.72 -38.11 -41.64
C ARG A 43 22.86 -38.10 -40.38
N GLY A 44 23.23 -38.94 -39.42
CA GLY A 44 22.50 -39.02 -38.18
C GLY A 44 22.82 -37.87 -37.23
N PRO A 45 21.78 -37.31 -36.60
CA PRO A 45 22.01 -36.24 -35.64
C PRO A 45 22.83 -36.71 -34.44
N GLU A 46 23.65 -35.82 -33.90
CA GLU A 46 24.61 -36.17 -32.86
C GLU A 46 24.47 -35.24 -31.67
N TRP A 47 24.47 -35.82 -30.47
CA TRP A 47 24.51 -35.04 -29.25
C TRP A 47 25.89 -34.41 -29.08
N MET A 48 25.91 -33.18 -28.58
CA MET A 48 27.14 -32.39 -28.51
C MET A 48 27.67 -32.22 -27.09
N GLY A 49 26.82 -31.87 -26.13
CA GLY A 49 27.29 -31.70 -24.77
C GLY A 49 26.19 -31.23 -23.85
N TRP A 50 26.54 -31.13 -22.57
CA TRP A 50 25.62 -30.66 -21.54
C TRP A 50 26.40 -29.95 -20.46
N ILE A 51 25.74 -29.03 -19.76
CA ILE A 51 26.36 -28.26 -18.68
C ILE A 51 25.31 -27.98 -17.62
N SER A 52 25.73 -28.00 -16.36
CA SER A 52 24.85 -27.67 -15.25
C SER A 52 24.83 -26.17 -15.01
N PRO A 53 23.65 -25.54 -15.00
CA PRO A 53 23.60 -24.11 -14.64
C PRO A 53 24.05 -23.84 -13.22
N TYR A 54 23.85 -24.78 -12.31
CA TYR A 54 24.21 -24.57 -10.91
C TYR A 54 25.62 -25.07 -10.61
N SER A 55 25.86 -26.36 -10.80
CA SER A 55 27.17 -26.92 -10.49
C SER A 55 28.26 -26.35 -11.38
N GLY A 56 27.91 -25.94 -12.60
CA GLY A 56 28.88 -25.45 -13.56
C GLY A 56 29.71 -26.52 -14.23
N ASP A 57 29.60 -27.78 -13.78
CA ASP A 57 30.38 -28.84 -14.40
C ASP A 57 29.85 -29.13 -15.80
N LYS A 58 30.78 -29.28 -16.74
CA LYS A 58 30.45 -29.47 -18.15
C LYS A 58 31.09 -30.75 -18.67
N ASN A 59 30.35 -31.49 -19.48
CA ASN A 59 30.83 -32.71 -20.10
C ASN A 59 30.38 -32.73 -21.55
N LEU A 60 31.33 -32.78 -22.47
CA LEU A 60 31.06 -32.73 -23.89
C LEU A 60 31.42 -34.06 -24.55
N ALA A 61 30.85 -34.28 -25.73
CA ALA A 61 31.25 -35.41 -26.54
C ALA A 61 32.70 -35.24 -26.98
N PRO A 62 33.45 -36.33 -27.14
CA PRO A 62 34.80 -36.21 -27.69
C PRO A 62 34.83 -35.63 -29.10
N ALA A 63 33.71 -35.69 -29.83
CA ALA A 63 33.63 -35.07 -31.15
C ALA A 63 33.59 -33.54 -31.08
N PHE A 64 33.39 -32.97 -29.89
CA PHE A 64 33.38 -31.52 -29.70
C PHE A 64 34.06 -31.15 -28.39
N GLN A 65 35.06 -31.91 -27.99
CA GLN A 65 35.66 -31.73 -26.66
C GLN A 65 36.51 -30.47 -26.61
N ASP A 66 37.40 -30.30 -27.58
CA ASP A 66 38.27 -29.12 -27.65
C ASP A 66 37.87 -28.19 -28.79
N ARG A 67 36.56 -28.02 -28.98
CA ARG A 67 36.05 -27.12 -30.00
C ARG A 67 34.81 -26.35 -29.54
N VAL A 68 34.40 -26.48 -28.28
CA VAL A 68 33.16 -25.90 -27.80
C VAL A 68 33.38 -25.33 -26.40
N ASN A 69 32.86 -24.12 -26.17
CA ASN A 69 32.89 -23.48 -24.87
C ASN A 69 31.45 -23.14 -24.46
N MET A 70 31.03 -23.66 -23.31
CA MET A 70 29.69 -23.42 -22.79
C MET A 70 29.75 -22.47 -21.60
N THR A 71 28.69 -21.68 -21.46
CA THR A 71 28.54 -20.74 -20.34
C THR A 71 27.07 -20.65 -19.97
N THR A 72 26.81 -20.49 -18.67
CA THR A 72 25.46 -20.40 -18.13
C THR A 72 25.34 -19.14 -17.31
N ASP A 73 24.44 -18.25 -17.72
CA ASP A 73 24.17 -17.04 -16.96
C ASP A 73 23.46 -17.37 -15.65
N THR A 74 23.71 -16.55 -14.63
CA THR A 74 23.08 -16.76 -13.34
C THR A 74 21.57 -16.57 -13.46
N GLU A 75 20.81 -17.50 -12.87
CA GLU A 75 19.37 -17.47 -13.04
C GLU A 75 18.76 -16.23 -12.39
N VAL A 76 17.64 -15.80 -12.94
CA VAL A 76 16.90 -14.64 -12.45
C VAL A 76 15.60 -15.14 -11.83
N PRO A 77 15.37 -14.91 -10.54
CA PRO A 77 14.17 -15.46 -9.90
C PRO A 77 12.91 -14.77 -10.38
N VAL A 78 11.84 -15.55 -10.50
CA VAL A 78 10.55 -15.01 -10.93
C VAL A 78 9.51 -15.30 -9.84
N THR A 79 9.18 -16.58 -9.67
CA THR A 79 8.23 -17.02 -8.66
C THR A 79 8.99 -17.76 -7.56
N SER A 80 8.22 -18.29 -6.60
CA SER A 80 8.82 -19.12 -5.57
C SER A 80 9.40 -20.41 -6.13
N PHE A 81 8.99 -20.81 -7.35
CA PHE A 81 9.51 -22.01 -8.00
C PHE A 81 9.69 -21.82 -9.49
N THR A 82 9.98 -20.59 -9.93
CA THR A 82 10.21 -20.31 -11.33
C THR A 82 11.31 -19.26 -11.45
N SER A 83 12.26 -19.52 -12.32
CA SER A 83 13.34 -18.58 -12.59
C SER A 83 13.55 -18.46 -14.09
N THR A 84 14.40 -17.52 -14.47
CA THR A 84 14.76 -17.29 -15.87
C THR A 84 16.26 -17.18 -15.98
N GLY A 85 16.81 -17.73 -17.07
CA GLY A 85 18.24 -17.68 -17.29
C GLY A 85 18.63 -17.62 -18.75
N ALA A 86 19.93 -17.71 -19.02
CA ALA A 86 20.45 -17.70 -20.37
C ALA A 86 21.57 -18.72 -20.50
N ALA A 87 21.52 -19.50 -21.57
CA ALA A 87 22.55 -20.50 -21.87
C ALA A 87 23.22 -20.14 -23.19
N TYR A 88 24.55 -20.19 -23.21
CA TYR A 88 25.33 -19.76 -24.36
C TYR A 88 26.19 -20.91 -24.87
N MET A 89 26.34 -20.97 -26.20
CA MET A 89 27.05 -22.04 -26.88
C MET A 89 27.99 -21.42 -27.91
N GLU A 90 29.20 -21.99 -28.04
CA GLU A 90 30.25 -21.37 -28.83
C GLU A 90 31.03 -22.43 -29.60
N ILE A 91 31.48 -22.05 -30.80
CA ILE A 91 32.31 -22.90 -31.65
C ILE A 91 33.53 -22.08 -32.09
N ARG A 92 34.70 -22.72 -32.09
CA ARG A 92 35.97 -22.03 -32.36
C ARG A 92 36.31 -21.99 -33.84
N ASN A 93 36.22 -23.13 -34.53
CA ASN A 93 36.56 -23.22 -35.95
C ASN A 93 35.32 -23.59 -36.74
N LEU A 94 34.97 -22.77 -37.72
CA LEU A 94 33.80 -22.97 -38.55
C LEU A 94 34.20 -23.61 -39.88
N THR A 95 33.30 -24.43 -40.42
CA THR A 95 33.53 -25.11 -41.70
C THR A 95 32.20 -25.27 -42.41
N SER A 96 32.26 -25.81 -43.63
CA SER A 96 31.04 -26.04 -44.41
C SER A 96 30.27 -27.24 -43.87
N ASP A 97 30.95 -28.23 -43.31
CA ASP A 97 30.28 -29.39 -42.75
C ASP A 97 29.55 -29.08 -41.45
N ASP A 98 29.79 -27.92 -40.84
CA ASP A 98 29.06 -27.51 -39.64
C ASP A 98 27.63 -27.09 -39.92
N THR A 99 27.19 -27.14 -41.17
CA THR A 99 25.85 -26.71 -41.51
C THR A 99 24.82 -27.71 -41.01
N GLY A 100 23.76 -27.20 -40.38
CA GLY A 100 22.71 -28.07 -39.86
C GLY A 100 21.85 -27.32 -38.88
N THR A 101 20.82 -28.04 -38.40
CA THR A 101 19.89 -27.49 -37.43
C THR A 101 20.40 -27.74 -36.01
N TYR A 102 20.19 -26.76 -35.13
CA TYR A 102 20.66 -26.83 -33.75
C TYR A 102 19.50 -26.60 -32.79
N PHE A 103 19.59 -27.23 -31.62
CA PHE A 103 18.53 -27.14 -30.62
C PHE A 103 19.15 -27.06 -29.23
N CYS A 104 18.46 -26.39 -28.32
CA CYS A 104 18.80 -26.40 -26.90
C CYS A 104 17.67 -27.05 -26.11
N ALA A 105 18.03 -27.83 -25.09
CA ALA A 105 17.06 -28.59 -24.33
C ALA A 105 17.40 -28.52 -22.84
N LYS A 106 16.41 -28.88 -22.02
CA LYS A 106 16.57 -28.92 -20.57
C LYS A 106 16.54 -30.36 -20.08
N GLY A 107 16.83 -30.54 -18.80
CA GLY A 107 16.81 -31.86 -18.20
C GLY A 107 15.40 -32.32 -17.87
N LEU A 108 15.26 -33.65 -17.70
CA LEU A 108 13.97 -34.24 -17.35
C LEU A 108 13.77 -34.26 -15.84
N LEU A 109 14.62 -34.98 -15.13
CA LEU A 109 14.57 -35.06 -13.69
C LEU A 109 15.75 -34.30 -13.10
N ARG A 110 15.68 -34.03 -11.79
CA ARG A 110 16.76 -33.38 -11.07
C ARG A 110 17.80 -34.36 -10.57
N ASP A 111 17.39 -35.57 -10.18
CA ASP A 111 18.31 -36.61 -9.72
C ASP A 111 18.08 -37.91 -10.48
N GLY A 112 18.65 -39.01 -10.00
CA GLY A 112 18.49 -40.30 -10.64
C GLY A 112 19.44 -40.50 -11.80
N SER A 113 19.11 -41.52 -12.61
CA SER A 113 19.94 -41.84 -13.77
C SER A 113 19.64 -40.94 -14.96
N SER A 114 18.39 -40.52 -15.11
CA SER A 114 17.98 -39.68 -16.24
C SER A 114 17.93 -38.21 -15.81
N THR A 115 19.09 -37.70 -15.41
CA THR A 115 19.20 -36.33 -14.91
C THR A 115 19.42 -35.33 -16.04
N TRP A 116 20.45 -35.53 -16.85
CA TRP A 116 20.79 -34.62 -17.93
C TRP A 116 20.07 -34.93 -19.23
N LEU A 117 19.14 -35.89 -19.22
CA LEU A 117 18.49 -36.30 -20.46
C LEU A 117 17.66 -35.16 -21.02
N PRO A 118 17.81 -34.82 -22.30
CA PRO A 118 17.00 -33.73 -22.88
C PRO A 118 15.52 -34.07 -22.87
N TYR A 119 14.70 -33.10 -22.47
CA TYR A 119 13.26 -33.31 -22.32
C TYR A 119 12.47 -32.25 -23.08
N LEU A 120 12.70 -30.98 -22.75
CA LEU A 120 11.99 -29.86 -23.36
C LEU A 120 12.95 -29.14 -24.30
N TRP A 121 12.56 -29.01 -25.57
CA TRP A 121 13.43 -28.50 -26.61
C TRP A 121 13.05 -27.08 -27.00
N GLY A 122 13.98 -26.42 -27.70
CA GLY A 122 13.71 -25.12 -28.31
C GLY A 122 13.23 -25.26 -29.74
N GLN A 123 12.91 -24.11 -30.35
CA GLN A 123 12.36 -24.14 -31.69
C GLN A 123 13.41 -24.51 -32.72
N GLY A 124 14.66 -24.18 -32.47
CA GLY A 124 15.75 -24.53 -33.37
C GLY A 124 16.26 -23.35 -34.17
N THR A 125 17.45 -23.54 -34.74
CA THR A 125 18.09 -22.52 -35.57
C THR A 125 18.79 -23.21 -36.73
N LEU A 126 19.01 -22.45 -37.80
CA LEU A 126 19.66 -22.94 -39.02
C LEU A 126 20.98 -22.20 -39.22
N LEU A 127 21.88 -22.83 -39.98
CA LEU A 127 23.24 -22.32 -40.11
C LEU A 127 23.64 -22.01 -41.55
N THR A 128 24.95 -22.01 -41.80
CA THR A 128 25.52 -21.66 -43.10
C THR A 128 25.22 -22.72 -44.16
N VAL B 1 27.30 -44.92 -34.37
CA VAL B 1 27.70 -46.20 -33.80
C VAL B 1 26.47 -47.10 -33.62
N LEU B 2 25.50 -46.60 -32.84
CA LEU B 2 24.26 -47.34 -32.67
C LEU B 2 23.49 -47.40 -33.98
N THR B 3 23.10 -48.60 -34.37
CA THR B 3 22.41 -48.85 -35.64
C THR B 3 20.93 -49.14 -35.35
N GLN B 4 20.08 -48.18 -35.69
CA GLN B 4 18.64 -48.39 -35.54
C GLN B 4 18.13 -49.33 -36.62
N SER B 5 17.11 -50.11 -36.27
CA SER B 5 16.56 -51.10 -37.18
C SER B 5 15.96 -50.43 -38.42
N ALA B 6 15.72 -51.25 -39.44
CA ALA B 6 15.15 -50.75 -40.68
C ALA B 6 13.75 -50.20 -40.43
N SER B 7 13.33 -49.30 -41.32
CA SER B 7 12.05 -48.63 -41.17
C SER B 7 10.90 -49.57 -41.54
N VAL B 8 9.95 -49.70 -40.63
CA VAL B 8 8.78 -50.55 -40.83
C VAL B 8 7.53 -49.70 -40.57
N SER B 9 6.48 -49.97 -41.35
CA SER B 9 5.23 -49.23 -41.24
C SER B 9 4.07 -50.22 -41.09
N GLY B 10 2.86 -49.68 -41.00
CA GLY B 10 1.68 -50.51 -40.86
C GLY B 10 0.42 -49.66 -40.89
N SER B 11 -0.68 -50.31 -41.24
CA SER B 11 -1.96 -49.64 -41.29
C SER B 11 -2.43 -49.23 -39.90
N LEU B 12 -3.31 -48.22 -39.86
CA LEU B 12 -3.78 -47.69 -38.58
C LEU B 12 -4.57 -48.73 -37.81
N GLY B 13 -4.41 -48.73 -36.48
CA GLY B 13 -5.07 -49.64 -35.59
C GLY B 13 -4.20 -50.77 -35.08
N GLN B 14 -3.24 -51.22 -35.88
CA GLN B 14 -2.37 -52.32 -35.49
C GLN B 14 -1.19 -51.77 -34.68
N SER B 15 -0.18 -52.60 -34.47
CA SER B 15 0.99 -52.24 -33.69
C SER B 15 2.24 -52.29 -34.56
N VAL B 16 3.19 -51.42 -34.25
CA VAL B 16 4.46 -51.34 -34.97
C VAL B 16 5.60 -51.28 -33.97
N THR B 17 6.67 -52.04 -34.24
CA THR B 17 7.81 -52.13 -33.34
C THR B 17 9.09 -51.77 -34.09
N ILE B 18 9.91 -50.92 -33.47
CA ILE B 18 11.22 -50.54 -33.99
C ILE B 18 12.27 -50.92 -32.96
N SER B 19 13.39 -51.45 -33.43
CA SER B 19 14.45 -51.92 -32.54
C SER B 19 15.69 -51.04 -32.65
N CYS B 20 16.57 -51.19 -31.66
CA CYS B 20 17.79 -50.39 -31.56
C CYS B 20 18.85 -51.29 -30.92
N THR B 21 20.03 -51.33 -31.53
CA THR B 21 21.11 -52.16 -31.01
C THR B 21 22.45 -51.60 -31.49
N GLY B 22 23.52 -52.18 -30.96
CA GLY B 22 24.86 -51.76 -31.33
C GLY B 22 25.91 -52.74 -30.81
N PRO B 23 27.17 -52.33 -30.85
CA PRO B 23 28.25 -53.22 -30.39
C PRO B 23 28.16 -53.44 -28.88
N ASN B 24 28.90 -54.45 -28.42
CA ASN B 24 28.92 -54.75 -26.99
C ASN B 24 29.49 -53.60 -26.17
N SER B 25 30.20 -52.66 -26.80
CA SER B 25 30.68 -51.49 -26.08
C SER B 25 29.54 -50.52 -25.77
N VAL B 26 28.53 -50.44 -26.64
CA VAL B 26 27.36 -49.60 -26.40
C VAL B 26 26.11 -50.45 -26.61
N CYS B 27 26.16 -51.71 -26.17
CA CYS B 27 24.99 -52.57 -26.30
C CYS B 27 23.90 -52.13 -25.33
N CYS B 28 22.73 -52.76 -25.44
CA CYS B 28 21.57 -52.31 -24.67
C CYS B 28 21.61 -52.78 -23.22
N SER B 29 22.30 -53.87 -22.91
CA SER B 29 22.48 -54.28 -21.53
C SER B 29 23.52 -53.38 -20.85
N HIS B 30 23.30 -53.13 -19.56
CA HIS B 30 24.11 -52.26 -18.69
C HIS B 30 24.08 -50.79 -19.11
N LYS B 31 23.28 -50.43 -20.12
CA LYS B 31 23.06 -49.04 -20.52
C LYS B 31 21.58 -48.72 -20.47
N SER B 32 21.27 -47.44 -20.50
CA SER B 32 19.89 -46.96 -20.49
C SER B 32 19.50 -46.51 -21.90
N ILE B 33 18.33 -46.93 -22.35
CA ILE B 33 17.85 -46.65 -23.71
C ILE B 33 16.74 -45.62 -23.63
N SER B 34 16.83 -44.59 -24.49
CA SER B 34 15.81 -43.58 -24.61
C SER B 34 15.31 -43.51 -26.05
N TRP B 35 14.04 -43.15 -26.21
CA TRP B 35 13.41 -43.07 -27.52
C TRP B 35 12.82 -41.69 -27.72
N TYR B 36 12.90 -41.18 -28.96
CA TYR B 36 12.45 -39.84 -29.28
C TYR B 36 11.69 -39.85 -30.61
N GLN B 37 10.70 -38.98 -30.70
CA GLN B 37 9.99 -38.71 -31.95
C GLN B 37 10.52 -37.41 -32.52
N TRP B 38 11.05 -37.46 -33.74
CA TRP B 38 11.76 -36.32 -34.33
C TRP B 38 11.27 -36.06 -35.75
N PRO B 39 10.29 -35.17 -35.91
CA PRO B 39 9.93 -34.71 -37.24
C PRO B 39 11.10 -34.00 -37.89
N PRO B 40 11.29 -34.17 -39.21
CA PRO B 40 12.49 -33.64 -39.85
C PRO B 40 12.54 -32.12 -39.80
N GLY B 41 13.59 -31.60 -39.16
CA GLY B 41 13.81 -30.16 -39.08
C GLY B 41 12.91 -29.42 -38.12
N ARG B 42 12.31 -30.12 -37.14
CA ARG B 42 11.42 -29.50 -36.18
C ARG B 42 11.86 -29.86 -34.76
N ALA B 43 11.08 -29.43 -33.79
CA ALA B 43 11.40 -29.66 -32.39
C ALA B 43 11.08 -31.11 -32.01
N PRO B 44 12.05 -31.88 -31.50
CA PRO B 44 11.77 -33.27 -31.13
C PRO B 44 10.94 -33.36 -29.86
N THR B 45 10.51 -34.58 -29.56
CA THR B 45 9.72 -34.88 -28.38
C THR B 45 10.22 -36.17 -27.74
N LEU B 46 10.19 -36.23 -26.42
CA LEU B 46 10.64 -37.40 -25.67
C LEU B 46 9.48 -38.35 -25.42
N ILE B 47 9.70 -39.64 -25.70
CA ILE B 47 8.66 -40.65 -25.56
C ILE B 47 8.93 -41.51 -24.33
N ILE B 48 10.00 -42.29 -24.36
CA ILE B 48 10.37 -43.17 -23.26
C ILE B 48 11.49 -42.49 -22.47
N TYR B 49 11.33 -42.43 -21.15
CA TYR B 49 12.31 -41.78 -20.30
C TYR B 49 13.41 -42.75 -19.87
N GLU B 50 13.05 -44.00 -19.64
CA GLU B 50 13.99 -45.11 -19.60
C GLU B 50 13.34 -46.28 -20.32
N ASP B 51 14.09 -47.38 -20.45
CA ASP B 51 13.66 -48.48 -21.30
C ASP B 51 12.31 -49.05 -20.87
N ASN B 52 11.96 -48.95 -19.58
CA ASN B 52 10.73 -49.55 -19.08
C ASN B 52 9.69 -48.54 -18.62
N GLU B 53 10.04 -47.27 -18.48
CA GLU B 53 9.11 -46.25 -18.01
C GLU B 53 8.99 -45.14 -19.06
N ARG B 54 7.99 -44.28 -18.86
CA ARG B 54 7.66 -43.22 -19.80
C ARG B 54 7.87 -41.86 -19.15
N ALA B 55 7.77 -40.82 -19.99
CA ALA B 55 7.87 -39.42 -19.61
C ALA B 55 6.51 -38.87 -19.21
N PRO B 56 6.47 -37.78 -18.45
CA PRO B 56 5.18 -37.21 -18.04
C PRO B 56 4.36 -36.75 -19.24
N GLY B 57 3.18 -37.34 -19.38
CA GLY B 57 2.27 -36.99 -20.46
C GLY B 57 2.31 -37.92 -21.66
N ILE B 58 2.90 -39.10 -21.52
CA ILE B 58 3.01 -40.05 -22.63
C ILE B 58 1.85 -41.04 -22.55
N SER B 59 1.19 -41.26 -23.68
CA SER B 59 0.08 -42.20 -23.74
C SER B 59 0.58 -43.62 -23.44
N PRO B 60 -0.21 -44.44 -22.75
CA PRO B 60 0.22 -45.81 -22.42
C PRO B 60 0.32 -46.74 -23.62
N ARG B 61 -0.20 -46.35 -24.79
CA ARG B 61 -0.03 -47.18 -25.97
C ARG B 61 1.43 -47.27 -26.41
N PHE B 62 2.27 -46.33 -25.97
CA PHE B 62 3.70 -46.38 -26.22
C PHE B 62 4.37 -47.13 -25.07
N SER B 63 4.76 -48.38 -25.32
CA SER B 63 5.44 -49.19 -24.32
C SER B 63 6.85 -49.50 -24.78
N GLY B 64 7.74 -49.82 -23.83
CA GLY B 64 9.10 -50.16 -24.15
C GLY B 64 9.52 -51.51 -23.61
N TYR B 65 10.64 -52.02 -24.10
CA TYR B 65 11.13 -53.33 -23.67
C TYR B 65 12.56 -53.45 -24.14
N LYS B 66 13.43 -53.92 -23.25
CA LYS B 66 14.87 -54.01 -23.53
C LYS B 66 15.37 -55.38 -23.11
N SER B 67 16.12 -56.04 -23.99
CA SER B 67 16.71 -57.33 -23.71
C SER B 67 18.18 -57.17 -23.32
N TYR B 68 18.89 -58.29 -23.19
CA TYR B 68 20.31 -58.29 -22.87
C TYR B 68 21.19 -58.02 -24.09
N TRP B 69 20.62 -57.50 -25.17
CA TRP B 69 21.38 -57.34 -26.41
C TRP B 69 20.81 -56.22 -27.28
N SER B 70 19.48 -56.14 -27.39
CA SER B 70 18.84 -55.10 -28.17
C SER B 70 17.59 -54.62 -27.45
N ALA B 71 17.17 -53.40 -27.77
CA ALA B 71 16.01 -52.76 -27.18
C ALA B 71 14.95 -52.50 -28.24
N TYR B 72 13.70 -52.37 -27.80
CA TYR B 72 12.57 -52.20 -28.71
C TYR B 72 11.60 -51.16 -28.15
N LEU B 73 10.74 -50.66 -29.03
CA LEU B 73 9.70 -49.70 -28.69
C LEU B 73 8.48 -50.00 -29.53
N THR B 74 7.35 -50.26 -28.87
CA THR B 74 6.12 -50.65 -29.55
C THR B 74 5.10 -49.53 -29.51
N ILE B 75 4.40 -49.33 -30.63
CA ILE B 75 3.39 -48.29 -30.77
C ILE B 75 2.09 -48.96 -31.17
N SER B 76 1.15 -49.04 -30.23
CA SER B 76 -0.16 -49.61 -30.49
C SER B 76 -1.17 -48.51 -30.78
N ASP B 77 -2.27 -48.91 -31.42
CA ASP B 77 -3.35 -48.00 -31.81
C ASP B 77 -2.80 -46.84 -32.66
N LEU B 78 -2.35 -47.20 -33.86
CA LEU B 78 -1.74 -46.22 -34.75
C LEU B 78 -2.74 -45.14 -35.13
N ARG B 79 -2.24 -43.93 -35.33
CA ARG B 79 -3.07 -42.77 -35.62
C ARG B 79 -2.41 -41.93 -36.72
N PRO B 80 -3.13 -40.97 -37.31
CA PRO B 80 -2.54 -40.20 -38.43
C PRO B 80 -1.26 -39.47 -38.07
N GLU B 81 -1.14 -38.94 -36.85
CA GLU B 81 0.03 -38.16 -36.49
C GLU B 81 1.27 -39.01 -36.21
N ASP B 82 1.16 -40.34 -36.32
CA ASP B 82 2.30 -41.21 -36.06
C ASP B 82 3.31 -41.24 -37.19
N GLU B 83 3.01 -40.62 -38.33
CA GLU B 83 3.93 -40.59 -39.47
C GLU B 83 5.03 -39.58 -39.19
N THR B 84 6.15 -40.07 -38.65
CA THR B 84 7.28 -39.22 -38.32
C THR B 84 8.55 -40.06 -38.31
N THR B 85 9.67 -39.39 -38.07
CA THR B 85 10.98 -40.03 -37.94
C THR B 85 11.30 -40.20 -36.46
N TYR B 86 11.87 -41.35 -36.10
CA TYR B 86 12.17 -41.67 -34.71
C TYR B 86 13.64 -42.05 -34.57
N TYR B 87 14.21 -41.73 -33.41
CA TYR B 87 15.60 -42.02 -33.09
C TYR B 87 15.69 -42.60 -31.69
N CYS B 88 16.67 -43.47 -31.48
CA CYS B 88 16.97 -44.03 -30.17
C CYS B 88 18.28 -43.47 -29.62
N CYS B 89 18.49 -43.67 -28.33
CA CYS B 89 19.75 -43.25 -27.73
C CYS B 89 20.12 -44.16 -26.56
N SER B 90 21.42 -44.16 -26.26
CA SER B 90 22.00 -44.90 -25.14
C SER B 90 22.78 -43.93 -24.26
N TYR B 91 22.59 -44.04 -22.95
CA TYR B 91 23.18 -43.08 -22.03
C TYR B 91 23.33 -43.71 -20.66
N THR B 92 24.13 -43.06 -19.82
CA THR B 92 24.25 -43.42 -18.41
C THR B 92 24.16 -42.18 -17.54
N HIS B 93 24.87 -42.17 -16.41
CA HIS B 93 24.85 -41.03 -15.52
C HIS B 93 25.99 -40.05 -15.81
N ASN B 94 27.15 -40.54 -16.24
CA ASN B 94 28.32 -39.70 -16.46
C ASN B 94 28.71 -39.61 -17.92
N SER B 95 27.92 -40.18 -18.82
CA SER B 95 28.25 -40.20 -20.24
C SER B 95 27.36 -39.21 -21.00
N GLY B 96 27.25 -39.40 -22.31
CA GLY B 96 26.40 -38.58 -23.13
C GLY B 96 25.49 -39.44 -23.98
N CYS B 97 24.58 -38.77 -24.68
CA CYS B 97 23.62 -39.47 -25.53
C CYS B 97 24.28 -39.87 -26.84
N VAL B 98 24.10 -41.13 -27.23
CA VAL B 98 24.63 -41.68 -28.47
C VAL B 98 23.44 -42.04 -29.34
N PHE B 99 23.13 -41.19 -30.32
CA PHE B 99 21.94 -41.36 -31.12
C PHE B 99 22.05 -42.53 -32.08
N GLY B 100 20.91 -43.14 -32.37
CA GLY B 100 20.85 -44.16 -33.40
C GLY B 100 20.71 -43.56 -34.78
N THR B 101 20.81 -44.42 -35.80
CA THR B 101 20.78 -43.95 -37.18
C THR B 101 19.40 -43.41 -37.55
N GLY B 102 18.34 -44.10 -37.13
CA GLY B 102 16.99 -43.61 -37.31
C GLY B 102 16.05 -44.52 -38.07
N THR B 103 14.75 -44.40 -37.76
CA THR B 103 13.67 -45.07 -38.49
C THR B 103 12.65 -44.00 -38.86
N LYS B 104 12.55 -43.70 -40.14
CA LYS B 104 11.79 -42.55 -40.61
C LYS B 104 10.42 -42.89 -41.19
N VAL B 105 10.25 -44.09 -41.72
CA VAL B 105 9.05 -44.40 -42.49
C VAL B 105 7.92 -44.82 -41.56
N SER B 106 6.73 -44.28 -41.83
CA SER B 106 5.51 -44.65 -41.14
C SER B 106 4.35 -44.37 -42.08
N VAL B 107 3.37 -45.27 -42.12
CA VAL B 107 2.30 -45.20 -43.11
C VAL B 107 0.95 -45.14 -42.39
N LEU B 108 -0.07 -44.74 -43.16
CA LEU B 108 -1.44 -44.67 -42.68
C LEU B 108 -2.26 -45.84 -43.23
N GLY B 109 -3.29 -46.21 -42.49
CA GLY B 109 -4.24 -47.20 -42.95
C GLY B 109 -5.32 -46.54 -43.78
N GLN B 110 -5.62 -47.13 -44.94
CA GLN B 110 -6.57 -46.57 -45.90
C GLN B 110 -6.16 -45.17 -46.34
N SER B 111 -4.86 -44.87 -46.29
CA SER B 111 -4.30 -43.58 -46.68
C SER B 111 -4.99 -42.42 -45.95
N GLN C 1 -15.45 10.29 17.33
CA GLN C 1 -15.85 9.68 16.08
C GLN C 1 -17.14 10.31 15.55
N VAL C 2 -18.28 9.86 16.09
CA VAL C 2 -19.57 10.37 15.64
C VAL C 2 -19.76 11.83 16.00
N GLN C 3 -18.97 12.37 16.93
CA GLN C 3 -19.08 13.75 17.38
C GLN C 3 -17.82 14.48 16.92
N LEU C 4 -17.88 15.04 15.71
CA LEU C 4 -16.81 15.89 15.17
C LEU C 4 -17.33 17.32 15.21
N GLN C 5 -17.04 18.01 16.32
CA GLN C 5 -17.56 19.35 16.54
C GLN C 5 -16.66 20.38 15.85
N GLU C 6 -17.24 21.16 14.95
CA GLU C 6 -16.52 22.21 14.24
C GLU C 6 -16.83 23.57 14.87
N SER C 7 -15.85 24.48 14.77
CA SER C 7 -16.01 25.82 15.31
C SER C 7 -15.08 26.76 14.56
N GLY C 8 -15.43 28.04 14.60
CA GLY C 8 -14.65 29.06 13.93
C GLY C 8 -15.50 30.21 13.45
N PRO C 9 -14.91 31.12 12.67
CA PRO C 9 -15.66 32.26 12.17
C PRO C 9 -16.32 31.99 10.83
N GLY C 10 -17.66 31.99 10.79
CA GLY C 10 -18.39 31.91 9.56
C GLY C 10 -18.39 33.19 8.75
N ARG C 11 -17.65 34.21 9.21
CA ARG C 11 -17.61 35.52 8.56
C ARG C 11 -16.15 35.94 8.46
N VAL C 12 -15.62 35.96 7.23
CA VAL C 12 -14.23 36.33 6.98
C VAL C 12 -14.20 37.40 5.90
N LYS C 13 -13.37 38.41 6.11
CA LYS C 13 -13.19 39.47 5.13
C LYS C 13 -12.15 39.05 4.09
N PRO C 14 -12.17 39.67 2.91
CA PRO C 14 -11.16 39.34 1.89
C PRO C 14 -9.75 39.69 2.35
N SER C 15 -8.78 39.02 1.75
CA SER C 15 -7.35 39.17 2.01
C SER C 15 -6.96 38.84 3.45
N GLU C 16 -7.87 38.25 4.22
CA GLU C 16 -7.57 37.84 5.58
C GLU C 16 -7.28 36.34 5.61
N THR C 17 -7.29 35.75 6.79
CA THR C 17 -6.95 34.35 7.00
C THR C 17 -8.11 33.63 7.68
N LEU C 18 -8.46 32.46 7.16
CA LEU C 18 -9.55 31.66 7.71
C LEU C 18 -8.98 30.49 8.51
N SER C 19 -9.23 30.49 9.81
CA SER C 19 -8.83 29.40 10.69
C SER C 19 -10.06 28.68 11.19
N LEU C 20 -10.02 27.34 11.18
CA LEU C 20 -11.15 26.52 11.60
C LEU C 20 -10.66 25.41 12.52
N THR C 21 -11.54 24.96 13.40
CA THR C 21 -11.23 23.97 14.41
C THR C 21 -12.19 22.79 14.28
N CYS C 22 -11.66 21.57 14.42
CA CYS C 22 -12.47 20.36 14.40
C CYS C 22 -12.06 19.51 15.60
N ALA C 23 -12.97 19.34 16.55
CA ALA C 23 -12.70 18.55 17.75
C ALA C 23 -13.30 17.16 17.61
N VAL C 24 -12.58 16.16 18.11
CA VAL C 24 -12.99 14.76 18.07
C VAL C 24 -13.31 14.31 19.49
N SER C 25 -14.35 13.50 19.63
CA SER C 25 -14.82 13.07 20.94
C SER C 25 -14.31 11.70 21.36
N ASP C 26 -14.43 10.70 20.49
CA ASP C 26 -14.24 9.30 20.86
C ASP C 26 -12.77 8.87 20.93
N ASP C 27 -11.82 9.82 20.94
CA ASP C 27 -10.41 9.53 21.17
C ASP C 27 -9.82 8.55 20.15
N SER C 28 -10.50 8.33 19.03
CA SER C 28 -9.90 7.56 17.95
C SER C 28 -8.70 8.29 17.34
N PHE C 29 -8.46 9.52 17.78
CA PHE C 29 -7.32 10.32 17.33
C PHE C 29 -6.00 9.57 17.57
N GLY C 30 -5.75 9.18 18.83
CA GLY C 30 -4.50 8.54 19.18
C GLY C 30 -4.23 7.25 18.44
N SER C 31 -5.27 6.61 17.91
CA SER C 31 -5.07 5.41 17.11
C SER C 31 -4.30 5.74 15.85
N SER C 32 -3.36 4.87 15.49
CA SER C 32 -2.50 5.11 14.34
C SER C 32 -3.21 4.69 13.05
N TYR C 33 -2.61 5.07 11.92
CA TYR C 33 -3.13 4.82 10.58
C TYR C 33 -4.45 5.55 10.32
N PHE C 34 -4.63 6.72 10.92
CA PHE C 34 -5.83 7.54 10.72
C PHE C 34 -5.46 8.83 10.01
N TYR C 35 -6.26 9.20 9.01
CA TYR C 35 -6.05 10.41 8.22
C TYR C 35 -7.25 11.34 8.41
N TRP C 36 -6.97 12.58 8.79
CA TRP C 36 -8.00 13.57 9.08
C TRP C 36 -7.92 14.66 8.02
N SER C 37 -8.97 14.81 7.24
CA SER C 37 -8.95 15.66 6.06
C SER C 37 -9.92 16.82 6.21
N TRP C 38 -9.57 17.93 5.56
CA TRP C 38 -10.46 19.08 5.40
C TRP C 38 -10.97 19.09 3.96
N ILE C 39 -12.28 19.25 3.81
CA ILE C 39 -12.93 19.22 2.50
C ILE C 39 -13.94 20.36 2.43
N ARG C 40 -13.97 21.04 1.29
CA ARG C 40 -14.96 22.08 1.03
C ARG C 40 -15.82 21.68 -0.15
N GLN C 41 -17.02 22.26 -0.21
CA GLN C 41 -17.96 21.98 -1.27
C GLN C 41 -18.57 23.30 -1.75
N ALA C 42 -18.37 23.62 -3.03
CA ALA C 42 -19.01 24.79 -3.61
C ALA C 42 -20.43 24.45 -4.06
N PRO C 43 -21.39 25.35 -3.84
CA PRO C 43 -22.79 25.02 -4.09
C PRO C 43 -23.06 24.75 -5.57
N GLY C 44 -23.84 23.70 -5.82
CA GLY C 44 -24.16 23.31 -7.18
C GLY C 44 -23.09 22.44 -7.81
N LYS C 45 -21.83 22.71 -7.47
CA LYS C 45 -20.71 21.96 -8.00
C LYS C 45 -20.38 20.79 -7.07
N GLY C 46 -19.31 20.07 -7.40
CA GLY C 46 -18.88 18.93 -6.62
C GLY C 46 -18.10 19.34 -5.38
N LEU C 47 -17.59 18.33 -4.70
CA LEU C 47 -16.81 18.52 -3.48
C LEU C 47 -15.33 18.42 -3.80
N GLU C 48 -14.52 19.23 -3.12
CA GLU C 48 -13.09 19.32 -3.39
C GLU C 48 -12.32 18.98 -2.13
N TRP C 49 -11.50 17.94 -2.19
CA TRP C 49 -10.61 17.61 -1.08
C TRP C 49 -9.52 18.68 -0.96
N ILE C 50 -9.47 19.34 0.19
CA ILE C 50 -8.49 20.41 0.41
C ILE C 50 -7.16 19.81 0.83
N GLY C 51 -7.10 19.24 2.03
CA GLY C 51 -5.86 18.65 2.51
C GLY C 51 -6.14 17.57 3.54
N TYR C 52 -5.10 16.84 3.90
CA TYR C 52 -5.20 15.79 4.90
C TYR C 52 -3.95 15.81 5.77
N ILE C 53 -4.13 15.51 7.05
CA ILE C 53 -3.03 15.38 8.00
C ILE C 53 -2.99 13.93 8.48
N ALA C 54 -1.81 13.34 8.46
CA ALA C 54 -1.65 11.92 8.73
C ALA C 54 -1.51 11.66 10.23
N TYR C 55 -1.41 10.38 10.58
CA TYR C 55 -1.21 9.99 11.98
C TYR C 55 0.17 10.39 12.47
N SER C 56 1.16 10.45 11.58
CA SER C 56 2.50 10.92 11.92
C SER C 56 2.58 12.44 11.81
N GLY C 57 2.24 12.97 10.63
CA GLY C 57 2.20 14.41 10.43
C GLY C 57 1.63 14.76 9.06
N GLY C 58 1.06 15.96 8.96
CA GLY C 58 0.46 16.43 7.73
C GLY C 58 1.38 16.34 6.52
N VAL C 59 1.04 15.46 5.58
CA VAL C 59 1.91 15.18 4.44
C VAL C 59 1.61 16.14 3.30
N ARG C 60 0.37 16.14 2.82
CA ARG C 60 0.05 16.81 1.56
C ARG C 60 -1.27 17.57 1.68
N TYR C 61 -1.40 18.58 0.81
CA TYR C 61 -2.63 19.33 0.59
C TYR C 61 -3.01 19.20 -0.88
N ASN C 62 -3.94 20.06 -1.33
CA ASN C 62 -4.29 20.06 -2.74
C ASN C 62 -3.33 20.95 -3.52
N PRO C 63 -2.86 20.50 -4.70
CA PRO C 63 -1.84 21.27 -5.42
C PRO C 63 -2.29 22.67 -5.85
N SER C 64 -3.59 22.87 -6.09
CA SER C 64 -4.05 24.19 -6.51
C SER C 64 -3.86 25.21 -5.40
N LEU C 65 -4.18 24.84 -4.17
CA LEU C 65 -4.13 25.73 -3.02
C LEU C 65 -3.03 25.30 -2.04
N SER C 66 -1.91 24.81 -2.58
CA SER C 66 -0.91 24.15 -1.75
C SER C 66 -0.17 25.14 -0.85
N SER C 67 0.17 26.31 -1.38
CA SER C 67 0.95 27.28 -0.61
C SER C 67 0.10 28.09 0.36
N ARG C 68 -1.21 28.15 0.15
CA ARG C 68 -2.10 28.95 0.97
C ARG C 68 -2.90 28.13 1.98
N VAL C 69 -2.62 26.83 2.09
CA VAL C 69 -3.31 25.94 3.02
C VAL C 69 -2.29 25.36 3.99
N THR C 70 -2.62 25.39 5.28
CA THR C 70 -1.80 24.78 6.31
C THR C 70 -2.72 24.11 7.32
N ILE C 71 -2.58 22.79 7.46
CA ILE C 71 -3.36 22.02 8.42
C ILE C 71 -2.47 21.68 9.60
N SER C 72 -2.88 22.09 10.80
CA SER C 72 -2.16 21.80 12.03
C SER C 72 -2.91 20.75 12.84
N ARG C 73 -2.20 20.16 13.80
CA ARG C 73 -2.75 19.10 14.64
C ARG C 73 -2.24 19.29 16.05
N ASN C 74 -3.13 19.69 16.96
CA ASN C 74 -2.81 19.78 18.39
C ASN C 74 -3.16 18.45 19.03
N ILE C 75 -2.16 17.59 19.13
CA ILE C 75 -2.25 16.25 19.71
C ILE C 75 -3.08 16.29 20.99
N HIS C 76 -2.51 16.88 22.04
CA HIS C 76 -3.11 16.77 23.38
C HIS C 76 -4.43 17.52 23.46
N GLU C 77 -4.56 18.65 22.75
CA GLU C 77 -5.80 19.41 22.74
C GLU C 77 -6.96 18.65 22.08
N ARG C 78 -6.71 17.46 21.52
CA ARG C 78 -7.73 16.58 20.96
C ARG C 78 -8.35 17.12 19.67
N GLN C 79 -7.71 18.09 19.03
CA GLN C 79 -8.30 18.78 17.88
C GLN C 79 -7.29 18.84 16.75
N PHE C 80 -7.77 19.29 15.59
CA PHE C 80 -6.91 19.61 14.46
C PHE C 80 -7.56 20.74 13.68
N TYR C 81 -6.71 21.62 13.12
CA TYR C 81 -7.16 22.89 12.60
C TYR C 81 -6.74 23.06 11.14
N LEU C 82 -7.42 23.97 10.46
CA LEU C 82 -7.12 24.33 9.08
C LEU C 82 -6.93 25.84 8.99
N ARG C 83 -5.95 26.26 8.20
CA ARG C 83 -5.69 27.68 7.96
C ARG C 83 -5.64 27.91 6.46
N LEU C 84 -6.27 28.99 6.01
CA LEU C 84 -6.31 29.34 4.59
C LEU C 84 -6.10 30.84 4.46
N THR C 85 -4.96 31.24 3.90
CA THR C 85 -4.59 32.65 3.79
C THR C 85 -5.06 33.23 2.46
N SER C 86 -5.12 34.56 2.42
CA SER C 86 -5.58 35.31 1.25
C SER C 86 -6.96 34.83 0.80
N MET C 87 -7.93 35.02 1.70
CA MET C 87 -9.30 34.58 1.43
C MET C 87 -9.91 35.41 0.31
N THR C 88 -10.45 34.73 -0.70
CA THR C 88 -11.12 35.36 -1.83
C THR C 88 -12.59 34.96 -1.83
N ALA C 89 -13.36 35.62 -2.69
CA ALA C 89 -14.78 35.31 -2.80
C ALA C 89 -15.02 33.97 -3.46
N ALA C 90 -14.03 33.41 -4.17
CA ALA C 90 -14.18 32.09 -4.75
C ALA C 90 -14.10 30.99 -3.72
N ASP C 91 -13.45 31.25 -2.58
CA ASP C 91 -13.34 30.27 -1.51
C ASP C 91 -14.59 30.20 -0.64
N THR C 92 -15.60 31.03 -0.91
CA THR C 92 -16.87 30.98 -0.19
C THR C 92 -17.54 29.63 -0.44
N ALA C 93 -17.57 28.76 0.56
CA ALA C 93 -18.11 27.43 0.39
C ALA C 93 -18.45 26.86 1.77
N VAL C 94 -18.92 25.62 1.77
CA VAL C 94 -19.23 24.88 3.00
C VAL C 94 -18.07 23.95 3.31
N TYR C 95 -17.53 24.07 4.52
CA TYR C 95 -16.36 23.32 4.92
C TYR C 95 -16.73 22.21 5.89
N TYR C 96 -16.10 21.04 5.71
CA TYR C 96 -16.28 19.89 6.58
C TYR C 96 -14.93 19.38 7.04
N CYS C 97 -14.93 18.65 8.16
CA CYS C 97 -13.79 17.86 8.59
C CYS C 97 -14.21 16.39 8.64
N ALA C 98 -13.45 15.54 7.97
CA ALA C 98 -13.80 14.14 7.80
C ALA C 98 -12.62 13.25 8.14
N ARG C 99 -12.92 12.04 8.60
CA ARG C 99 -11.93 11.07 9.04
C ARG C 99 -12.02 9.82 8.20
N HIS C 100 -10.87 9.17 8.00
CA HIS C 100 -10.81 7.90 7.30
C HIS C 100 -9.51 7.20 7.67
N CYS C 101 -9.56 5.88 7.75
CA CYS C 101 -8.45 5.06 8.18
C CYS C 101 -8.03 4.11 7.05
N GLU C 102 -6.77 4.21 6.64
CA GLU C 102 -6.18 3.29 5.68
C GLU C 102 -5.09 2.49 6.39
N ASP C 103 -5.14 1.17 6.25
CA ASP C 103 -4.16 0.29 6.89
C ASP C 103 -3.40 -0.49 5.82
N ASP C 104 -2.10 -0.21 5.72
CA ASP C 104 -1.23 -1.02 4.87
C ASP C 104 -1.20 -2.47 5.33
N TYR C 105 -1.32 -2.70 6.65
CA TYR C 105 -1.28 -4.04 7.21
C TYR C 105 -2.62 -4.76 7.19
N GLY C 106 -3.73 -4.05 7.36
CA GLY C 106 -5.00 -4.75 7.57
C GLY C 106 -4.95 -5.64 8.79
N TYR C 107 -4.39 -5.13 9.88
CA TYR C 107 -3.99 -5.92 11.03
C TYR C 107 -4.49 -5.21 12.29
N TYR C 108 -5.75 -5.44 12.64
CA TYR C 108 -6.37 -4.78 13.79
C TYR C 108 -7.37 -5.72 14.45
N SER C 109 -7.97 -5.22 15.54
CA SER C 109 -8.98 -5.99 16.26
C SER C 109 -10.27 -6.07 15.45
N ALA C 110 -10.64 -4.98 14.78
CA ALA C 110 -11.86 -4.92 13.99
C ALA C 110 -11.52 -4.41 12.60
N ALA C 111 -12.55 -4.26 11.77
CA ALA C 111 -12.39 -3.70 10.44
C ALA C 111 -12.58 -2.18 10.49
N GLN C 112 -11.73 -1.46 9.78
CA GLN C 112 -11.76 -0.01 9.73
C GLN C 112 -12.52 0.46 8.49
N SER C 113 -12.71 1.77 8.38
CA SER C 113 -13.43 2.38 7.27
C SER C 113 -12.44 3.14 6.40
N TYR C 114 -12.19 2.63 5.19
CA TYR C 114 -11.33 3.34 4.23
C TYR C 114 -11.95 4.67 3.84
N GLY C 115 -13.28 4.71 3.72
CA GLY C 115 -13.97 5.92 3.36
C GLY C 115 -14.21 6.84 4.54
N LEU C 116 -14.78 8.00 4.24
CA LEU C 116 -15.04 9.03 5.24
C LEU C 116 -16.37 8.72 5.92
N ASP C 117 -16.30 7.98 7.03
CA ASP C 117 -17.49 7.63 7.80
C ASP C 117 -17.85 8.66 8.87
N SER C 118 -16.89 9.50 9.28
CA SER C 118 -17.11 10.51 10.28
C SER C 118 -17.04 11.89 9.64
N TRP C 119 -18.10 12.67 9.83
CA TRP C 119 -18.21 14.01 9.24
C TRP C 119 -18.66 15.00 10.29
N GLY C 120 -18.24 16.25 10.10
CA GLY C 120 -18.72 17.34 10.93
C GLY C 120 -20.10 17.78 10.54
N GLN C 121 -20.56 18.87 11.16
CA GLN C 121 -21.85 19.45 10.82
C GLN C 121 -21.75 20.46 9.68
N GLY C 122 -20.57 21.00 9.42
CA GLY C 122 -20.39 21.91 8.31
C GLY C 122 -20.49 23.37 8.68
N ILE C 123 -19.48 24.16 8.30
CA ILE C 123 -19.45 25.60 8.52
C ILE C 123 -19.56 26.29 7.18
N ALA C 124 -20.49 27.24 7.08
CA ALA C 124 -20.69 28.05 5.87
C ALA C 124 -19.89 29.34 6.01
N VAL C 125 -18.77 29.42 5.31
CA VAL C 125 -17.87 30.57 5.34
C VAL C 125 -18.15 31.46 4.14
N THR C 126 -18.44 32.73 4.40
CA THR C 126 -18.70 33.72 3.36
C THR C 126 -17.65 34.81 3.41
N VAL C 127 -17.31 35.36 2.25
CA VAL C 127 -16.26 36.36 2.13
C VAL C 127 -16.79 37.56 1.37
N SER C 128 -16.75 38.73 2.00
CA SER C 128 -17.10 40.03 1.43
C SER C 128 -16.73 41.11 2.43
N PRO C 129 -16.28 42.28 1.97
CA PRO C 129 -15.78 43.29 2.93
C PRO C 129 -16.85 43.81 3.89
N SER C 130 -18.06 44.08 3.41
CA SER C 130 -19.09 44.65 4.27
C SER C 130 -20.46 44.20 3.77
N THR C 131 -21.50 44.66 4.47
CA THR C 131 -22.88 44.33 4.16
C THR C 131 -23.52 45.46 3.36
N LYS C 132 -24.25 45.09 2.32
CA LYS C 132 -24.90 46.05 1.43
C LYS C 132 -26.41 46.04 1.66
N GLY C 133 -27.08 47.00 1.02
CA GLY C 133 -28.53 47.03 1.00
C GLY C 133 -29.06 46.34 -0.24
N PRO C 134 -30.18 45.64 -0.09
CA PRO C 134 -30.76 44.92 -1.24
C PRO C 134 -31.42 45.87 -2.22
N SER C 135 -31.03 45.76 -3.49
CA SER C 135 -31.63 46.55 -4.56
C SER C 135 -32.70 45.69 -5.24
N VAL C 136 -33.95 46.14 -5.15
CA VAL C 136 -35.08 45.41 -5.71
C VAL C 136 -35.50 46.07 -7.01
N PHE C 137 -35.63 45.26 -8.07
CA PHE C 137 -36.02 45.77 -9.38
C PHE C 137 -37.16 44.90 -9.90
N PRO C 138 -38.24 45.51 -10.42
CA PRO C 138 -39.36 44.72 -10.91
C PRO C 138 -39.09 44.14 -12.29
N LEU C 139 -39.95 43.20 -12.68
CA LEU C 139 -39.88 42.52 -13.97
C LEU C 139 -41.28 42.43 -14.55
N ALA C 140 -41.53 43.15 -15.65
CA ALA C 140 -42.86 43.32 -16.23
C ALA C 140 -43.16 42.23 -17.25
N PRO C 141 -44.41 41.76 -17.31
CA PRO C 141 -44.84 40.74 -18.30
C PRO C 141 -44.93 41.29 -19.72
N THR C 142 -49.19 40.90 -21.38
CA THR C 142 -49.09 41.17 -22.81
C THR C 142 -49.12 39.88 -23.62
N SER C 143 -49.74 38.84 -23.08
CA SER C 143 -49.84 37.55 -23.74
C SER C 143 -51.20 36.95 -23.46
N GLY C 144 -51.58 35.97 -24.29
CA GLY C 144 -52.89 35.35 -24.16
C GLY C 144 -52.97 34.40 -22.98
N GLY C 145 -51.98 33.51 -22.85
CA GLY C 145 -51.94 32.57 -21.75
C GLY C 145 -51.56 33.24 -20.45
N THR C 146 -51.52 32.44 -19.40
CA THR C 146 -51.21 32.94 -18.07
C THR C 146 -49.80 33.52 -18.03
N ALA C 147 -49.70 34.82 -17.75
CA ALA C 147 -48.42 35.52 -17.77
C ALA C 147 -47.68 35.28 -16.45
N ALA C 148 -46.56 35.97 -16.26
CA ALA C 148 -45.75 35.81 -15.06
C ALA C 148 -45.04 37.13 -14.77
N LEU C 149 -44.74 37.35 -13.48
CA LEU C 149 -44.06 38.55 -13.05
C LEU C 149 -43.32 38.25 -11.75
N GLY C 150 -42.24 38.99 -11.51
CA GLY C 150 -41.45 38.72 -10.32
C GLY C 150 -40.55 39.89 -9.97
N CYS C 151 -39.75 39.69 -8.93
CA CYS C 151 -38.82 40.70 -8.43
C CYS C 151 -37.40 40.16 -8.45
N LEU C 152 -36.44 41.07 -8.54
CA LEU C 152 -35.02 40.73 -8.59
C LEU C 152 -34.31 41.47 -7.46
N VAL C 153 -33.74 40.71 -6.53
CA VAL C 153 -33.00 41.27 -5.41
C VAL C 153 -31.51 41.14 -5.73
N LYS C 154 -30.86 42.26 -5.99
CA LYS C 154 -29.49 42.27 -6.47
C LYS C 154 -28.60 43.09 -5.52
N ASP C 155 -27.32 42.71 -5.47
CA ASP C 155 -26.29 43.47 -4.76
C ASP C 155 -26.56 43.56 -3.26
N TYR C 156 -27.11 42.50 -2.69
CA TYR C 156 -27.35 42.43 -1.26
C TYR C 156 -26.34 41.49 -0.60
N PHE C 157 -26.07 41.75 0.68
CA PHE C 157 -25.14 40.93 1.45
C PHE C 157 -25.33 41.23 2.93
N PRO C 158 -25.37 40.21 3.80
CA PRO C 158 -25.34 38.81 3.43
C PRO C 158 -26.74 38.20 3.34
N GLU C 159 -26.83 36.87 3.43
CA GLU C 159 -28.10 36.19 3.46
C GLU C 159 -28.64 36.16 4.90
N PRO C 160 -29.96 36.00 5.07
CA PRO C 160 -30.98 35.81 4.03
C PRO C 160 -31.84 37.05 3.79
N VAL C 161 -32.81 36.89 2.88
CA VAL C 161 -33.82 37.90 2.61
C VAL C 161 -35.17 37.21 2.55
N THR C 162 -36.19 37.86 3.12
CA THR C 162 -37.54 37.33 3.12
C THR C 162 -38.34 38.05 2.04
N VAL C 163 -38.75 37.30 1.01
CA VAL C 163 -39.48 37.84 -0.13
C VAL C 163 -40.88 37.26 -0.10
N SER C 164 -41.87 38.10 0.18
CA SER C 164 -43.26 37.71 0.21
C SER C 164 -44.04 38.47 -0.86
N TRP C 165 -45.17 37.92 -1.26
CA TRP C 165 -46.02 38.52 -2.28
C TRP C 165 -47.35 38.93 -1.65
N ASN C 166 -47.72 40.21 -1.85
CA ASN C 166 -48.94 40.78 -1.29
C ASN C 166 -48.96 40.66 0.24
N SER C 167 -47.78 40.82 0.85
CA SER C 167 -47.61 40.75 2.30
C SER C 167 -48.12 39.42 2.85
N GLY C 168 -47.89 38.33 2.11
CA GLY C 168 -48.27 37.00 2.52
C GLY C 168 -49.56 36.48 1.93
N ALA C 169 -50.26 37.27 1.11
CA ALA C 169 -51.53 36.83 0.56
C ALA C 169 -51.32 35.85 -0.60
N LEU C 170 -50.49 36.22 -1.56
CA LEU C 170 -50.23 35.37 -2.73
C LEU C 170 -49.28 34.24 -2.35
N THR C 171 -49.71 33.00 -2.55
CA THR C 171 -48.93 31.84 -2.12
C THR C 171 -48.73 30.84 -3.27
N SER C 172 -49.83 30.26 -3.75
CA SER C 172 -49.74 29.21 -4.77
C SER C 172 -49.19 29.78 -6.07
N GLY C 173 -48.26 29.04 -6.68
CA GLY C 173 -47.62 29.45 -7.91
C GLY C 173 -46.30 30.18 -7.73
N VAL C 174 -46.00 30.64 -6.52
CA VAL C 174 -44.75 31.38 -6.27
C VAL C 174 -43.59 30.41 -6.22
N HIS C 175 -42.47 30.79 -6.85
CA HIS C 175 -41.22 30.05 -6.81
C HIS C 175 -40.10 31.01 -6.45
N THR C 176 -39.39 30.73 -5.36
CA THR C 176 -38.27 31.55 -4.92
C THR C 176 -36.98 30.81 -5.20
N PHE C 177 -36.08 31.44 -5.97
CA PHE C 177 -34.86 30.81 -6.44
C PHE C 177 -33.72 31.00 -5.44
N PRO C 178 -32.82 30.03 -5.35
CA PRO C 178 -31.62 30.22 -4.54
C PRO C 178 -30.78 31.37 -5.05
N ALA C 179 -30.03 31.99 -4.15
CA ALA C 179 -29.21 33.13 -4.50
C ALA C 179 -28.07 32.70 -5.42
N VAL C 180 -27.51 33.68 -6.13
CA VAL C 180 -26.40 33.46 -7.05
C VAL C 180 -25.30 34.46 -6.69
N LEU C 181 -24.21 33.95 -6.15
CA LEU C 181 -23.10 34.82 -5.75
C LEU C 181 -22.35 35.30 -6.98
N GLN C 182 -22.38 36.61 -7.21
CA GLN C 182 -21.70 37.20 -8.36
C GLN C 182 -20.20 37.31 -8.09
N SER C 183 -19.45 37.62 -9.15
CA SER C 183 -18.01 37.77 -9.04
C SER C 183 -17.62 38.94 -8.13
N SER C 184 -18.49 39.93 -7.98
CA SER C 184 -18.21 41.08 -7.13
C SER C 184 -18.33 40.77 -5.64
N GLY C 185 -18.63 39.52 -5.27
CA GLY C 185 -18.79 39.15 -3.89
C GLY C 185 -20.15 39.43 -3.29
N LEU C 186 -21.09 39.96 -4.07
CA LEU C 186 -22.44 40.24 -3.61
C LEU C 186 -23.42 39.22 -4.18
N TYR C 187 -24.53 39.05 -3.48
CA TYR C 187 -25.53 38.05 -3.83
C TYR C 187 -26.58 38.63 -4.77
N SER C 188 -27.30 37.73 -5.43
CA SER C 188 -28.34 38.12 -6.39
C SER C 188 -29.26 36.94 -6.61
N LEU C 189 -30.55 37.11 -6.36
CA LEU C 189 -31.54 36.08 -6.62
C LEU C 189 -32.78 36.71 -7.26
N SER C 190 -33.71 35.85 -7.65
CA SER C 190 -34.96 36.28 -8.24
C SER C 190 -36.10 35.47 -7.65
N SER C 191 -37.28 36.09 -7.56
CA SER C 191 -38.47 35.45 -7.03
C SER C 191 -39.64 35.82 -7.94
N VAL C 192 -40.34 34.80 -8.45
CA VAL C 192 -41.37 35.00 -9.47
C VAL C 192 -42.66 34.31 -9.02
N VAL C 193 -43.74 34.62 -9.75
CA VAL C 193 -45.05 34.02 -9.53
C VAL C 193 -45.84 34.10 -10.83
N THR C 194 -46.61 33.06 -11.12
CA THR C 194 -47.45 32.99 -12.30
C THR C 194 -48.86 33.43 -11.95
N VAL C 195 -49.38 34.37 -12.73
CA VAL C 195 -50.73 34.91 -12.52
C VAL C 195 -51.48 34.85 -13.84
N PRO C 196 -52.80 34.75 -13.84
CA PRO C 196 -53.55 34.65 -15.10
C PRO C 196 -53.46 35.93 -15.92
N SER C 197 -53.63 35.78 -17.23
CA SER C 197 -53.59 36.93 -18.15
C SER C 197 -54.74 37.90 -17.93
N SER C 198 -55.89 37.42 -17.40
CA SER C 198 -57.03 38.30 -17.17
C SER C 198 -56.82 39.23 -15.98
N SER C 199 -56.01 38.83 -15.00
CA SER C 199 -55.78 39.63 -13.81
C SER C 199 -54.69 40.69 -13.98
N LEU C 200 -54.07 40.76 -15.16
CA LEU C 200 -53.07 41.79 -15.41
C LEU C 200 -53.72 43.16 -15.41
N GLY C 201 -53.13 44.10 -14.68
CA GLY C 201 -53.71 45.41 -14.49
C GLY C 201 -54.95 45.45 -13.63
N THR C 202 -55.43 44.31 -13.16
CA THR C 202 -56.60 44.21 -12.31
C THR C 202 -56.25 43.98 -10.84
N GLN C 203 -55.29 43.11 -10.57
CA GLN C 203 -54.83 42.82 -9.22
C GLN C 203 -53.49 43.49 -8.97
N THR C 204 -53.34 44.11 -7.81
CA THR C 204 -52.08 44.73 -7.43
C THR C 204 -51.10 43.67 -6.92
N TYR C 205 -49.84 43.78 -7.34
CA TYR C 205 -48.80 42.82 -7.00
C TYR C 205 -47.60 43.56 -6.41
N ILE C 206 -47.33 43.32 -5.13
CA ILE C 206 -46.22 43.95 -4.42
C ILE C 206 -45.37 42.86 -3.78
N CYS C 207 -44.07 42.92 -4.00
CA CYS C 207 -43.12 42.01 -3.36
C CYS C 207 -42.44 42.72 -2.21
N ASN C 208 -42.43 42.09 -1.04
CA ASN C 208 -41.85 42.66 0.17
C ASN C 208 -40.52 41.95 0.43
N VAL C 209 -39.42 42.70 0.34
CA VAL C 209 -38.08 42.16 0.54
C VAL C 209 -37.55 42.75 1.83
N ASN C 210 -37.58 41.97 2.91
CA ASN C 210 -37.07 42.38 4.21
C ASN C 210 -35.68 41.79 4.38
N HIS C 211 -34.66 42.64 4.36
CA HIS C 211 -33.29 42.23 4.60
C HIS C 211 -32.99 42.39 6.08
N LYS C 212 -32.72 41.27 6.76
CA LYS C 212 -32.56 41.31 8.22
C LYS C 212 -31.27 42.02 8.64
N PRO C 213 -30.10 41.75 8.06
CA PRO C 213 -28.89 42.45 8.53
C PRO C 213 -28.95 43.95 8.34
N SER C 214 -29.35 44.43 7.16
CA SER C 214 -29.45 45.87 6.93
C SER C 214 -30.74 46.46 7.49
N ASN C 215 -31.66 45.62 7.99
CA ASN C 215 -32.96 46.07 8.50
C ASN C 215 -33.68 46.96 7.49
N THR C 216 -33.70 46.50 6.25
CA THR C 216 -34.24 47.26 5.12
C THR C 216 -35.40 46.48 4.52
N LYS C 217 -36.63 46.94 4.79
CA LYS C 217 -37.83 46.38 4.19
C LYS C 217 -38.19 47.24 2.98
N VAL C 218 -37.98 46.70 1.79
CA VAL C 218 -38.26 47.39 0.54
C VAL C 218 -39.48 46.72 -0.11
N ASP C 219 -40.49 47.53 -0.43
CA ASP C 219 -41.70 47.05 -1.09
C ASP C 219 -41.78 47.70 -2.46
N LYS C 220 -41.83 46.87 -3.50
CA LYS C 220 -41.86 47.32 -4.89
C LYS C 220 -43.08 46.74 -5.60
N ARG C 221 -43.61 47.51 -6.54
CA ARG C 221 -44.78 47.11 -7.31
C ARG C 221 -44.36 46.66 -8.70
N VAL C 222 -45.09 45.68 -9.24
CA VAL C 222 -44.84 45.14 -10.57
C VAL C 222 -46.10 45.36 -11.41
N GLU C 223 -45.93 46.05 -12.55
CA GLU C 223 -47.04 46.37 -13.43
C GLU C 223 -46.55 46.34 -14.86
N PRO C 224 -47.42 46.03 -15.83
CA PRO C 224 -47.01 46.04 -17.24
C PRO C 224 -46.58 47.44 -17.68
N LYS C 225 -45.32 47.56 -18.07
CA LYS C 225 -44.77 48.84 -18.50
C LYS C 225 -45.11 49.12 -19.96
N ASP D 1 -3.49 15.49 -13.06
CA ASP D 1 -3.97 14.58 -12.03
C ASP D 1 -5.19 13.79 -12.52
N ILE D 2 -5.81 13.04 -11.63
CA ILE D 2 -6.94 12.17 -11.97
C ILE D 2 -8.23 12.97 -11.96
N GLN D 3 -9.08 12.75 -12.96
CA GLN D 3 -10.39 13.36 -13.06
C GLN D 3 -11.44 12.26 -13.14
N MET D 4 -12.66 12.59 -12.69
CA MET D 4 -13.74 11.61 -12.61
C MET D 4 -14.96 12.14 -13.35
N THR D 5 -15.80 11.20 -13.79
CA THR D 5 -16.98 11.53 -14.58
C THR D 5 -18.11 10.56 -14.20
N GLN D 6 -19.32 11.09 -14.08
CA GLN D 6 -20.49 10.30 -13.73
C GLN D 6 -21.50 10.32 -14.86
N SER D 7 -22.18 9.18 -15.04
CA SER D 7 -23.20 9.02 -16.08
C SER D 7 -24.43 8.38 -15.46
N PRO D 8 -25.62 8.99 -15.57
CA PRO D 8 -25.85 10.26 -16.25
C PRO D 8 -25.73 11.45 -15.30
N SER D 9 -25.61 12.66 -15.86
CA SER D 9 -25.53 13.86 -15.04
C SER D 9 -26.79 14.02 -14.18
N SER D 10 -27.95 13.95 -14.81
CA SER D 10 -29.24 14.00 -14.12
C SER D 10 -30.02 12.73 -14.44
N LEU D 11 -30.56 12.10 -13.40
CA LEU D 11 -31.33 10.87 -13.56
C LEU D 11 -32.62 10.99 -12.78
N SER D 12 -33.70 10.46 -13.34
CA SER D 12 -35.02 10.46 -12.71
C SER D 12 -35.60 9.05 -12.82
N ALA D 13 -35.64 8.34 -11.71
CA ALA D 13 -36.09 6.95 -11.68
C ALA D 13 -37.29 6.81 -10.76
N SER D 14 -37.93 5.64 -10.83
CA SER D 14 -39.10 5.33 -10.04
C SER D 14 -38.73 4.41 -8.87
N VAL D 15 -39.65 4.32 -7.91
CA VAL D 15 -39.41 3.50 -6.72
C VAL D 15 -39.47 2.03 -7.10
N GLY D 16 -38.44 1.28 -6.70
CA GLY D 16 -38.38 -0.14 -6.97
C GLY D 16 -37.61 -0.53 -8.21
N ASP D 17 -37.08 0.43 -8.97
CA ASP D 17 -36.36 0.14 -10.19
C ASP D 17 -34.90 -0.16 -9.90
N ARG D 18 -34.33 -1.08 -10.69
CA ARG D 18 -32.90 -1.35 -10.64
C ARG D 18 -32.18 -0.23 -11.39
N VAL D 19 -31.50 0.63 -10.66
CA VAL D 19 -30.83 1.81 -11.22
C VAL D 19 -29.33 1.62 -11.11
N THR D 20 -28.61 2.08 -12.12
CA THR D 20 -27.15 1.99 -12.16
C THR D 20 -26.56 3.37 -12.45
N ILE D 21 -25.40 3.63 -11.86
CA ILE D 21 -24.66 4.87 -12.06
C ILE D 21 -23.23 4.52 -12.42
N THR D 22 -22.73 5.10 -13.51
CA THR D 22 -21.39 4.83 -14.02
C THR D 22 -20.44 5.93 -13.57
N CYS D 23 -19.30 5.53 -13.00
CA CYS D 23 -18.24 6.45 -12.60
C CYS D 23 -16.97 6.03 -13.33
N ARG D 24 -16.49 6.90 -14.22
CA ARG D 24 -15.31 6.63 -15.03
C ARG D 24 -14.13 7.45 -14.52
N THR D 25 -13.00 6.79 -14.32
CA THR D 25 -11.78 7.45 -13.87
C THR D 25 -10.80 7.57 -15.04
N SER D 26 -9.93 8.58 -14.96
CA SER D 26 -8.97 8.81 -16.04
C SER D 26 -7.85 7.79 -16.04
N GLU D 27 -7.42 7.36 -14.85
CA GLU D 27 -6.30 6.44 -14.72
C GLU D 27 -6.71 5.25 -13.85
N ASN D 28 -5.91 4.19 -13.92
CA ASN D 28 -6.18 2.99 -13.14
C ASN D 28 -6.02 3.28 -11.66
N VAL D 29 -7.06 3.00 -10.88
CA VAL D 29 -7.05 3.27 -9.45
C VAL D 29 -6.92 2.02 -8.61
N ASN D 30 -6.93 0.83 -9.21
CA ASN D 30 -6.73 -0.44 -8.49
C ASN D 30 -7.76 -0.64 -7.39
N ASN D 31 -9.03 -0.71 -7.81
CA ASN D 31 -10.16 -1.03 -6.96
C ASN D 31 -10.36 -0.04 -5.81
N CYS D 32 -9.68 1.11 -5.86
CA CYS D 32 -9.74 2.11 -4.80
C CYS D 32 -10.76 3.17 -5.18
N LEU D 33 -11.98 3.07 -4.63
CA LEU D 33 -13.03 4.01 -4.94
C LEU D 33 -14.10 3.93 -3.85
N ASN D 34 -14.75 5.06 -3.59
CA ASN D 34 -15.79 5.17 -2.58
C ASN D 34 -17.03 5.84 -3.19
N TRP D 35 -18.20 5.38 -2.78
CA TRP D 35 -19.48 5.95 -3.18
C TRP D 35 -20.14 6.62 -1.98
N TYR D 36 -20.74 7.79 -2.21
CA TYR D 36 -21.37 8.57 -1.15
C TYR D 36 -22.75 9.04 -1.57
N GLN D 37 -23.64 9.16 -0.60
CA GLN D 37 -24.98 9.72 -0.77
C GLN D 37 -25.07 11.03 -0.02
N GLN D 38 -25.71 12.02 -0.64
CA GLN D 38 -25.91 13.32 -0.01
C GLN D 38 -27.31 13.82 -0.30
N LYS D 39 -28.17 13.80 0.71
CA LYS D 39 -29.39 14.59 0.65
C LYS D 39 -29.00 16.07 0.72
N PRO D 40 -29.62 16.93 -0.08
CA PRO D 40 -29.20 18.34 -0.13
C PRO D 40 -29.29 19.00 1.24
N GLY D 41 -28.19 19.64 1.65
CA GLY D 41 -28.11 20.36 2.90
C GLY D 41 -27.34 19.64 4.00
N LYS D 42 -27.27 18.33 3.95
CA LYS D 42 -26.62 17.54 5.00
C LYS D 42 -25.24 17.08 4.54
N ALA D 43 -24.44 16.65 5.52
CA ALA D 43 -23.12 16.12 5.21
C ALA D 43 -23.26 14.83 4.41
N PRO D 44 -22.35 14.56 3.47
CA PRO D 44 -22.45 13.34 2.65
C PRO D 44 -22.26 12.09 3.52
N LYS D 45 -23.29 11.25 3.55
CA LYS D 45 -23.21 10.00 4.28
C LYS D 45 -22.48 8.94 3.44
N LEU D 46 -21.68 8.13 4.11
CA LEU D 46 -20.88 7.11 3.44
C LEU D 46 -21.75 5.91 3.05
N LEU D 47 -21.55 5.42 1.83
CA LEU D 47 -22.29 4.25 1.33
C LEU D 47 -21.38 3.03 1.23
N ILE D 48 -20.46 3.01 0.27
CA ILE D 48 -19.53 1.90 0.07
C ILE D 48 -18.12 2.49 0.08
N TYR D 49 -17.28 2.02 1.00
CA TYR D 49 -15.95 2.57 1.19
C TYR D 49 -14.85 1.73 0.55
N ARG D 50 -15.22 0.70 -0.21
CA ARG D 50 -14.27 0.00 -1.07
C ARG D 50 -14.89 -0.18 -2.44
N THR D 51 -14.46 -1.22 -3.17
CA THR D 51 -15.13 -1.53 -4.44
C THR D 51 -16.48 -2.17 -4.19
N SER D 52 -16.53 -3.17 -3.31
CA SER D 52 -17.75 -3.91 -3.03
C SER D 52 -18.14 -3.96 -1.56
N THR D 53 -17.31 -3.43 -0.65
CA THR D 53 -17.55 -3.58 0.77
C THR D 53 -18.60 -2.57 1.24
N LEU D 54 -19.69 -3.07 1.81
CA LEU D 54 -20.76 -2.22 2.31
C LEU D 54 -20.45 -1.79 3.75
N GLN D 55 -20.85 -0.55 4.06
CA GLN D 55 -20.73 -0.05 5.42
C GLN D 55 -21.99 -0.38 6.21
N ARG D 56 -21.89 -0.27 7.52
CA ARG D 56 -23.01 -0.64 8.38
C ARG D 56 -23.90 0.57 8.65
N GLY D 57 -25.13 0.28 9.07
CA GLY D 57 -26.21 1.24 8.99
C GLY D 57 -26.73 1.46 7.59
N VAL D 58 -26.25 0.69 6.62
CA VAL D 58 -26.66 0.80 5.23
C VAL D 58 -27.47 -0.44 4.87
N PRO D 59 -28.66 -0.30 4.29
CA PRO D 59 -29.45 -1.47 3.91
C PRO D 59 -28.74 -2.31 2.86
N SER D 60 -29.28 -3.51 2.64
CA SER D 60 -28.67 -4.49 1.76
C SER D 60 -28.99 -4.28 0.29
N ARG D 61 -29.76 -3.25 -0.06
CA ARG D 61 -30.19 -3.03 -1.44
C ARG D 61 -29.16 -2.29 -2.27
N PHE D 62 -27.97 -2.02 -1.73
CA PHE D 62 -26.93 -1.29 -2.44
C PHE D 62 -25.76 -2.22 -2.76
N SER D 63 -25.02 -1.86 -3.79
CA SER D 63 -23.87 -2.66 -4.21
C SER D 63 -23.00 -1.83 -5.15
N GLY D 64 -21.69 -2.10 -5.10
CA GLY D 64 -20.75 -1.47 -6.02
C GLY D 64 -19.81 -2.45 -6.68
N THR D 65 -19.53 -2.26 -7.96
CA THR D 65 -18.69 -3.18 -8.72
C THR D 65 -17.71 -2.39 -9.57
N GLY D 66 -16.86 -3.10 -10.30
CA GLY D 66 -15.95 -2.48 -11.24
C GLY D 66 -14.50 -2.79 -10.92
N SER D 67 -13.63 -2.31 -11.81
CA SER D 67 -12.19 -2.45 -11.68
C SER D 67 -11.54 -1.51 -12.68
N GLY D 68 -10.23 -1.32 -12.53
CA GLY D 68 -9.47 -0.49 -13.44
C GLY D 68 -9.93 0.94 -13.50
N THR D 69 -10.65 1.29 -14.57
CA THR D 69 -11.08 2.67 -14.79
C THR D 69 -12.60 2.82 -14.85
N ASP D 70 -13.36 1.74 -14.64
CA ASP D 70 -14.81 1.77 -14.73
C ASP D 70 -15.41 1.15 -13.47
N TYR D 71 -16.36 1.85 -12.87
CA TYR D 71 -17.00 1.39 -11.65
C TYR D 71 -18.49 1.73 -11.68
N THR D 72 -19.29 0.89 -11.05
CA THR D 72 -20.75 0.97 -11.15
C THR D 72 -21.38 0.80 -9.78
N LEU D 73 -22.18 1.78 -9.38
CA LEU D 73 -23.05 1.65 -8.22
C LEU D 73 -24.40 1.13 -8.69
N THR D 74 -25.01 0.25 -7.90
CA THR D 74 -26.24 -0.41 -8.30
C THR D 74 -27.19 -0.50 -7.12
N ILE D 75 -28.48 -0.28 -7.40
CA ILE D 75 -29.55 -0.42 -6.42
C ILE D 75 -30.58 -1.39 -7.00
N SER D 76 -30.73 -2.56 -6.36
CA SER D 76 -31.68 -3.55 -6.85
C SER D 76 -33.11 -3.05 -6.74
N SER D 77 -33.52 -2.65 -5.55
CA SER D 77 -34.85 -2.13 -5.29
C SER D 77 -34.72 -0.75 -4.67
N LEU D 78 -35.21 0.27 -5.37
CA LEU D 78 -35.15 1.63 -4.87
C LEU D 78 -36.15 1.82 -3.73
N GLN D 79 -36.01 2.94 -3.02
CA GLN D 79 -36.86 3.25 -1.88
C GLN D 79 -37.19 4.74 -1.91
N SER D 80 -37.80 5.22 -0.84
CA SER D 80 -38.17 6.62 -0.75
C SER D 80 -37.02 7.48 -0.25
N GLU D 81 -36.20 6.94 0.65
CA GLU D 81 -35.13 7.70 1.26
C GLU D 81 -33.85 7.57 0.43
N ASP D 82 -33.99 7.41 -0.89
CA ASP D 82 -32.86 7.21 -1.79
C ASP D 82 -32.67 8.37 -2.76
N PHE D 83 -33.41 9.47 -2.59
CA PHE D 83 -33.28 10.62 -3.47
C PHE D 83 -31.97 11.36 -3.15
N GLY D 84 -31.76 12.45 -3.86
CA GLY D 84 -30.63 13.33 -3.64
C GLY D 84 -29.58 13.24 -4.72
N THR D 85 -28.35 13.57 -4.33
CA THR D 85 -27.21 13.60 -5.24
C THR D 85 -26.16 12.60 -4.76
N TYR D 86 -25.64 11.79 -5.69
CA TYR D 86 -24.67 10.75 -5.39
C TYR D 86 -23.34 11.07 -6.04
N TYR D 87 -22.25 10.76 -5.33
CA TYR D 87 -20.91 11.09 -5.77
C TYR D 87 -20.00 9.89 -5.64
N CYS D 88 -18.92 9.89 -6.43
CA CYS D 88 -17.84 8.93 -6.31
C CYS D 88 -16.53 9.67 -6.04
N GLN D 89 -15.62 8.98 -5.34
CA GLN D 89 -14.35 9.58 -4.95
C GLN D 89 -13.29 8.49 -4.92
N HIS D 90 -12.12 8.80 -5.47
CA HIS D 90 -10.97 7.89 -5.42
C HIS D 90 -10.01 8.33 -4.32
N TYR D 91 -9.44 7.35 -3.63
CA TYR D 91 -8.45 7.60 -2.60
C TYR D 91 -7.06 7.09 -3.00
N TYR D 92 -6.82 6.93 -4.30
CA TYR D 92 -5.53 6.45 -4.81
C TYR D 92 -4.53 7.60 -4.76
N GLY D 93 -3.95 7.78 -3.58
CA GLY D 93 -2.93 8.80 -3.39
C GLY D 93 -3.49 10.22 -3.41
N THR D 94 -2.57 11.16 -3.28
CA THR D 94 -2.75 12.61 -3.25
C THR D 94 -2.57 13.20 -4.65
N PRO D 95 -3.46 14.10 -5.09
CA PRO D 95 -4.64 14.56 -4.33
C PRO D 95 -5.86 13.66 -4.52
N LEU D 96 -6.93 13.96 -3.79
CA LEU D 96 -8.18 13.22 -3.88
C LEU D 96 -9.17 13.98 -4.75
N THR D 97 -9.89 13.24 -5.60
CA THR D 97 -10.82 13.83 -6.55
C THR D 97 -12.23 13.33 -6.26
N PHE D 98 -13.21 14.10 -6.73
CA PHE D 98 -14.62 13.75 -6.61
C PHE D 98 -15.28 13.83 -7.98
N GLY D 99 -16.32 13.03 -8.17
CA GLY D 99 -17.08 13.06 -9.40
C GLY D 99 -17.97 14.28 -9.48
N GLY D 100 -18.55 14.49 -10.67
CA GLY D 100 -19.44 15.63 -10.86
C GLY D 100 -20.72 15.51 -10.05
N GLY D 101 -21.28 14.31 -9.98
CA GLY D 101 -22.51 14.10 -9.25
C GLY D 101 -23.65 13.64 -10.13
N THR D 102 -24.63 12.95 -9.52
CA THR D 102 -25.80 12.45 -10.24
C THR D 102 -27.05 12.85 -9.46
N MET D 103 -27.75 13.88 -9.94
CA MET D 103 -29.00 14.31 -9.35
C MET D 103 -30.07 13.26 -9.60
N VAL D 104 -30.50 12.59 -8.53
CA VAL D 104 -31.49 11.53 -8.62
C VAL D 104 -32.72 11.96 -7.85
N ASP D 105 -33.77 12.33 -8.58
CA ASP D 105 -35.09 12.60 -8.02
C ASP D 105 -36.05 11.49 -8.44
N ILE D 106 -37.32 11.65 -8.09
CA ILE D 106 -38.33 10.66 -8.38
C ILE D 106 -38.96 10.97 -9.72
N LYS D 107 -39.29 9.93 -10.48
CA LYS D 107 -39.79 10.08 -11.84
C LYS D 107 -41.15 10.79 -11.85
N ARG D 108 -41.45 11.45 -12.97
CA ARG D 108 -42.72 12.13 -13.16
C ARG D 108 -43.03 12.19 -14.65
N THR D 109 -44.26 12.57 -14.96
CA THR D 109 -44.64 12.79 -16.35
C THR D 109 -43.91 14.01 -16.90
N VAL D 110 -43.45 13.92 -18.14
CA VAL D 110 -42.64 14.98 -18.72
C VAL D 110 -43.52 16.19 -18.98
N ALA D 111 -43.16 17.32 -18.38
CA ALA D 111 -43.84 18.59 -18.59
C ALA D 111 -42.89 19.57 -19.23
N ALA D 112 -43.42 20.38 -20.15
CA ALA D 112 -42.61 21.38 -20.82
C ALA D 112 -42.52 22.67 -20.00
N PRO D 113 -41.38 23.35 -20.04
CA PRO D 113 -41.22 24.57 -19.25
C PRO D 113 -42.05 25.72 -19.81
N SER D 114 -42.60 26.52 -18.92
CA SER D 114 -43.30 27.76 -19.28
C SER D 114 -42.25 28.88 -19.27
N VAL D 115 -41.75 29.22 -20.45
CA VAL D 115 -40.61 30.12 -20.57
C VAL D 115 -41.11 31.56 -20.68
N PHE D 116 -40.54 32.46 -19.89
CA PHE D 116 -40.84 33.88 -19.94
C PHE D 116 -39.54 34.68 -19.95
N ILE D 117 -39.60 35.88 -20.49
CA ILE D 117 -38.45 36.78 -20.56
C ILE D 117 -38.80 38.08 -19.85
N PHE D 118 -37.81 38.69 -19.21
CA PHE D 118 -37.99 39.92 -18.46
C PHE D 118 -36.86 40.89 -18.75
N PRO D 119 -37.17 42.13 -19.12
CA PRO D 119 -36.12 43.11 -19.41
C PRO D 119 -35.69 43.83 -18.15
N PRO D 120 -34.51 44.45 -18.15
CA PRO D 120 -34.07 45.19 -16.97
C PRO D 120 -34.96 46.39 -16.71
N SER D 121 -35.31 46.58 -15.44
CA SER D 121 -36.11 47.73 -15.06
C SER D 121 -35.34 49.02 -15.29
N ASP D 122 -36.09 50.12 -15.42
CA ASP D 122 -35.47 51.40 -15.73
C ASP D 122 -34.58 51.88 -14.58
N GLU D 123 -34.98 51.60 -13.34
CA GLU D 123 -34.15 51.98 -12.20
C GLU D 123 -32.80 51.25 -12.24
N GLN D 124 -32.81 49.97 -12.58
CA GLN D 124 -31.56 49.22 -12.70
C GLN D 124 -30.70 49.78 -13.81
N LEU D 125 -31.33 50.23 -14.90
CA LEU D 125 -30.57 50.88 -15.97
C LEU D 125 -29.87 52.14 -15.49
N LYS D 126 -30.46 52.83 -14.51
CA LYS D 126 -29.78 53.96 -13.88
C LYS D 126 -28.61 53.52 -13.01
N SER D 127 -28.63 52.28 -12.51
CA SER D 127 -27.60 51.80 -11.59
C SER D 127 -26.29 51.44 -12.29
N GLY D 128 -26.21 51.61 -13.61
CA GLY D 128 -25.00 51.26 -14.33
C GLY D 128 -24.81 49.78 -14.56
N THR D 129 -25.85 48.98 -14.40
CA THR D 129 -25.78 47.54 -14.63
C THR D 129 -27.13 47.07 -15.16
N ALA D 130 -27.10 46.06 -16.03
CA ALA D 130 -28.30 45.56 -16.68
C ALA D 130 -28.33 44.04 -16.57
N SER D 131 -29.38 43.52 -15.95
CA SER D 131 -29.58 42.08 -15.80
C SER D 131 -30.90 41.69 -16.44
N VAL D 132 -30.84 40.84 -17.46
CA VAL D 132 -32.02 40.30 -18.14
C VAL D 132 -32.32 38.94 -17.54
N VAL D 133 -33.60 38.67 -17.30
CA VAL D 133 -34.04 37.46 -16.61
C VAL D 133 -34.77 36.56 -17.60
N CYS D 134 -34.43 35.26 -17.58
CA CYS D 134 -35.12 34.25 -18.36
C CYS D 134 -35.58 33.15 -17.42
N LEU D 135 -36.87 32.81 -17.49
CA LEU D 135 -37.51 31.94 -16.51
C LEU D 135 -37.98 30.65 -17.16
N LEU D 136 -37.72 29.52 -16.49
CA LEU D 136 -38.30 28.23 -16.82
C LEU D 136 -39.13 27.78 -15.63
N ASN D 137 -40.35 27.32 -15.91
CA ASN D 137 -41.29 26.99 -14.83
C ASN D 137 -42.02 25.71 -15.17
N ASN D 138 -42.09 24.80 -14.20
CA ASN D 138 -42.83 23.55 -14.32
C ASN D 138 -42.30 22.64 -15.43
N PHE D 139 -41.01 22.30 -15.34
CA PHE D 139 -40.38 21.39 -16.30
C PHE D 139 -39.78 20.20 -15.56
N TYR D 140 -39.61 19.10 -16.31
CA TYR D 140 -39.04 17.87 -15.76
C TYR D 140 -38.51 17.05 -16.91
N PRO D 141 -37.35 16.38 -16.78
CA PRO D 141 -36.53 16.30 -15.57
C PRO D 141 -35.66 17.52 -15.30
N ARG D 142 -34.76 17.39 -14.33
CA ARG D 142 -33.92 18.51 -13.92
C ARG D 142 -33.01 18.97 -15.06
N GLU D 143 -32.51 18.04 -15.87
CA GLU D 143 -31.51 18.35 -16.88
C GLU D 143 -32.14 19.15 -18.02
N ALA D 144 -31.64 20.36 -18.22
CA ALA D 144 -32.04 21.22 -19.34
C ALA D 144 -30.83 22.06 -19.72
N LYS D 145 -31.03 22.99 -20.66
CA LYS D 145 -29.94 23.85 -21.10
C LYS D 145 -30.50 25.19 -21.55
N VAL D 146 -29.85 26.27 -21.14
CA VAL D 146 -30.25 27.62 -21.50
C VAL D 146 -29.11 28.29 -22.27
N GLN D 147 -29.47 29.14 -23.22
CA GLN D 147 -28.51 29.83 -24.07
C GLN D 147 -28.98 31.26 -24.30
N TRP D 148 -28.03 32.19 -24.34
CA TRP D 148 -28.31 33.60 -24.51
C TRP D 148 -27.76 34.09 -25.85
N LYS D 149 -28.52 34.97 -26.51
CA LYS D 149 -28.16 35.49 -27.83
C LYS D 149 -28.33 37.01 -27.84
N VAL D 150 -27.23 37.73 -27.64
CA VAL D 150 -27.23 39.19 -27.71
C VAL D 150 -26.83 39.60 -29.13
N ASP D 151 -27.75 40.28 -29.83
CA ASP D 151 -27.58 40.59 -31.24
C ASP D 151 -27.25 39.32 -32.04
N ASN D 152 -27.96 38.25 -31.72
CA ASN D 152 -27.83 36.94 -32.37
C ASN D 152 -26.47 36.29 -32.15
N ALA D 153 -25.76 36.69 -31.10
CA ALA D 153 -24.46 36.12 -30.77
C ALA D 153 -24.56 35.39 -29.44
N LEU D 154 -24.16 34.11 -29.44
CA LEU D 154 -24.25 33.31 -28.22
C LEU D 154 -23.32 33.85 -27.14
N GLN D 155 -23.85 34.00 -25.94
CA GLN D 155 -23.12 34.55 -24.80
C GLN D 155 -22.81 33.45 -23.81
N SER D 156 -21.55 33.38 -23.38
CA SER D 156 -21.12 32.45 -22.34
C SER D 156 -20.08 33.14 -21.47
N GLY D 157 -20.01 32.70 -20.22
CA GLY D 157 -19.13 33.31 -19.25
C GLY D 157 -19.75 34.43 -18.43
N ASN D 158 -20.87 34.99 -18.90
CA ASN D 158 -21.60 36.03 -18.17
C ASN D 158 -23.07 35.68 -17.99
N SER D 159 -23.38 34.38 -18.00
CA SER D 159 -24.76 33.89 -17.90
C SER D 159 -24.89 33.08 -16.62
N GLN D 160 -25.36 33.73 -15.55
CA GLN D 160 -25.64 33.03 -14.31
C GLN D 160 -26.91 32.20 -14.45
N GLU D 161 -27.06 31.21 -13.58
CA GLU D 161 -28.28 30.42 -13.54
C GLU D 161 -28.46 29.82 -12.15
N SER D 162 -29.70 29.81 -11.69
CA SER D 162 -30.08 29.17 -10.44
C SER D 162 -31.26 28.24 -10.71
N VAL D 163 -31.50 27.33 -9.77
CA VAL D 163 -32.54 26.32 -9.95
C VAL D 163 -33.15 25.99 -8.59
N THR D 164 -34.47 26.09 -8.49
CA THR D 164 -35.16 25.64 -7.30
C THR D 164 -35.27 24.12 -7.31
N GLU D 165 -35.46 23.56 -6.12
CA GLU D 165 -35.57 22.12 -6.00
C GLU D 165 -36.93 21.64 -6.50
N GLN D 166 -37.07 20.32 -6.56
CA GLN D 166 -38.33 19.72 -6.99
C GLN D 166 -39.45 20.15 -6.06
N ASP D 167 -40.43 20.87 -6.62
CA ASP D 167 -41.51 21.43 -5.82
C ASP D 167 -42.35 20.32 -5.18
N SER D 168 -43.26 20.72 -4.30
CA SER D 168 -44.04 19.77 -3.53
C SER D 168 -45.34 19.39 -4.25
N LYS D 169 -46.11 20.38 -4.69
CA LYS D 169 -47.43 20.09 -5.25
C LYS D 169 -47.32 19.36 -6.59
N ASP D 170 -46.39 19.78 -7.45
CA ASP D 170 -46.30 19.23 -8.79
C ASP D 170 -45.00 18.48 -9.07
N SER D 171 -44.01 18.55 -8.17
CA SER D 171 -42.73 17.85 -8.35
C SER D 171 -42.05 18.27 -9.65
N THR D 172 -42.01 19.56 -9.90
CA THR D 172 -41.33 20.14 -11.05
C THR D 172 -40.30 21.16 -10.59
N TYR D 173 -39.40 21.50 -11.50
CA TYR D 173 -38.31 22.42 -11.20
C TYR D 173 -38.57 23.79 -11.82
N SER D 174 -37.75 24.76 -11.42
CA SER D 174 -37.76 26.10 -11.97
C SER D 174 -36.33 26.60 -12.05
N LEU D 175 -35.98 27.20 -13.19
CA LEU D 175 -34.62 27.70 -13.42
C LEU D 175 -34.68 29.15 -13.84
N SER D 176 -33.92 30.00 -13.14
CA SER D 176 -33.85 31.43 -13.42
C SER D 176 -32.46 31.74 -13.94
N SER D 177 -32.34 31.98 -15.24
CA SER D 177 -31.07 32.34 -15.84
C SER D 177 -30.97 33.86 -15.88
N THR D 178 -29.89 34.40 -15.30
CA THR D 178 -29.69 35.84 -15.20
C THR D 178 -28.46 36.22 -16.02
N LEU D 179 -28.67 36.99 -17.08
CA LEU D 179 -27.58 37.50 -17.91
C LEU D 179 -27.24 38.90 -17.44
N THR D 180 -25.99 39.11 -17.02
CA THR D 180 -25.56 40.38 -16.44
C THR D 180 -24.54 41.04 -17.36
N LEU D 181 -24.85 42.23 -17.84
CA LEU D 181 -23.94 43.04 -18.63
C LEU D 181 -23.97 44.47 -18.11
N SER D 182 -22.91 45.21 -18.42
CA SER D 182 -22.81 46.60 -17.97
C SER D 182 -23.85 47.46 -18.69
N LYS D 183 -23.94 48.73 -18.29
CA LYS D 183 -24.87 49.65 -18.93
C LYS D 183 -24.44 49.96 -20.37
N ALA D 184 -23.14 49.92 -20.64
CA ALA D 184 -22.67 50.20 -22.00
C ALA D 184 -23.05 49.07 -22.97
N ASP D 185 -22.98 47.83 -22.52
CA ASP D 185 -23.28 46.69 -23.39
C ASP D 185 -24.77 46.54 -23.66
N TYR D 186 -25.62 47.29 -22.96
CA TYR D 186 -27.07 47.19 -23.18
C TYR D 186 -27.58 48.15 -24.24
N GLU D 187 -26.87 49.26 -24.48
CA GLU D 187 -27.35 50.25 -25.44
C GLU D 187 -26.95 49.91 -26.87
N LYS D 188 -25.70 49.46 -27.08
CA LYS D 188 -25.23 49.20 -28.44
C LYS D 188 -25.98 48.04 -29.11
N HIS D 189 -26.60 47.17 -28.33
CA HIS D 189 -27.36 46.04 -28.87
C HIS D 189 -28.84 46.26 -28.64
N LYS D 190 -29.65 45.97 -29.67
CA LYS D 190 -31.10 46.11 -29.59
C LYS D 190 -31.85 44.79 -29.69
N VAL D 191 -31.14 43.67 -29.83
CA VAL D 191 -31.76 42.35 -29.96
C VAL D 191 -31.29 41.49 -28.79
N TYR D 192 -32.23 40.91 -28.07
CA TYR D 192 -31.94 40.04 -26.93
C TYR D 192 -32.86 38.83 -26.99
N ALA D 193 -32.28 37.64 -27.11
CA ALA D 193 -33.04 36.40 -27.24
C ALA D 193 -32.51 35.34 -26.29
N CYS D 194 -33.42 34.60 -25.67
CA CYS D 194 -33.10 33.52 -24.73
C CYS D 194 -33.63 32.21 -25.31
N GLU D 195 -32.73 31.26 -25.55
CA GLU D 195 -33.09 29.98 -26.13
C GLU D 195 -33.02 28.88 -25.07
N VAL D 196 -33.99 27.98 -25.10
CA VAL D 196 -34.11 26.90 -24.12
C VAL D 196 -34.30 25.58 -24.87
N THR D 197 -33.51 24.58 -24.50
CA THR D 197 -33.62 23.23 -25.05
C THR D 197 -34.07 22.29 -23.94
N HIS D 198 -35.21 21.64 -24.13
CA HIS D 198 -35.78 20.75 -23.13
C HIS D 198 -36.30 19.49 -23.81
N GLN D 199 -36.56 18.47 -23.00
CA GLN D 199 -37.00 17.18 -23.55
C GLN D 199 -38.47 17.20 -23.94
N GLY D 200 -39.32 17.83 -23.13
CA GLY D 200 -40.75 17.84 -23.38
C GLY D 200 -41.16 18.76 -24.51
N LEU D 201 -40.19 19.29 -25.24
CA LEU D 201 -40.44 20.18 -26.36
C LEU D 201 -40.14 19.46 -27.68
N SER D 202 -41.00 19.68 -28.67
CA SER D 202 -40.76 19.15 -30.01
C SER D 202 -39.81 20.03 -30.83
N SER D 203 -39.28 21.11 -30.23
CA SER D 203 -38.36 22.03 -30.89
C SER D 203 -37.82 23.01 -29.86
N PRO D 204 -36.58 23.48 -30.01
CA PRO D 204 -36.06 24.50 -29.08
C PRO D 204 -36.86 25.79 -29.17
N VAL D 205 -37.21 26.34 -28.01
CA VAL D 205 -38.07 27.52 -27.90
C VAL D 205 -37.21 28.73 -27.57
N THR D 206 -37.56 29.88 -28.16
CA THR D 206 -36.83 31.13 -27.94
C THR D 206 -37.83 32.25 -27.70
N LYS D 207 -37.55 33.06 -26.67
CA LYS D 207 -38.31 34.27 -26.37
C LYS D 207 -37.36 35.45 -26.37
N SER D 208 -37.77 36.55 -27.01
CA SER D 208 -36.89 37.68 -27.24
C SER D 208 -37.64 39.00 -27.01
N PHE D 209 -36.87 40.08 -26.92
CA PHE D 209 -37.42 41.43 -26.84
C PHE D 209 -36.42 42.41 -27.43
N ASN D 210 -36.83 43.67 -27.54
CA ASN D 210 -36.03 44.73 -28.11
C ASN D 210 -35.91 45.87 -27.10
N ARG D 211 -34.97 46.78 -27.38
CA ARG D 211 -34.69 47.91 -26.50
C ARG D 211 -35.45 49.15 -26.98
N GLY D 212 -36.22 49.75 -26.08
CA GLY D 212 -36.91 50.99 -26.37
C GLY D 212 -38.24 50.86 -27.09
N GLU D 213 -38.92 49.73 -26.93
CA GLU D 213 -40.18 49.51 -27.63
C GLU D 213 -41.27 49.04 -26.68
N GLU E 1 1.85 -53.71 -5.00
CA GLU E 1 0.68 -53.89 -5.85
C GLU E 1 0.20 -52.55 -6.42
N ASN E 2 -0.55 -51.80 -5.62
CA ASN E 2 -1.03 -50.49 -5.96
C ASN E 2 -0.14 -49.44 -5.28
N LEU E 3 -0.66 -48.22 -5.15
CA LEU E 3 0.07 -47.10 -4.56
C LEU E 3 -0.52 -46.88 -3.18
N TRP E 4 0.34 -46.62 -2.19
CA TRP E 4 -0.15 -46.40 -0.85
C TRP E 4 0.46 -45.15 -0.24
N VAL E 5 -0.34 -44.44 0.54
CA VAL E 5 0.11 -43.25 1.24
C VAL E 5 1.07 -43.64 2.35
N THR E 6 2.08 -42.81 2.59
CA THR E 6 3.04 -43.03 3.66
C THR E 6 3.30 -41.70 4.36
N VAL E 7 3.35 -41.75 5.70
CA VAL E 7 3.46 -40.55 6.52
C VAL E 7 4.93 -40.21 6.70
N TYR E 8 5.26 -38.93 6.55
CA TYR E 8 6.62 -38.45 6.77
C TYR E 8 6.57 -37.35 7.83
N TYR E 9 7.33 -37.53 8.90
CA TYR E 9 7.38 -36.57 9.99
C TYR E 9 8.72 -35.85 9.94
N GLY E 10 8.68 -34.52 9.87
CA GLY E 10 9.89 -33.71 9.79
C GLY E 10 10.33 -33.29 8.40
N VAL E 11 9.38 -33.00 7.51
CA VAL E 11 9.71 -32.57 6.15
C VAL E 11 9.99 -31.08 6.14
N PRO E 12 10.98 -30.61 5.35
CA PRO E 12 11.24 -29.16 5.29
C PRO E 12 10.14 -28.40 4.58
N VAL E 13 9.04 -28.14 5.29
CA VAL E 13 7.89 -27.40 4.78
C VAL E 13 7.55 -26.30 5.77
N TRP E 14 7.27 -25.10 5.26
CA TRP E 14 6.90 -23.98 6.09
C TRP E 14 5.78 -23.19 5.41
N LYS E 15 5.05 -22.44 6.22
CA LYS E 15 3.99 -21.54 5.75
C LYS E 15 4.15 -20.20 6.43
N ASP E 16 3.68 -19.15 5.75
CA ASP E 16 3.76 -17.81 6.32
C ASP E 16 2.94 -17.74 7.59
N ALA E 17 3.56 -17.23 8.66
CA ALA E 17 2.91 -17.20 9.96
C ALA E 17 3.38 -15.99 10.76
N GLU E 18 2.48 -15.50 11.59
CA GLU E 18 2.78 -14.46 12.57
C GLU E 18 2.71 -15.11 13.95
N THR E 19 3.81 -15.03 14.69
CA THR E 19 3.91 -15.61 16.02
C THR E 19 4.53 -14.62 16.98
N THR E 20 4.49 -14.97 18.26
CA THR E 20 5.02 -14.11 19.31
C THR E 20 6.52 -14.28 19.44
N LEU E 21 7.24 -13.22 19.07
CA LEU E 21 8.68 -13.23 19.22
C LEU E 21 9.01 -12.78 20.63
N PHE E 22 10.26 -12.99 21.04
CA PHE E 22 10.69 -12.56 22.35
C PHE E 22 12.03 -11.86 22.23
N CYS E 23 12.39 -11.17 23.29
CA CYS E 23 13.57 -10.32 23.31
C CYS E 23 14.83 -11.12 23.62
N ALA E 24 15.97 -10.54 23.27
CA ALA E 24 17.25 -11.08 23.66
C ALA E 24 18.29 -9.97 23.66
N SER E 25 19.04 -9.91 24.75
CA SER E 25 20.09 -8.93 24.99
C SER E 25 21.45 -9.55 24.74
N ASP E 26 22.37 -8.74 24.21
CA ASP E 26 23.73 -9.22 23.98
C ASP E 26 24.32 -9.63 25.33
N ALA E 27 25.13 -10.68 25.32
CA ALA E 27 25.60 -11.25 26.59
C ALA E 27 26.85 -10.53 27.09
N LYS E 28 26.65 -9.23 27.33
CA LYS E 28 27.59 -8.40 28.06
C LYS E 28 27.09 -7.95 29.42
N ALA E 29 25.78 -8.10 29.70
CA ALA E 29 25.11 -7.69 30.93
C ALA E 29 25.02 -6.16 31.03
N TYR E 30 25.66 -5.50 30.07
CA TYR E 30 25.74 -4.04 29.93
C TYR E 30 26.18 -3.36 31.22
N GLU E 31 27.15 -3.97 31.89
CA GLU E 31 27.65 -3.48 33.16
C GLU E 31 28.22 -2.07 33.05
N THR E 32 28.72 -1.68 31.87
CA THR E 32 29.28 -0.35 31.66
C THR E 32 28.21 0.72 31.53
N LYS E 33 27.03 0.37 31.08
CA LYS E 33 25.91 1.23 31.37
C LYS E 33 25.48 1.02 32.81
N LYS E 34 25.05 2.11 33.43
CA LYS E 34 24.95 2.19 34.87
C LYS E 34 23.57 1.87 35.40
N HIS E 35 22.53 2.13 34.63
CA HIS E 35 21.21 1.51 34.75
C HIS E 35 20.83 0.63 33.57
N ASN E 36 19.58 0.14 33.64
CA ASN E 36 18.88 -0.50 32.54
C ASN E 36 18.56 0.39 31.35
N VAL E 37 18.65 -0.21 30.16
CA VAL E 37 18.69 0.46 28.87
C VAL E 37 17.48 -0.07 28.12
N TRP E 38 16.38 0.68 28.15
CA TRP E 38 15.08 0.21 27.63
C TRP E 38 14.61 -1.03 28.36
N ALA E 39 14.99 -1.17 29.63
CA ALA E 39 14.51 -2.27 30.49
C ALA E 39 14.80 -3.63 29.87
N THR E 40 15.77 -3.66 28.96
CA THR E 40 16.20 -4.86 28.26
C THR E 40 17.41 -5.50 28.95
N HIS E 41 17.79 -5.00 30.12
CA HIS E 41 18.73 -5.73 30.96
C HIS E 41 18.17 -7.11 31.32
N CYS E 42 16.89 -7.17 31.63
CA CYS E 42 16.23 -8.42 31.99
C CYS E 42 15.71 -9.07 30.72
N CYS E 43 16.61 -9.76 30.01
CA CYS E 43 16.23 -10.31 28.72
C CYS E 43 17.24 -11.40 28.36
N VAL E 44 16.73 -12.54 27.87
CA VAL E 44 17.52 -13.75 27.68
C VAL E 44 18.81 -13.50 26.90
N PRO E 45 19.95 -13.96 27.41
CA PRO E 45 21.22 -13.73 26.69
C PRO E 45 21.31 -14.50 25.38
N THR E 46 21.99 -13.89 24.41
CA THR E 46 22.18 -14.55 23.12
C THR E 46 23.12 -15.74 23.29
N ASP E 47 22.98 -16.73 22.40
CA ASP E 47 23.94 -17.82 22.34
C ASP E 47 25.34 -17.29 22.00
N PRO E 48 26.39 -17.90 22.54
CA PRO E 48 27.75 -17.46 22.21
C PRO E 48 28.00 -17.46 20.71
N ASN E 49 27.52 -18.49 20.02
CA ASN E 49 27.63 -18.58 18.58
C ASN E 49 26.25 -18.94 18.04
N PRO E 50 25.66 -18.12 17.18
CA PRO E 50 24.38 -18.47 16.56
C PRO E 50 24.60 -19.40 15.39
N GLN E 51 23.60 -20.22 15.09
CA GLN E 51 23.72 -21.18 14.00
C GLN E 51 22.85 -20.61 12.88
N GLU E 52 23.52 -20.24 11.78
CA GLU E 52 22.91 -19.82 10.52
C GLU E 52 23.11 -20.90 9.48
N ILE E 53 22.02 -21.51 9.04
CA ILE E 53 22.08 -22.66 8.14
C ILE E 53 21.62 -22.17 6.78
N HIS E 54 22.55 -22.18 5.82
CA HIS E 54 22.23 -21.76 4.47
C HIS E 54 21.32 -22.78 3.83
N LEU E 55 20.37 -22.31 3.04
CA LEU E 55 19.40 -23.17 2.39
C LEU E 55 19.64 -23.10 0.89
N GLU E 56 20.35 -24.10 0.38
CA GLU E 56 20.67 -24.15 -1.04
C GLU E 56 19.35 -24.28 -1.81
N ASN E 57 19.26 -23.57 -2.93
CA ASN E 57 18.26 -23.78 -3.98
C ASN E 57 16.92 -23.14 -3.60
N VAL E 58 16.83 -22.47 -2.45
CA VAL E 58 15.54 -22.07 -1.89
C VAL E 58 15.24 -20.63 -2.29
N THR E 59 14.04 -20.41 -2.82
CA THR E 59 13.56 -19.10 -3.23
C THR E 59 12.23 -18.85 -2.56
N GLU E 60 12.16 -17.83 -1.70
CA GLU E 60 10.98 -17.52 -0.91
C GLU E 60 10.57 -16.06 -1.12
N GLU E 61 9.27 -15.82 -1.12
CA GLU E 61 8.73 -14.48 -1.30
C GLU E 61 8.75 -13.73 0.04
N PHE E 62 9.27 -12.50 0.01
CA PHE E 62 9.30 -11.62 1.17
C PHE E 62 8.39 -10.42 0.95
N ASN E 63 7.87 -9.88 2.05
CA ASN E 63 7.10 -8.64 2.03
C ASN E 63 7.39 -7.90 3.33
N MET E 64 8.20 -6.84 3.25
CA MET E 64 8.53 -6.10 4.47
C MET E 64 7.37 -5.26 4.98
N TRP E 65 6.37 -5.00 4.14
CA TRP E 65 5.26 -4.15 4.56
C TRP E 65 4.16 -5.00 5.20
N LYS E 66 4.08 -6.26 4.77
CA LYS E 66 3.22 -7.30 5.33
C LYS E 66 3.97 -8.24 6.28
N ASN E 67 5.08 -7.80 6.84
CA ASN E 67 5.87 -8.69 7.69
C ASN E 67 5.28 -8.79 9.10
N ASN E 68 4.71 -7.70 9.61
CA ASN E 68 4.08 -7.64 10.92
C ASN E 68 5.10 -7.78 12.05
N MET E 69 6.28 -8.34 11.75
CA MET E 69 7.34 -8.33 12.74
C MET E 69 7.58 -6.91 13.18
N VAL E 70 7.33 -5.97 12.26
CA VAL E 70 7.44 -4.55 12.51
C VAL E 70 6.41 -4.11 13.53
N GLU E 71 5.14 -4.49 13.33
CA GLU E 71 4.10 -4.09 14.26
C GLU E 71 4.35 -4.68 15.65
N GLN E 72 4.85 -5.92 15.71
CA GLN E 72 5.17 -6.53 16.98
C GLN E 72 6.28 -5.77 17.69
N MET E 73 7.39 -5.51 16.98
CA MET E 73 8.48 -4.73 17.58
C MET E 73 8.00 -3.36 18.02
N HIS E 74 7.14 -2.73 17.22
CA HIS E 74 6.62 -1.40 17.54
C HIS E 74 5.88 -1.42 18.86
N GLU E 75 4.93 -2.34 19.01
CA GLU E 75 4.22 -2.44 20.28
C GLU E 75 5.17 -2.79 21.42
N ASP E 76 6.22 -3.56 21.14
CA ASP E 76 7.16 -3.91 22.20
C ASP E 76 7.91 -2.67 22.69
N ILE E 77 8.36 -1.83 21.76
CA ILE E 77 9.04 -0.58 22.13
C ILE E 77 8.10 0.35 22.90
N ILE E 78 6.86 0.47 22.44
CA ILE E 78 5.90 1.33 23.11
C ILE E 78 5.69 0.86 24.55
N SER E 79 5.41 -0.44 24.70
CA SER E 79 5.15 -0.98 26.03
C SER E 79 6.37 -0.84 26.93
N LEU E 80 7.58 -1.05 26.39
CA LEU E 80 8.78 -0.86 27.21
C LEU E 80 8.87 0.59 27.68
N TRP E 81 8.55 1.54 26.79
CA TRP E 81 8.57 2.94 27.16
C TRP E 81 7.62 3.20 28.32
N ASP E 82 6.41 2.64 28.24
CA ASP E 82 5.44 2.82 29.32
C ASP E 82 5.90 2.14 30.60
N GLN E 83 6.47 0.94 30.50
CA GLN E 83 6.92 0.22 31.69
C GLN E 83 8.03 0.99 32.39
N SER E 84 8.86 1.70 31.63
CA SER E 84 9.90 2.49 32.27
C SER E 84 9.36 3.81 32.78
N LEU E 85 8.24 4.29 32.24
CA LEU E 85 7.69 5.56 32.71
C LEU E 85 6.77 5.42 33.92
N LYS E 86 6.12 4.26 34.07
CA LYS E 86 5.15 4.06 35.14
C LYS E 86 5.65 4.38 36.53
N PRO E 87 6.81 3.88 37.00
CA PRO E 87 7.21 4.11 38.39
C PRO E 87 7.74 5.50 38.66
N CYS E 88 7.96 6.32 37.63
CA CYS E 88 8.63 7.60 37.80
C CYS E 88 7.66 8.67 38.31
N VAL E 89 8.21 9.83 38.63
CA VAL E 89 7.45 10.90 39.27
C VAL E 89 6.57 11.60 38.24
N LYS E 90 5.27 11.67 38.52
CA LYS E 90 4.32 12.39 37.68
C LYS E 90 4.18 13.82 38.17
N LEU E 91 4.29 14.79 37.26
CA LEU E 91 4.28 16.19 37.65
C LEU E 91 2.86 16.77 37.54
N THR E 92 1.88 16.09 38.13
CA THR E 92 0.53 16.65 38.18
C THR E 92 0.38 17.97 38.92
N PRO E 93 0.99 18.20 40.11
CA PRO E 93 0.79 19.49 40.77
C PRO E 93 1.57 20.66 40.19
N LEU E 94 2.54 20.40 39.31
CA LEU E 94 3.39 21.42 38.71
C LEU E 94 2.74 22.22 37.59
N CYS E 95 1.44 22.05 37.33
CA CYS E 95 0.74 22.86 36.34
C CYS E 95 0.16 24.16 36.90
N VAL E 96 0.74 24.70 37.97
CA VAL E 96 0.35 26.01 38.51
C VAL E 96 0.74 27.13 37.55
N THR E 97 0.02 28.25 37.65
CA THR E 97 0.33 29.44 36.87
C THR E 97 1.70 30.01 37.19
N LEU E 98 2.46 30.29 36.13
CA LEU E 98 3.82 30.78 36.15
C LEU E 98 3.84 32.24 35.74
N GLN E 99 4.60 33.08 36.46
CA GLN E 99 4.83 34.44 35.97
C GLN E 99 6.24 34.45 35.38
N CYS E 100 6.29 34.64 34.06
CA CYS E 100 7.47 34.44 33.25
C CYS E 100 7.77 35.73 32.49
N THR E 101 9.04 36.06 32.32
CA THR E 101 9.38 37.12 31.39
C THR E 101 10.43 36.63 30.41
N ASN E 102 10.49 37.32 29.27
CA ASN E 102 11.46 36.97 28.24
C ASN E 102 12.86 37.34 28.69
N VAL E 103 13.86 36.60 28.22
CA VAL E 103 15.23 36.97 28.51
C VAL E 103 16.01 37.03 27.21
N THR E 104 16.95 37.98 27.15
CA THR E 104 17.60 38.36 25.90
C THR E 104 18.42 37.19 25.33
N ASN E 105 18.26 36.92 24.05
CA ASN E 105 19.30 36.18 23.35
C ASN E 105 20.56 37.03 23.26
N ASN E 106 21.70 36.36 23.10
CA ASN E 106 22.97 37.06 23.07
C ASN E 106 23.16 37.79 21.74
N ILE E 107 24.10 38.75 21.75
CA ILE E 107 24.39 39.54 20.55
C ILE E 107 25.21 38.75 19.53
N THR E 108 25.60 37.52 19.85
CA THR E 108 26.17 36.59 18.88
C THR E 108 25.13 35.59 18.37
N ASP E 109 23.88 35.70 18.82
CA ASP E 109 22.86 34.71 18.56
C ASP E 109 21.62 35.42 18.04
N ASP E 110 20.79 34.68 17.31
CA ASP E 110 19.57 35.26 16.74
C ASP E 110 18.63 35.67 17.85
N MET E 111 18.35 36.98 17.95
CA MET E 111 17.52 37.54 19.01
C MET E 111 16.13 36.92 18.99
N ARG E 112 15.86 36.01 19.92
CA ARG E 112 14.55 35.36 20.01
C ARG E 112 14.03 35.42 21.43
N GLY E 113 11.05 35.25 22.10
CA GLY E 113 11.33 35.07 23.52
C GLY E 113 11.64 33.64 23.90
N GLU E 114 12.93 33.35 24.05
CA GLU E 114 13.41 31.98 24.19
C GLU E 114 14.15 31.82 25.51
N LEU E 115 14.10 30.60 26.05
CA LEU E 115 14.48 30.31 27.43
C LEU E 115 13.91 31.33 28.41
N LYS E 116 12.68 31.10 28.86
CA LYS E 116 11.92 32.08 29.61
C LYS E 116 12.21 31.92 31.10
N ASN E 117 12.36 33.05 31.80
CA ASN E 117 12.58 33.04 33.25
C ASN E 117 11.20 33.03 33.93
N CYS E 118 10.90 31.94 34.64
CA CYS E 118 9.60 31.67 35.21
C CYS E 118 9.68 31.53 36.73
N SER E 119 8.85 32.30 37.45
CA SER E 119 8.72 32.17 38.90
C SER E 119 7.42 31.45 39.25
N PHE E 120 7.48 30.61 40.30
CA PHE E 120 6.38 29.75 40.76
C PHE E 120 5.71 30.17 42.06
N ASN E 121 4.52 30.77 41.98
CA ASN E 121 3.69 30.98 43.18
C ASN E 121 2.99 29.70 43.64
N MET E 122 3.50 28.53 43.25
CA MET E 122 2.91 27.27 43.63
C MET E 122 3.35 26.80 45.01
N THR E 123 2.39 26.27 45.76
CA THR E 123 2.66 25.61 47.03
C THR E 123 2.63 24.10 46.82
N THR E 124 3.60 23.41 47.43
CA THR E 124 3.63 21.95 47.40
C THR E 124 2.80 21.36 48.54
N GLU E 125 3.07 21.81 49.77
CA GLU E 125 2.31 21.40 50.95
C GLU E 125 2.01 22.67 51.76
N LEU E 126 1.47 22.53 52.97
CA LEU E 126 1.36 23.72 53.81
C LEU E 126 2.74 24.21 54.21
N ARG E 127 3.73 23.31 54.31
CA ARG E 127 5.06 23.66 54.80
C ARG E 127 5.70 24.70 53.89
N ASP E 128 5.42 24.61 52.59
CA ASP E 128 6.07 25.45 51.60
C ASP E 128 5.53 26.87 51.67
N LYS E 129 4.26 27.05 52.02
CA LYS E 129 3.59 28.35 52.06
C LYS E 129 3.86 29.17 50.79
N LYS E 130 3.65 28.53 49.64
CA LYS E 130 3.77 29.19 48.34
C LYS E 130 5.19 29.72 48.12
N GLN E 131 6.16 28.80 48.19
CA GLN E 131 7.55 29.20 47.95
C GLN E 131 7.67 29.74 46.54
N LYS E 132 8.53 30.73 46.35
CA LYS E 132 8.86 31.24 45.03
C LYS E 132 10.23 30.73 44.54
N VAL E 133 10.20 29.92 43.49
CA VAL E 133 11.42 29.41 42.88
C VAL E 133 11.39 29.86 41.42
N TYR E 134 12.53 29.74 40.74
CA TYR E 134 12.60 30.09 39.33
C TYR E 134 13.27 28.95 38.56
N SER E 135 12.82 28.72 37.34
CA SER E 135 13.42 27.70 36.47
C SER E 135 13.51 28.21 35.04
N LEU E 136 14.41 27.59 34.28
CA LEU E 136 14.61 27.89 32.87
C LEU E 136 13.79 26.91 32.04
N PHE E 137 13.00 27.44 31.10
CA PHE E 137 12.12 26.65 30.25
C PHE E 137 12.37 27.01 28.79
N TYR E 138 12.51 26.00 27.94
CA TYR E 138 12.54 26.28 26.51
C TYR E 138 11.18 26.81 26.08
N ARG E 139 11.18 27.65 25.03
CA ARG E 139 9.94 28.34 24.65
C ARG E 139 8.82 27.37 24.27
N LEU E 140 9.17 26.24 23.66
CA LEU E 140 8.16 25.30 23.15
C LEU E 140 7.35 24.63 24.24
N ASP E 141 7.92 24.50 25.44
CA ASP E 141 7.29 23.82 26.57
C ASP E 141 6.20 24.65 27.24
N VAL E 142 6.16 25.96 26.99
CA VAL E 142 5.29 26.88 27.70
C VAL E 142 4.46 27.65 26.67
N VAL E 143 3.26 28.05 27.09
CA VAL E 143 2.39 28.88 26.26
C VAL E 143 1.85 30.02 27.11
N GLN E 144 1.60 31.15 26.45
CA GLN E 144 1.10 32.35 27.11
C GLN E 144 -0.42 32.32 27.07
N ILE E 145 -0.98 31.75 28.13
CA ILE E 145 -2.43 31.62 28.26
C ILE E 145 -3.09 32.98 28.42
N ASN E 146 -2.71 33.71 29.46
CA ASN E 146 -3.24 35.05 29.72
C ASN E 146 -2.12 36.07 29.62
N SER E 147 -2.49 37.32 29.33
CA SER E 147 -1.53 38.40 29.13
C SER E 147 -0.87 38.77 30.46
N ASN E 148 -0.23 39.94 30.49
CA ASN E 148 0.52 40.40 31.66
C ASN E 148 1.62 39.42 32.04
N LYS E 149 2.11 38.66 31.05
CA LYS E 149 3.16 37.66 31.25
C LYS E 149 2.74 36.55 32.21
N GLU E 150 1.52 36.04 32.04
CA GLU E 150 1.04 34.94 32.85
C GLU E 150 1.17 33.68 32.00
N TYR E 151 1.66 32.60 32.60
CA TYR E 151 1.95 31.42 31.80
C TYR E 151 1.55 30.15 32.53
N ARG E 152 1.48 29.05 31.77
CA ARG E 152 1.29 27.72 32.32
C ARG E 152 2.09 26.78 31.42
N LEU E 153 2.41 25.58 31.92
CA LEU E 153 3.06 24.63 31.03
C LEU E 153 2.06 24.08 30.02
N ILE E 154 2.51 23.89 28.78
CA ILE E 154 1.59 23.46 27.73
C ILE E 154 1.07 22.06 28.09
N ASN E 155 -0.05 21.66 27.47
CA ASN E 155 -0.71 20.39 27.77
C ASN E 155 -1.46 20.25 29.10
N CYS E 156 -1.22 21.12 30.09
CA CYS E 156 -1.67 20.83 31.45
C CYS E 156 -3.18 20.74 31.58
N ASN E 157 -3.93 21.37 30.68
CA ASN E 157 -5.37 21.33 30.68
C ASN E 157 -5.89 20.21 29.79
N THR E 158 -5.00 19.63 28.98
CA THR E 158 -5.35 18.50 28.13
C THR E 158 -5.07 17.16 28.79
N SER E 159 -3.95 17.01 29.48
CA SER E 159 -3.53 15.69 29.92
C SER E 159 -2.51 15.85 31.05
N ALA E 160 -2.24 14.73 31.71
CA ALA E 160 -1.16 14.65 32.69
C ALA E 160 0.21 14.57 32.02
N ILE E 161 1.24 14.61 32.87
CA ILE E 161 2.63 14.63 32.45
C ILE E 161 3.38 13.78 33.47
N THR E 162 4.43 13.10 33.02
CA THR E 162 5.26 12.32 33.92
C THR E 162 6.72 12.53 33.57
N GLN E 163 7.56 12.54 34.61
CA GLN E 163 8.97 12.86 34.46
C GLN E 163 9.76 11.59 34.28
N ALA E 164 10.54 11.53 33.21
CA ALA E 164 11.39 10.36 32.99
C ALA E 164 12.33 10.24 34.18
N CYS E 165 12.43 9.04 34.73
CA CYS E 165 13.35 8.85 35.83
C CYS E 165 14.75 9.26 35.37
N PRO E 166 15.53 9.93 36.22
CA PRO E 166 16.84 10.39 35.76
C PRO E 166 17.76 9.23 35.55
N LYS E 167 17.53 8.16 36.29
CA LYS E 167 18.44 7.03 36.26
C LYS E 167 18.33 6.25 34.94
N VAL E 168 17.11 6.02 34.47
CA VAL E 168 16.91 5.20 33.27
C VAL E 168 17.50 5.90 32.06
N SER E 169 18.06 5.13 31.13
CA SER E 169 18.72 5.69 29.97
C SER E 169 17.94 5.31 28.71
N PHE E 170 17.85 6.25 27.78
CA PHE E 170 17.17 6.08 26.50
C PHE E 170 18.07 5.60 25.37
N GLU E 171 19.31 5.21 25.65
CA GLU E 171 20.21 4.76 24.59
C GLU E 171 19.75 3.44 23.97
N PRO E 172 19.54 3.38 22.66
CA PRO E 172 19.14 2.12 22.02
C PRO E 172 20.30 1.13 21.96
N ILE E 173 20.03 -0.10 22.41
CA ILE E 173 21.01 -1.19 22.36
C ILE E 173 20.55 -2.27 21.38
N PRO E 174 21.46 -3.04 20.78
CA PRO E 174 21.04 -4.05 19.81
C PRO E 174 20.19 -5.12 20.49
N ILE E 175 19.05 -5.42 19.88
CA ILE E 175 18.13 -6.44 20.39
C ILE E 175 17.90 -7.50 19.32
N HIS E 176 18.18 -8.76 19.65
CA HIS E 176 17.96 -9.84 18.70
C HIS E 176 16.58 -10.40 19.04
N TYR E 177 15.67 -10.35 18.06
CA TYR E 177 14.34 -10.93 18.20
C TYR E 177 14.37 -12.40 17.80
N CYS E 178 13.94 -13.28 18.71
CA CYS E 178 14.01 -14.70 18.47
C CYS E 178 12.61 -15.29 18.40
N ALA E 179 12.43 -16.31 17.54
CA ALA E 179 11.20 -17.07 17.39
C ALA E 179 11.25 -18.37 18.18
N PRO E 180 10.14 -18.86 18.72
CA PRO E 180 10.19 -20.13 19.45
C PRO E 180 10.36 -21.30 18.49
N ALA E 181 10.65 -22.46 19.08
CA ALA E 181 10.77 -23.69 18.29
C ALA E 181 9.46 -24.03 17.59
N GLY E 182 9.58 -24.63 16.41
CA GLY E 182 8.44 -24.87 15.55
C GLY E 182 8.13 -23.71 14.65
N PHE E 183 8.73 -22.55 14.91
CA PHE E 183 8.65 -21.39 14.05
C PHE E 183 10.07 -21.11 13.57
N ALA E 184 10.22 -20.22 12.61
CA ALA E 184 11.56 -19.92 12.13
C ALA E 184 11.60 -18.51 11.56
N ILE E 185 12.80 -17.96 11.51
CA ILE E 185 13.02 -16.66 10.91
C ILE E 185 13.82 -16.92 9.64
N LEU E 186 13.31 -16.42 8.52
CA LEU E 186 14.01 -16.53 7.25
C LEU E 186 14.68 -15.21 6.90
N LYS E 187 15.93 -15.29 6.45
CA LYS E 187 16.71 -14.09 6.22
C LYS E 187 17.16 -14.08 4.78
N CYS E 188 16.78 -13.04 4.04
CA CYS E 188 17.24 -12.89 2.67
C CYS E 188 18.61 -12.26 2.74
N LYS E 189 19.61 -12.89 2.13
CA LYS E 189 20.93 -12.30 2.22
C LYS E 189 21.38 -11.66 0.91
N ASP E 190 20.46 -11.43 -0.03
CA ASP E 190 20.88 -10.76 -1.26
C ASP E 190 21.02 -9.29 -0.90
N LYS E 191 22.21 -8.73 -1.07
CA LYS E 191 22.45 -7.34 -0.72
C LYS E 191 21.72 -6.35 -1.64
N LYS E 192 21.80 -6.56 -2.95
CA LYS E 192 21.14 -5.65 -3.88
C LYS E 192 19.65 -5.90 -4.01
N PHE E 193 19.17 -7.06 -3.60
CA PHE E 193 17.78 -7.41 -3.84
C PHE E 193 16.95 -6.39 -3.07
N ASN E 194 16.02 -5.75 -3.76
CA ASN E 194 15.07 -4.88 -3.07
C ASN E 194 14.32 -5.56 -1.92
N GLY E 195 13.68 -4.71 -1.12
CA GLY E 195 12.94 -5.15 0.04
C GLY E 195 11.95 -6.28 -0.18
N THR E 196 11.09 -6.17 -1.19
CA THR E 196 10.12 -7.25 -1.37
C THR E 196 10.25 -7.88 -2.74
N GLY E 197 9.90 -9.17 -2.78
CA GLY E 197 9.90 -9.97 -3.98
C GLY E 197 10.51 -11.32 -3.65
N PRO E 198 10.67 -12.19 -4.65
CA PRO E 198 11.27 -13.52 -4.39
C PRO E 198 12.78 -13.41 -4.22
N CYS E 199 13.30 -13.99 -3.13
CA CYS E 199 14.72 -13.95 -2.81
C CYS E 199 15.41 -15.25 -3.19
N PRO E 200 16.34 -15.25 -4.15
CA PRO E 200 16.95 -16.53 -4.56
C PRO E 200 17.89 -17.06 -3.51
N ASN E 201 18.26 -16.24 -2.54
CA ASN E 201 19.34 -16.51 -1.60
C ASN E 201 18.77 -16.36 -0.20
N VAL E 202 18.48 -17.49 0.44
CA VAL E 202 17.77 -17.50 1.71
C VAL E 202 18.55 -18.32 2.72
N SER E 203 18.68 -17.77 3.92
CA SER E 203 19.24 -18.50 5.06
C SER E 203 18.23 -18.46 6.20
N THR E 204 18.37 -19.39 7.12
CA THR E 204 17.46 -19.54 8.26
C THR E 204 18.23 -19.23 9.53
N VAL E 205 17.56 -18.59 10.48
CA VAL E 205 18.20 -18.21 11.73
C VAL E 205 17.24 -18.44 12.88
N GLN E 206 17.80 -18.66 14.06
CA GLN E 206 16.95 -18.79 15.24
C GLN E 206 16.60 -17.42 15.80
N CYS E 207 17.50 -16.45 15.59
CA CYS E 207 17.34 -15.08 16.05
C CYS E 207 17.86 -14.13 14.99
N THR E 208 17.24 -12.95 14.90
CA THR E 208 17.69 -11.96 13.93
C THR E 208 19.00 -11.32 14.41
N HIS E 209 19.55 -10.44 13.58
CA HIS E 209 20.73 -9.67 13.95
C HIS E 209 20.36 -8.58 14.96
N GLY E 210 21.38 -7.94 15.53
CA GLY E 210 21.20 -6.86 16.47
C GLY E 210 20.57 -5.59 15.90
N ILE E 211 19.30 -5.35 16.23
CA ILE E 211 18.57 -4.19 15.73
C ILE E 211 18.51 -3.14 16.83
N LYS E 212 19.09 -1.97 16.59
CA LYS E 212 19.02 -0.86 17.53
C LYS E 212 17.71 -0.08 17.38
N PRO E 213 16.92 0.07 18.45
CA PRO E 213 15.65 0.84 18.40
C PRO E 213 15.87 2.34 18.46
N VAL E 214 16.39 2.88 17.35
CA VAL E 214 16.70 4.29 17.23
C VAL E 214 15.41 5.08 16.97
N VAL E 215 15.05 5.94 17.91
CA VAL E 215 13.90 6.81 17.75
C VAL E 215 14.29 8.00 16.89
N SER E 216 13.60 8.15 15.76
CA SER E 216 13.92 9.11 14.72
C SER E 216 12.62 9.47 14.00
N THR E 217 12.65 10.56 13.22
CA THR E 217 11.46 10.87 12.43
C THR E 217 11.77 11.22 10.98
N GLN E 218 12.78 12.04 10.71
CA GLN E 218 13.03 12.50 9.35
C GLN E 218 14.10 11.67 8.66
N LEU E 219 15.20 11.38 9.35
CA LEU E 219 16.35 10.66 8.82
C LEU E 219 16.62 9.49 9.75
N LEU E 220 16.98 8.34 9.18
CA LEU E 220 17.26 7.19 10.03
C LEU E 220 18.70 7.22 10.53
N LEU E 221 18.86 6.85 11.80
CA LEU E 221 20.12 6.98 12.52
C LEU E 221 20.60 5.62 13.05
N ASN E 222 21.91 5.41 12.98
CA ASN E 222 22.57 4.25 13.60
C ASN E 222 22.04 2.90 13.13
N GLY E 223 21.45 2.85 11.94
CA GLY E 223 20.97 1.60 11.38
C GLY E 223 22.06 0.79 10.70
N SER E 224 21.62 -0.19 9.91
CA SER E 224 22.51 -1.00 9.09
C SER E 224 22.44 -0.53 7.64
N LEU E 225 23.58 -0.61 6.96
CA LEU E 225 23.72 -0.12 5.60
C LEU E 225 23.61 -1.23 4.57
N ALA E 226 22.88 -0.97 3.48
CA ALA E 226 22.81 -1.92 2.40
C ALA E 226 24.16 -1.96 1.69
N GLU E 227 24.61 -3.16 1.33
CA GLU E 227 25.86 -3.28 0.59
C GLU E 227 25.69 -2.94 -0.89
N GLU E 228 26.82 -2.62 -1.53
CA GLU E 228 26.89 -2.15 -2.92
C GLU E 228 26.04 -0.89 -3.07
N GLU E 229 24.99 -0.89 -3.89
CA GLU E 229 24.22 0.32 -4.14
C GLU E 229 23.21 0.58 -3.02
N VAL E 230 22.83 1.85 -2.88
CA VAL E 230 21.76 2.20 -1.94
C VAL E 230 20.43 1.64 -2.44
N ILE E 231 19.49 1.53 -1.51
CA ILE E 231 18.19 0.91 -1.77
C ILE E 231 17.07 1.89 -1.48
N ILE E 232 16.02 1.82 -2.30
CA ILE E 232 14.90 2.75 -2.34
C ILE E 232 13.64 1.90 -2.23
N ARG E 233 12.81 2.17 -1.21
CA ARG E 233 11.64 1.32 -0.97
C ARG E 233 10.35 2.13 -0.87
N SER E 234 9.38 1.79 -1.73
CA SER E 234 8.01 2.29 -1.81
C SER E 234 7.06 1.09 -1.87
N GLU E 235 5.76 1.33 -1.77
CA GLU E 235 4.89 0.21 -2.07
C GLU E 235 4.69 0.05 -3.59
N ASN E 236 4.02 -1.04 -3.97
CA ASN E 236 3.65 -1.31 -5.36
C ASN E 236 2.97 -0.16 -6.10
N ILE E 237 2.00 0.53 -5.47
CA ILE E 237 1.23 1.50 -6.25
C ILE E 237 2.13 2.66 -6.67
N THR E 238 2.96 3.15 -5.76
CA THR E 238 3.81 4.33 -5.96
C THR E 238 3.12 5.49 -6.67
N ASN E 239 2.30 6.26 -5.95
CA ASN E 239 1.64 7.43 -6.54
C ASN E 239 1.12 8.34 -5.43
N ASN E 240 2.03 9.15 -4.89
CA ASN E 240 1.78 10.12 -3.81
C ASN E 240 1.13 9.52 -2.56
N ALA E 241 1.14 8.21 -2.35
CA ALA E 241 0.40 7.72 -1.20
C ALA E 241 1.26 7.11 -0.11
N LYS E 242 2.35 6.47 -0.46
CA LYS E 242 3.23 5.84 0.50
C LYS E 242 4.26 6.81 1.08
N ASN E 243 5.29 6.23 1.70
CA ASN E 243 6.37 6.92 2.39
C ASN E 243 7.63 6.26 1.85
N ILE E 244 8.50 7.05 1.23
CA ILE E 244 9.70 6.47 0.61
C ILE E 244 10.74 6.14 1.66
N LEU E 245 11.19 4.88 1.66
CA LEU E 245 12.23 4.40 2.55
C LEU E 245 13.54 4.38 1.79
N VAL E 246 14.59 4.95 2.38
CA VAL E 246 15.90 4.99 1.75
C VAL E 246 16.93 4.36 2.68
N GLN E 247 17.74 3.45 2.13
CA GLN E 247 18.82 2.80 2.86
C GLN E 247 20.10 3.08 2.10
N LEU E 248 21.06 3.70 2.78
CA LEU E 248 22.29 4.13 2.12
C LEU E 248 23.37 3.06 2.20
N ASN E 249 24.30 3.12 1.25
CA ASN E 249 25.47 2.25 1.30
C ASN E 249 26.63 2.87 2.06
N THR E 250 26.74 4.20 2.04
CA THR E 250 27.74 4.91 2.80
C THR E 250 27.06 5.76 3.86
N PRO E 251 27.49 5.69 5.11
CA PRO E 251 26.85 6.49 6.15
C PRO E 251 27.39 7.91 6.14
N VAL E 252 26.50 8.87 6.37
CA VAL E 252 26.95 10.23 6.60
C VAL E 252 27.09 10.42 8.10
N GLN E 253 27.95 11.35 8.51
CA GLN E 253 28.17 11.65 9.91
C GLN E 253 27.54 12.98 10.28
N ILE E 254 26.89 13.02 11.43
CA ILE E 254 26.25 14.22 11.93
C ILE E 254 26.58 14.41 13.41
N ASN E 255 27.13 15.57 13.74
CA ASN E 255 27.49 15.91 15.12
C ASN E 255 26.50 16.94 15.62
N CYS E 256 25.82 16.64 16.72
CA CYS E 256 24.85 17.54 17.33
C CYS E 256 25.32 17.87 18.75
N THR E 257 25.40 19.17 19.05
CA THR E 257 25.86 19.63 20.34
C THR E 257 24.88 20.67 20.87
N ARG E 258 24.62 20.61 22.18
CA ARG E 258 23.95 21.70 22.90
C ARG E 258 24.95 22.41 23.79
N PRO E 259 25.45 23.57 23.39
CA PRO E 259 26.59 24.19 24.11
C PRO E 259 26.24 24.71 25.48
N ASN E 260 24.97 24.94 25.78
CA ASN E 260 24.55 25.49 27.07
C ASN E 260 24.94 24.57 28.21
N ASN E 261 25.50 25.18 29.27
CA ASN E 261 26.03 24.50 30.45
C ASN E 261 24.96 24.44 31.54
N ASN E 262 24.04 23.50 31.39
CA ASN E 262 22.89 23.47 32.28
C ASN E 262 23.34 22.97 33.66
N THR E 263 22.49 23.18 34.66
CA THR E 263 22.76 22.71 36.02
C THR E 263 21.49 22.07 36.58
N VAL E 264 21.39 22.01 37.91
CA VAL E 264 20.26 21.38 38.58
C VAL E 264 19.67 22.37 39.57
N LYS E 265 18.37 22.21 39.85
CA LYS E 265 17.65 23.15 40.69
C LYS E 265 16.23 22.60 40.92
N SER E 266 15.56 23.15 41.94
CA SER E 266 14.17 22.81 42.31
C SER E 266 14.03 21.29 42.41
N ILE E 267 14.75 20.75 43.37
CA ILE E 267 14.75 19.33 43.68
C ILE E 267 13.46 18.74 44.28
N ARG E 268 13.12 19.08 45.52
CA ARG E 268 11.97 18.45 46.15
C ARG E 268 10.61 19.03 45.82
N ILE E 269 9.70 18.16 45.33
CA ILE E 269 8.35 18.51 44.91
C ILE E 269 7.32 17.72 45.71
N GLY E 270 7.53 16.41 45.80
CA GLY E 270 6.80 15.39 46.48
C GLY E 270 7.52 15.07 47.78
N PRO E 271 7.01 14.12 48.54
CA PRO E 271 7.73 13.74 49.75
C PRO E 271 9.07 13.20 49.29
N GLY E 272 10.08 14.01 49.61
CA GLY E 272 11.46 13.79 49.25
C GLY E 272 11.85 14.44 47.93
N GLN E 273 13.17 14.54 47.72
CA GLN E 273 13.76 15.17 46.54
C GLN E 273 13.37 14.42 45.28
N TRP E 274 12.48 15.00 44.46
CA TRP E 274 11.85 14.22 43.41
C TRP E 274 11.89 14.82 42.00
N PHE E 275 12.53 15.96 41.78
CA PHE E 275 12.37 16.55 40.46
C PHE E 275 13.60 17.37 40.09
N TYR E 276 14.05 17.21 38.86
CA TYR E 276 15.23 17.88 38.35
C TYR E 276 14.85 19.07 37.46
N TYR E 277 15.69 20.12 37.46
CA TYR E 277 15.42 21.26 36.60
C TYR E 277 16.71 21.94 36.19
N THR E 278 16.55 22.99 35.37
CA THR E 278 17.68 23.64 34.71
C THR E 278 18.03 24.95 35.42
N GLY E 279 19.23 24.98 36.01
CA GLY E 279 19.75 26.18 36.60
C GLY E 279 20.18 27.14 35.50
N ASP E 280 20.72 28.27 35.92
CA ASP E 280 21.15 29.27 34.96
C ASP E 280 22.35 28.72 34.18
N ILE E 281 22.43 29.08 32.90
CA ILE E 281 23.56 28.62 32.09
C ILE E 281 24.83 29.32 32.57
N ILE E 282 25.92 28.58 32.55
CA ILE E 282 27.24 29.10 32.90
C ILE E 282 28.04 29.23 31.61
N GLY E 283 28.48 30.45 31.32
CA GLY E 283 29.20 30.73 30.11
C GLY E 283 28.30 31.32 29.05
N ASP E 284 28.72 31.18 27.80
CA ASP E 284 28.00 31.84 26.72
C ASP E 284 26.64 31.18 26.49
N ILE E 285 25.78 31.93 25.80
CA ILE E 285 24.47 31.45 25.38
C ILE E 285 24.58 31.14 23.90
N ARG E 286 24.66 29.84 23.59
CA ARG E 286 24.73 29.35 22.22
C ARG E 286 23.56 28.41 21.99
N GLN E 287 23.02 28.43 20.79
CA GLN E 287 21.89 27.60 20.43
C GLN E 287 22.40 26.29 19.82
N ALA E 288 21.61 25.24 20.01
CA ALA E 288 22.02 23.92 19.54
C ALA E 288 22.07 23.87 18.03
N HIS E 289 22.94 23.01 17.51
CA HIS E 289 23.19 22.91 16.08
C HIS E 289 23.73 21.53 15.78
N CYS E 290 23.81 21.22 14.48
CA CYS E 290 24.40 19.99 13.98
C CYS E 290 25.12 20.29 12.67
N ASN E 291 26.37 19.84 12.55
CA ASN E 291 27.02 19.94 11.26
C ASN E 291 26.99 18.62 10.49
N VAL E 292 26.97 18.77 9.16
CA VAL E 292 27.04 17.68 8.18
C VAL E 292 27.96 18.16 7.06
N SER E 293 28.99 17.39 6.74
CA SER E 293 29.92 17.80 5.69
C SER E 293 29.17 18.10 4.40
N LYS E 294 29.33 19.33 3.91
CA LYS E 294 28.56 19.79 2.75
C LYS E 294 28.94 19.00 1.50
N ALA E 295 30.22 18.63 1.39
CA ALA E 295 30.68 17.85 0.24
C ALA E 295 29.99 16.50 0.22
N THR E 296 30.11 15.76 1.34
CA THR E 296 29.53 14.43 1.42
C THR E 296 28.02 14.46 1.26
N TRP E 297 27.34 15.46 1.84
CA TRP E 297 25.89 15.52 1.68
C TRP E 297 25.48 15.88 0.26
N ASN E 298 26.30 16.63 -0.48
CA ASN E 298 25.95 16.90 -1.87
C ASN E 298 26.17 15.68 -2.74
N GLU E 299 27.25 14.93 -2.47
CA GLU E 299 27.48 13.67 -3.17
C GLU E 299 26.36 12.68 -2.89
N THR E 300 26.01 12.51 -1.61
CA THR E 300 24.96 11.57 -1.25
C THR E 300 23.63 11.95 -1.87
N LEU E 301 23.27 13.23 -1.86
CA LEU E 301 22.03 13.64 -2.51
C LEU E 301 22.09 13.38 -4.02
N GLY E 302 23.25 13.56 -4.63
CA GLY E 302 23.37 13.26 -6.05
C GLY E 302 23.13 11.78 -6.34
N LYS E 303 23.78 10.91 -5.57
CA LYS E 303 23.57 9.47 -5.79
C LYS E 303 22.12 9.08 -5.50
N VAL E 304 21.48 9.80 -4.58
CA VAL E 304 20.08 9.53 -4.27
C VAL E 304 19.23 9.85 -5.50
N VAL E 305 19.43 11.02 -6.11
CA VAL E 305 18.57 11.35 -7.25
C VAL E 305 18.88 10.45 -8.44
N LYS E 306 20.11 9.92 -8.51
CA LYS E 306 20.43 8.94 -9.55
C LYS E 306 19.64 7.66 -9.35
N GLN E 307 19.57 7.19 -8.10
CA GLN E 307 18.77 6.00 -7.86
C GLN E 307 17.28 6.30 -7.89
N LEU E 308 16.89 7.56 -7.71
CA LEU E 308 15.47 7.84 -7.83
C LEU E 308 15.07 7.70 -9.29
N ARG E 309 15.88 8.26 -10.20
CA ARG E 309 15.43 8.11 -11.58
C ARG E 309 15.60 6.66 -12.02
N LYS E 310 16.43 5.90 -11.30
CA LYS E 310 16.60 4.46 -11.52
C LYS E 310 15.30 3.73 -11.20
N HIS E 311 14.93 3.60 -9.90
CA HIS E 311 13.64 2.96 -9.62
C HIS E 311 12.46 3.64 -10.29
N PHE E 312 12.48 4.96 -10.48
CA PHE E 312 11.30 5.56 -11.13
C PHE E 312 11.06 4.90 -12.49
N GLY E 313 12.12 4.78 -13.28
CA GLY E 313 12.06 4.20 -14.60
C GLY E 313 11.95 5.23 -15.70
N ASN E 314 11.57 6.45 -15.35
CA ASN E 314 11.35 7.51 -16.33
C ASN E 314 11.97 8.83 -15.91
N ASN E 315 12.72 9.42 -16.83
CA ASN E 315 13.30 10.75 -16.69
C ASN E 315 12.19 11.69 -16.26
N THR E 316 12.43 12.44 -15.19
CA THR E 316 11.41 13.36 -14.71
C THR E 316 12.05 14.33 -13.74
N ILE E 317 11.32 15.42 -13.52
CA ILE E 317 11.80 16.52 -12.69
C ILE E 317 11.59 16.12 -11.25
N ILE E 318 12.70 15.94 -10.54
CA ILE E 318 12.77 15.53 -9.15
C ILE E 318 13.40 16.67 -8.37
N ARG E 319 12.60 17.34 -7.55
CA ARG E 319 13.16 18.44 -6.79
C ARG E 319 13.11 18.12 -5.31
N PHE E 320 13.91 18.88 -4.58
CA PHE E 320 14.04 18.77 -3.13
C PHE E 320 13.85 20.09 -2.45
N ALA E 321 13.90 21.20 -3.18
CA ALA E 321 13.78 22.54 -2.65
C ALA E 321 12.69 22.66 -1.61
N ASN E 322 11.49 22.25 -1.97
CA ASN E 322 10.42 22.37 -1.02
C ASN E 322 10.44 21.24 0.00
N SER E 323 9.69 21.47 1.06
CA SER E 323 9.49 20.59 2.19
C SER E 323 8.22 21.10 2.86
N SER E 324 7.41 20.19 3.37
CA SER E 324 6.14 20.57 3.96
C SER E 324 5.99 19.86 5.29
N GLY E 325 5.29 20.51 6.19
CA GLY E 325 5.18 20.03 7.56
C GLY E 325 3.78 19.98 8.14
N GLY E 326 3.54 18.92 8.89
CA GLY E 326 2.38 18.78 9.75
C GLY E 326 2.93 18.66 11.15
N ASP E 327 2.33 19.40 12.10
CA ASP E 327 2.74 19.41 13.49
C ASP E 327 4.11 20.06 13.68
N LEU E 328 5.07 19.24 14.09
CA LEU E 328 6.44 19.65 14.42
C LEU E 328 7.36 18.50 14.01
N GLU E 329 6.87 17.27 14.13
CA GLU E 329 7.69 16.10 13.93
C GLU E 329 7.99 15.88 12.46
N VAL E 330 7.28 16.56 11.54
CA VAL E 330 7.63 16.44 10.15
C VAL E 330 8.38 17.68 9.65
N THR E 331 8.31 18.81 10.36
CA THR E 331 9.09 19.90 9.81
C THR E 331 10.52 19.79 10.28
N THR E 332 10.73 19.09 11.40
CA THR E 332 12.03 18.97 12.02
C THR E 332 12.46 17.51 12.07
N HIS E 333 13.77 17.29 11.98
CA HIS E 333 14.36 15.97 12.18
C HIS E 333 14.20 15.60 13.66
N SER E 334 13.11 14.97 14.10
CA SER E 334 13.04 14.69 15.54
C SER E 334 13.79 13.40 15.88
N PHE E 335 14.50 13.45 17.01
CA PHE E 335 15.29 12.33 17.53
C PHE E 335 15.66 12.62 18.99
N ASN E 336 16.42 11.70 19.59
CA ASN E 336 16.89 11.79 20.97
C ASN E 336 18.41 11.64 21.05
N CYS E 337 19.03 12.46 21.90
CA CYS E 337 20.49 12.51 22.06
C CYS E 337 20.87 12.78 23.50
N GLY E 338 21.38 11.76 24.19
CA GLY E 338 21.83 11.88 25.57
C GLY E 338 20.74 12.08 26.60
N GLY E 339 19.47 12.02 26.21
CA GLY E 339 18.36 12.26 27.10
C GLY E 339 17.65 13.56 26.86
N GLU E 340 18.15 14.39 25.95
CA GLU E 340 17.49 15.61 25.53
C GLU E 340 16.96 15.41 24.12
N PHE E 341 15.82 16.01 23.82
CA PHE E 341 15.12 15.74 22.58
C PHE E 341 15.27 16.91 21.61
N PHE E 342 15.93 16.65 20.48
CA PHE E 342 16.30 17.69 19.55
C PHE E 342 15.34 17.71 18.36
N TYR E 343 15.10 18.91 17.83
CA TYR E 343 14.19 19.13 16.71
C TYR E 343 14.87 20.13 15.79
N CYS E 344 15.23 19.70 14.58
CA CYS E 344 16.18 20.42 13.73
C CYS E 344 15.58 20.84 12.39
N ASN E 345 15.80 22.11 12.05
CA ASN E 345 15.53 22.68 10.73
C ASN E 345 16.38 22.05 9.65
N THR E 346 15.75 21.29 8.76
CA THR E 346 16.43 20.59 7.69
C THR E 346 16.36 21.33 6.36
N SER E 347 15.87 22.57 6.35
CA SER E 347 15.66 23.29 5.09
C SER E 347 16.95 23.47 4.29
N GLY E 348 18.10 23.58 4.98
CA GLY E 348 19.36 23.73 4.27
C GLY E 348 19.76 22.49 3.49
N LEU E 349 19.30 21.32 3.93
CA LEU E 349 19.61 20.05 3.29
C LEU E 349 18.69 19.75 2.12
N PHE E 350 17.49 20.33 2.13
CA PHE E 350 16.38 20.10 1.22
C PHE E 350 15.97 21.36 0.47
N ASN E 351 16.91 21.95 -0.27
CA ASN E 351 16.62 23.13 -1.07
C ASN E 351 17.13 22.78 -2.47
N SER E 352 17.78 23.69 -3.18
CA SER E 352 18.12 23.41 -4.57
C SER E 352 19.45 24.13 -4.77
N THR E 353 20.53 23.35 -4.70
CA THR E 353 21.88 23.83 -4.91
C THR E 353 22.23 24.75 -3.75
N TRP E 354 21.74 24.36 -2.57
CA TRP E 354 21.83 25.20 -1.36
C TRP E 354 23.27 25.57 -1.08
N ILE E 355 24.23 24.70 -1.46
CA ILE E 355 25.62 24.99 -1.19
C ILE E 355 26.06 26.18 -2.03
N SER E 356 27.17 26.80 -1.64
CA SER E 356 27.78 27.91 -2.40
C SER E 356 26.77 29.03 -2.71
N GLY E 357 31.12 25.21 -0.08
CA GLY E 357 30.69 26.48 -0.65
C GLY E 357 30.38 27.54 0.37
N SER E 358 29.08 27.70 0.69
CA SER E 358 28.67 28.69 1.68
C SER E 358 29.19 28.35 3.07
N ASN E 359 29.44 27.06 3.34
CA ASN E 359 30.03 26.64 4.59
C ASN E 359 30.88 25.40 4.34
N ASP E 360 31.94 25.26 5.14
CA ASP E 360 32.71 24.01 5.12
C ASP E 360 31.81 22.83 5.43
N SER E 361 30.93 22.99 6.41
CA SER E 361 29.98 21.97 6.85
C SER E 361 28.66 22.67 7.05
N ILE E 362 27.59 22.13 6.45
CA ILE E 362 26.28 22.73 6.65
C ILE E 362 25.89 22.65 8.12
N THR E 363 25.27 23.71 8.61
CA THR E 363 24.85 23.81 10.00
C THR E 363 23.34 23.99 10.03
N LEU E 364 22.67 23.26 10.92
CA LEU E 364 21.23 23.28 11.03
C LEU E 364 20.86 23.74 12.42
N PRO E 365 20.00 24.74 12.56
CA PRO E 365 19.57 25.14 13.90
C PRO E 365 18.59 24.14 14.45
N CYS E 366 18.76 23.81 15.73
CA CYS E 366 17.93 22.83 16.41
C CYS E 366 17.45 23.44 17.71
N ARG E 367 16.14 23.41 17.92
CA ARG E 367 15.58 23.81 19.20
C ARG E 367 15.38 22.55 20.03
N ILE E 368 15.19 22.74 21.33
CA ILE E 368 15.13 21.64 22.26
C ILE E 368 13.84 21.68 23.07
N LYS E 369 13.21 20.52 23.21
CA LYS E 369 12.04 20.35 24.02
C LYS E 369 12.30 19.29 25.09
N GLN E 370 11.72 19.51 26.26
CA GLN E 370 11.77 18.56 27.35
C GLN E 370 10.40 17.93 27.51
N ILE E 371 9.41 18.49 26.82
CA ILE E 371 8.07 17.95 26.68
C ILE E 371 7.96 17.52 25.23
N ILE E 372 7.61 16.26 25.04
CA ILE E 372 7.66 15.49 23.80
C ILE E 372 6.38 14.70 23.78
N ASN E 373 5.87 14.39 22.58
CA ASN E 373 4.70 13.53 22.54
C ASN E 373 4.85 12.33 21.62
N MET E 374 5.99 11.65 21.73
CA MET E 374 6.29 10.46 20.94
C MET E 374 5.68 9.27 21.70
N TRP E 375 4.70 8.62 21.06
CA TRP E 375 3.96 7.51 21.68
C TRP E 375 3.24 7.95 22.95
N GLN E 376 2.75 9.17 22.98
CA GLN E 376 2.01 9.61 24.14
C GLN E 376 0.59 9.95 23.77
N ARG E 377 0.09 9.27 22.77
CA ARG E 377 -1.20 9.47 22.14
C ARG E 377 -1.90 10.76 22.56
N ILE E 378 -2.95 10.63 23.36
CA ILE E 378 -3.61 11.76 23.99
C ILE E 378 -3.31 11.92 25.48
N GLY E 379 -3.13 10.82 26.24
CA GLY E 379 -3.10 10.95 27.69
C GLY E 379 -1.91 11.25 28.57
N GLN E 380 -0.75 10.65 28.33
CA GLN E 380 0.40 10.80 29.23
C GLN E 380 1.62 11.36 28.52
N ALA E 381 2.02 12.58 28.89
CA ALA E 381 3.20 13.18 28.31
C ALA E 381 4.41 12.95 29.21
N MET E 382 5.60 13.13 28.64
CA MET E 382 6.85 12.88 29.36
C MET E 382 7.74 14.11 29.40
N TYR E 383 8.30 14.37 30.59
CA TYR E 383 9.29 15.42 30.79
C TYR E 383 10.69 14.82 30.86
N ALA E 384 11.52 15.12 29.86
CA ALA E 384 12.90 14.64 29.86
C ALA E 384 13.69 15.48 30.87
N PRO E 385 14.33 14.88 31.87
CA PRO E 385 15.06 15.69 32.85
C PRO E 385 16.24 16.42 32.22
N PRO E 386 16.58 17.61 32.71
CA PRO E 386 17.71 18.35 32.15
C PRO E 386 19.04 17.64 32.37
N ILE E 387 19.97 17.84 31.43
CA ILE E 387 21.28 17.19 31.47
C ILE E 387 22.31 18.25 31.84
N GLN E 388 23.10 17.97 32.89
CA GLN E 388 24.07 18.94 33.37
C GLN E 388 25.27 18.95 32.43
N GLY E 389 25.78 20.15 32.14
CA GLY E 389 26.94 20.25 31.28
C GLY E 389 26.57 20.32 29.82
N VAL E 390 27.59 20.38 28.98
CA VAL E 390 27.41 20.45 27.54
C VAL E 390 27.14 19.05 26.99
N ILE E 391 26.29 18.99 25.95
CA ILE E 391 25.84 17.76 25.32
C ILE E 391 26.46 17.69 23.93
N ARG E 392 26.94 16.51 23.55
CA ARG E 392 27.50 16.33 22.21
C ARG E 392 27.47 14.85 21.85
N CYS E 393 26.76 14.50 20.77
CA CYS E 393 26.66 13.14 20.29
C CYS E 393 26.93 13.11 18.79
N VAL E 394 27.62 12.04 18.37
CA VAL E 394 27.95 11.78 16.98
C VAL E 394 27.07 10.64 16.49
N SER E 395 26.40 10.84 15.36
CA SER E 395 25.45 9.85 14.87
C SER E 395 25.75 9.51 13.41
N ASN E 396 25.66 8.22 13.11
CA ASN E 396 25.64 7.69 11.76
C ASN E 396 24.26 7.91 11.13
N ILE E 397 24.20 8.56 9.96
CA ILE E 397 22.93 8.65 9.23
C ILE E 397 22.95 7.58 8.14
N THR E 398 22.20 6.50 8.38
CA THR E 398 22.22 5.33 7.51
C THR E 398 21.07 5.31 6.51
N GLY E 399 19.96 5.97 6.85
CA GLY E 399 18.75 5.91 6.06
C GLY E 399 18.06 7.26 6.03
N LEU E 400 16.95 7.30 5.31
CA LEU E 400 16.15 8.50 5.19
C LEU E 400 14.68 8.12 5.15
N ILE E 401 13.80 9.08 5.45
CA ILE E 401 12.38 8.85 5.27
C ILE E 401 11.85 10.05 4.48
N LEU E 402 11.34 9.77 3.29
CA LEU E 402 10.91 10.71 2.27
C LEU E 402 9.44 10.47 1.92
N THR E 403 8.92 11.34 1.07
CA THR E 403 7.57 11.20 0.57
C THR E 403 7.54 11.97 -0.74
N ARG E 404 6.90 11.38 -1.74
CA ARG E 404 6.70 11.98 -3.04
C ARG E 404 5.50 12.93 -3.05
N ASP E 405 5.45 13.73 -4.12
CA ASP E 405 4.32 14.59 -4.44
C ASP E 405 3.91 14.35 -5.88
N GLY E 406 3.81 13.06 -6.23
CA GLY E 406 3.24 12.59 -7.48
C GLY E 406 2.03 13.32 -8.01
N GLY E 407 2.09 13.68 -9.28
CA GLY E 407 1.06 14.50 -9.88
C GLY E 407 1.10 14.36 -11.39
N SER E 408 0.04 13.80 -11.96
CA SER E 408 -0.06 13.64 -13.41
C SER E 408 -0.01 15.00 -14.10
N THR E 409 1.20 15.54 -14.27
CA THR E 409 1.42 16.78 -15.01
C THR E 409 2.27 16.55 -16.26
N ASN E 410 2.24 15.34 -16.80
CA ASN E 410 3.20 14.85 -17.79
C ASN E 410 4.65 15.04 -17.34
N SER E 411 5.00 14.39 -16.23
CA SER E 411 6.39 14.27 -15.77
C SER E 411 6.99 15.61 -15.36
N THR E 412 6.23 16.71 -15.43
CA THR E 412 6.71 18.00 -14.96
C THR E 412 6.86 18.01 -13.44
N THR E 413 5.76 17.82 -12.72
CA THR E 413 5.85 17.75 -11.27
C THR E 413 6.28 16.36 -10.79
N GLU E 414 6.99 16.35 -9.67
CA GLU E 414 7.58 15.21 -8.97
C GLU E 414 8.59 15.75 -7.96
N THR E 415 8.11 16.00 -6.76
CA THR E 415 8.84 16.65 -5.70
C THR E 415 8.89 15.72 -4.49
N PHE E 416 10.05 15.65 -3.86
CA PHE E 416 10.31 14.75 -2.76
C PHE E 416 10.74 15.63 -1.61
N ARG E 417 9.97 15.57 -0.53
CA ARG E 417 10.04 16.23 0.74
C ARG E 417 10.32 15.24 1.86
N PRO E 418 11.07 15.65 2.86
CA PRO E 418 11.38 14.74 3.97
C PRO E 418 10.21 14.57 4.93
N GLY E 419 9.41 13.53 4.70
CA GLY E 419 8.30 13.27 5.60
C GLY E 419 8.79 12.98 7.01
N GLY E 420 7.87 13.05 7.96
CA GLY E 420 8.21 12.76 9.34
C GLY E 420 7.56 11.45 9.78
N GLY E 421 7.63 10.47 8.89
CA GLY E 421 6.97 9.21 9.05
C GLY E 421 7.07 8.51 10.39
N ASP E 422 6.04 7.72 10.69
CA ASP E 422 5.84 6.90 11.87
C ASP E 422 7.12 6.16 12.24
N MET E 423 7.21 5.68 13.48
CA MET E 423 8.38 4.91 13.85
C MET E 423 8.31 3.50 13.32
N ARG E 424 7.14 2.99 12.94
CA ARG E 424 7.14 1.61 12.47
C ARG E 424 7.96 1.51 11.21
N ASP E 425 7.96 2.56 10.38
CA ASP E 425 8.73 2.54 9.14
C ASP E 425 10.21 2.36 9.42
N ASN E 426 10.68 2.84 10.59
CA ASN E 426 12.05 2.60 11.02
C ASN E 426 12.30 1.12 11.28
N TRP E 427 11.32 0.44 11.84
CA TRP E 427 11.47 -1.00 12.06
C TRP E 427 11.41 -1.73 10.73
N ARG E 428 10.54 -1.30 9.81
CA ARG E 428 10.50 -1.91 8.49
C ARG E 428 11.84 -1.74 7.78
N SER E 429 12.55 -0.65 8.06
CA SER E 429 13.84 -0.37 7.43
C SER E 429 14.91 -1.39 7.82
N GLU E 430 14.75 -2.07 8.96
CA GLU E 430 15.69 -3.09 9.40
C GLU E 430 15.11 -4.51 9.41
N LEU E 431 13.80 -4.65 9.24
CA LEU E 431 13.14 -5.94 9.18
C LEU E 431 12.82 -6.35 7.75
N TYR E 432 13.33 -5.61 6.76
CA TYR E 432 12.99 -5.90 5.37
C TYR E 432 13.49 -7.26 4.95
N LYS E 433 14.57 -7.74 5.56
CA LYS E 433 15.20 -8.99 5.12
C LYS E 433 14.68 -10.20 5.88
N TYR E 434 13.96 -10.00 6.98
CA TYR E 434 13.53 -11.09 7.84
C TYR E 434 12.04 -11.40 7.64
N LYS E 435 11.67 -12.62 8.01
CA LYS E 435 10.30 -13.10 7.83
C LYS E 435 10.06 -14.29 8.75
N VAL E 436 8.84 -14.41 9.25
CA VAL E 436 8.46 -15.42 10.23
C VAL E 436 7.60 -16.46 9.51
N VAL E 437 7.93 -17.75 9.71
CA VAL E 437 7.16 -18.84 9.14
C VAL E 437 6.98 -19.94 10.19
N LYS E 438 5.91 -20.73 10.02
CA LYS E 438 5.65 -21.87 10.87
C LYS E 438 5.92 -23.16 10.10
N ILE E 439 6.54 -24.12 10.76
CA ILE E 439 6.89 -25.38 10.12
C ILE E 439 5.70 -26.33 10.15
N GLU E 440 5.33 -26.85 8.98
CA GLU E 440 4.33 -27.90 8.87
C GLU E 440 5.07 -29.17 8.49
N PRO E 441 5.55 -29.94 9.48
CA PRO E 441 6.46 -31.06 9.20
C PRO E 441 5.77 -32.33 8.72
N LEU E 442 4.47 -32.31 8.44
CA LEU E 442 3.74 -33.52 8.09
C LEU E 442 3.50 -33.58 6.58
N GLY E 443 4.18 -34.51 5.91
CA GLY E 443 3.98 -34.75 4.49
C GLY E 443 3.61 -36.20 4.24
N VAL E 444 2.62 -36.41 3.38
CA VAL E 444 2.20 -37.75 2.98
C VAL E 444 2.40 -37.92 1.47
N ALA E 445 3.02 -39.04 1.08
CA ALA E 445 3.39 -39.30 -0.30
C ALA E 445 3.27 -40.78 -0.61
N PRO E 446 3.03 -41.15 -1.88
CA PRO E 446 2.88 -42.57 -2.24
C PRO E 446 4.22 -43.21 -2.59
N THR E 447 4.56 -44.34 -1.96
CA THR E 447 5.73 -45.12 -2.36
C THR E 447 5.42 -46.60 -2.60
N ARG E 448 4.15 -46.92 -2.81
CA ARG E 448 3.67 -48.26 -3.15
C ARG E 448 4.21 -49.33 -2.21
N CYS E 449 4.05 -49.10 -0.90
CA CYS E 449 4.48 -50.03 0.13
C CYS E 449 3.32 -50.15 1.11
N LYS E 450 2.93 -51.35 1.52
CA LYS E 450 1.88 -51.35 2.52
C LYS E 450 2.24 -52.14 3.76
N ARG E 451 1.83 -51.62 4.92
CA ARG E 451 1.97 -52.38 6.15
C ARG E 451 0.92 -53.48 6.13
N ARG E 452 1.09 -54.57 5.38
CA ARG E 452 0.09 -55.63 5.45
C ARG E 452 -0.11 -56.10 6.89
N VAL E 453 0.98 -56.51 7.55
CA VAL E 453 0.88 -57.09 8.89
C VAL E 453 0.43 -55.99 9.85
N VAL E 454 -0.44 -56.34 10.79
CA VAL E 454 -0.94 -55.40 11.78
C VAL E 454 -0.39 -55.77 13.15
N GLY E 455 -0.11 -54.75 13.97
CA GLY E 455 0.41 -54.96 15.31
C GLY E 455 1.92 -54.91 15.38
N VAL F 1 28.30 -35.64 5.65
CA VAL F 1 28.16 -34.28 6.18
C VAL F 1 26.70 -33.86 6.05
N PHE F 2 26.23 -33.08 7.02
CA PHE F 2 24.80 -32.85 7.20
C PHE F 2 24.49 -31.38 7.02
N LEU F 3 23.51 -31.08 6.17
CA LEU F 3 23.44 -29.78 5.52
C LEU F 3 23.06 -28.72 6.55
N GLY F 4 22.38 -29.16 7.60
CA GLY F 4 21.98 -28.37 8.74
C GLY F 4 20.47 -28.26 8.79
N PHE F 5 19.99 -27.54 9.80
CA PHE F 5 18.55 -27.39 9.99
C PHE F 5 17.89 -26.85 8.72
N LEU F 6 16.90 -27.59 8.22
CA LEU F 6 16.16 -27.24 7.00
C LEU F 6 17.07 -27.13 5.77
N GLY F 7 18.24 -27.77 5.82
CA GLY F 7 19.20 -27.66 4.74
C GLY F 7 18.71 -28.20 3.41
N ALA F 8 17.95 -29.30 3.43
CA ALA F 8 17.48 -29.94 2.20
C ALA F 8 16.11 -29.44 1.76
N ALA F 9 15.74 -28.22 2.14
CA ALA F 9 14.43 -27.68 1.79
C ALA F 9 14.30 -27.44 0.29
N GLY F 10 15.42 -27.18 -0.39
CA GLY F 10 15.47 -27.05 -1.84
C GLY F 10 15.94 -28.30 -2.55
N SER F 11 16.16 -29.39 -1.84
CA SER F 11 16.59 -30.64 -2.42
C SER F 11 15.38 -31.45 -2.86
N THR F 12 15.66 -32.53 -3.59
CA THR F 12 14.59 -33.44 -4.01
C THR F 12 13.96 -34.08 -2.78
N MET F 13 12.70 -34.49 -2.93
CA MET F 13 11.96 -35.05 -1.80
C MET F 13 12.70 -36.23 -1.20
N GLY F 14 13.38 -37.02 -2.02
CA GLY F 14 14.13 -38.14 -1.50
C GLY F 14 15.28 -37.71 -0.62
N ALA F 15 16.00 -36.66 -1.03
CA ALA F 15 17.11 -36.18 -0.22
C ALA F 15 16.62 -35.61 1.10
N ALA F 16 15.51 -34.86 1.09
CA ALA F 16 15.05 -34.34 2.37
C ALA F 16 14.56 -35.49 3.24
N SER F 17 13.94 -36.50 2.60
CA SER F 17 13.43 -37.62 3.38
C SER F 17 14.59 -38.36 4.02
N MET F 18 15.82 -38.12 3.54
CA MET F 18 16.95 -38.77 4.17
C MET F 18 17.35 -38.00 5.41
N THR F 19 17.16 -36.67 5.39
CA THR F 19 17.53 -35.88 6.56
C THR F 19 16.29 -35.28 7.21
N LEU F 20 15.28 -36.11 7.46
CA LEU F 20 14.14 -35.60 8.23
C LEU F 20 14.43 -35.50 9.73
N THR F 21 15.41 -36.26 10.24
CA THR F 21 15.80 -36.08 11.64
C THR F 21 16.31 -34.68 11.90
N VAL F 22 16.94 -34.07 10.91
CA VAL F 22 17.52 -32.73 11.07
C VAL F 22 16.41 -31.72 11.33
N GLN F 23 15.34 -31.80 10.53
CA GLN F 23 14.19 -30.93 10.73
C GLN F 23 13.44 -31.31 11.99
N ALA F 24 13.57 -32.57 12.43
CA ALA F 24 12.83 -33.02 13.61
C ALA F 24 13.46 -32.43 14.85
N ARG F 25 14.79 -32.27 14.84
CA ARG F 25 15.50 -31.73 15.99
C ARG F 25 15.12 -30.29 16.30
N ASN F 26 14.75 -29.45 15.31
CA ASN F 26 14.55 -28.08 15.79
C ASN F 26 13.26 -27.90 16.59
N LEU F 27 12.55 -29.00 16.87
CA LEU F 27 11.31 -29.00 17.62
C LEU F 27 11.59 -29.09 19.10
N LEU F 28 12.76 -29.63 19.42
CA LEU F 28 13.29 -29.98 20.74
C LEU F 28 14.45 -29.12 21.22
N SER F 29 15.39 -28.76 20.36
CA SER F 29 16.56 -28.02 20.84
C SER F 29 16.37 -26.52 20.82
N GLY F 30 15.21 -26.04 20.37
CA GLY F 30 14.78 -24.69 20.67
C GLY F 30 14.16 -24.66 22.06
N ILE F 31 13.44 -25.73 22.39
CA ILE F 31 12.66 -25.81 23.63
C ILE F 31 13.40 -26.45 24.79
N VAL F 32 14.52 -27.16 24.55
CA VAL F 32 15.44 -27.54 25.62
C VAL F 32 16.14 -26.34 26.24
N GLN F 33 16.54 -25.35 25.44
CA GLN F 33 17.26 -24.23 26.02
C GLN F 33 16.33 -23.34 26.84
N GLN F 34 15.07 -23.25 26.47
CA GLN F 34 14.12 -22.40 27.19
C GLN F 34 13.59 -23.04 28.47
N GLN F 35 13.17 -24.31 28.43
CA GLN F 35 12.86 -25.05 29.65
C GLN F 35 14.03 -25.22 30.61
N SER F 36 15.26 -25.31 30.09
CA SER F 36 16.45 -25.31 30.95
C SER F 36 16.40 -24.31 32.11
N ASN F 37 16.02 -23.07 31.82
CA ASN F 37 15.98 -21.98 32.80
C ASN F 37 17.15 -22.06 33.78
N LEU F 38 18.35 -22.31 33.24
CA LEU F 38 19.58 -22.42 34.01
C LEU F 38 20.31 -21.09 34.01
N LEU F 39 20.32 -20.46 32.83
CA LEU F 39 20.79 -19.12 32.55
C LEU F 39 19.69 -18.12 32.88
N ARG F 40 18.49 -18.64 33.15
CA ARG F 40 17.37 -17.84 33.58
C ARG F 40 17.13 -17.95 35.09
N ALA F 41 17.59 -19.04 35.70
CA ALA F 41 17.40 -19.22 37.15
C ALA F 41 17.91 -18.03 37.94
N PRO F 42 19.14 -17.50 37.70
CA PRO F 42 19.68 -16.45 38.58
C PRO F 42 19.50 -15.01 38.13
N GLU F 43 19.33 -14.75 36.84
CA GLU F 43 19.24 -13.38 36.35
C GLU F 43 17.97 -12.72 36.86
N CYS F 44 18.14 -11.87 37.90
CA CYS F 44 17.07 -11.12 38.53
C CYS F 44 15.88 -12.02 38.86
N GLN F 45 16.16 -13.03 39.69
CA GLN F 45 15.20 -14.09 40.00
C GLN F 45 14.69 -14.63 38.67
N GLN F 46 13.39 -14.66 38.44
CA GLN F 46 12.83 -15.32 37.27
C GLN F 46 12.60 -14.31 36.14
N HIS F 47 13.64 -13.52 35.84
CA HIS F 47 13.59 -12.44 34.85
C HIS F 47 12.48 -11.43 35.12
N LEU F 48 12.41 -10.97 36.38
CA LEU F 48 11.34 -10.12 36.86
C LEU F 48 10.02 -10.29 36.13
N LEU F 49 9.14 -11.13 36.65
CA LEU F 49 7.89 -11.46 35.96
C LEU F 49 6.75 -10.71 36.60
N LYS F 50 7.06 -9.87 37.57
CA LYS F 50 6.12 -8.99 38.23
C LYS F 50 6.13 -7.66 37.50
N ASP F 51 4.94 -7.17 37.14
CA ASP F 51 4.77 -5.94 36.37
C ASP F 51 5.42 -6.02 35.00
N THR F 52 5.74 -7.22 34.53
CA THR F 52 6.27 -7.43 33.19
C THR F 52 5.43 -8.52 32.53
N HIS F 53 4.50 -8.11 31.69
CA HIS F 53 3.62 -9.07 31.05
C HIS F 53 4.24 -9.67 29.79
N TRP F 54 5.19 -8.94 29.18
CA TRP F 54 6.10 -9.59 28.23
C TRP F 54 6.67 -10.90 28.77
N GLY F 55 6.89 -11.00 30.07
CA GLY F 55 7.40 -12.25 30.60
C GLY F 55 6.36 -13.34 30.43
N ILE F 56 5.10 -13.01 30.76
CA ILE F 56 4.00 -13.95 30.58
C ILE F 56 3.76 -14.15 29.08
N LYS F 57 3.80 -13.05 28.34
CA LYS F 57 3.65 -13.05 26.89
C LYS F 57 4.71 -13.96 26.27
N GLN F 58 5.95 -13.83 26.74
CA GLN F 58 7.04 -14.70 26.28
C GLN F 58 6.64 -16.14 26.57
N LEU F 59 6.19 -16.38 27.79
CA LEU F 59 5.83 -17.72 28.24
C LEU F 59 4.74 -18.30 27.35
N GLN F 60 3.76 -17.48 26.98
CA GLN F 60 2.70 -17.94 26.09
C GLN F 60 3.26 -18.34 24.73
N ALA F 61 4.35 -17.72 24.29
CA ALA F 61 4.96 -18.12 23.02
C ALA F 61 5.56 -19.51 23.17
N ARG F 62 6.20 -19.77 24.31
CA ARG F 62 6.80 -21.08 24.56
C ARG F 62 5.70 -22.14 24.58
N VAL F 63 4.54 -21.79 25.15
CA VAL F 63 3.39 -22.68 25.20
C VAL F 63 2.93 -23.05 23.79
N LEU F 64 2.90 -22.07 22.88
CA LEU F 64 2.42 -22.36 21.52
C LEU F 64 3.32 -23.37 20.83
N ALA F 65 4.62 -23.34 21.12
CA ALA F 65 5.57 -24.23 20.47
C ALA F 65 5.36 -25.68 20.91
N VAL F 66 5.27 -25.90 22.22
CA VAL F 66 5.03 -27.25 22.72
C VAL F 66 3.63 -27.70 22.34
N GLU F 67 2.70 -26.76 22.13
CA GLU F 67 1.35 -27.11 21.74
C GLU F 67 1.32 -27.62 20.31
N HIS F 68 2.14 -27.02 19.44
CA HIS F 68 2.23 -27.46 18.06
C HIS F 68 2.87 -28.84 17.97
N TYR F 69 3.96 -29.06 18.73
CA TYR F 69 4.54 -30.40 18.85
C TYR F 69 3.48 -31.43 19.22
N LEU F 70 2.61 -31.09 20.17
CA LEU F 70 1.61 -32.05 20.63
C LEU F 70 0.58 -32.32 19.55
N ARG F 71 0.39 -31.36 18.64
CA ARG F 71 -0.53 -31.58 17.53
C ARG F 71 0.01 -32.60 16.54
N ASP F 72 1.29 -32.48 16.21
CA ASP F 72 1.92 -33.44 15.30
C ASP F 72 2.06 -34.83 15.91
N GLN F 73 2.48 -34.91 17.18
CA GLN F 73 2.54 -36.22 17.83
C GLN F 73 1.16 -36.85 18.01
N GLN F 74 0.11 -36.05 18.16
CA GLN F 74 -1.23 -36.62 18.18
C GLN F 74 -1.59 -37.21 16.83
N LEU F 75 -1.26 -36.50 15.75
CA LEU F 75 -1.56 -37.01 14.41
C LEU F 75 -0.78 -38.29 14.13
N LEU F 76 0.50 -38.32 14.50
CA LEU F 76 1.25 -39.57 14.34
C LEU F 76 0.65 -40.67 15.21
N GLY F 77 0.09 -40.31 16.36
CA GLY F 77 -0.51 -41.31 17.24
C GLY F 77 -1.76 -41.94 16.69
N ILE F 78 -2.72 -41.12 16.22
CA ILE F 78 -3.97 -41.63 15.69
C ILE F 78 -3.83 -42.28 14.33
N TRP F 79 -2.66 -42.19 13.70
CA TRP F 79 -2.36 -42.91 12.48
C TRP F 79 -1.54 -44.17 12.75
N GLY F 80 -1.32 -44.49 14.02
CA GLY F 80 -0.55 -45.65 14.40
C GLY F 80 0.90 -45.60 13.97
N CYS F 81 1.50 -44.40 13.95
CA CYS F 81 2.87 -44.23 13.49
C CYS F 81 3.71 -43.50 14.52
N SER F 82 3.37 -43.67 15.80
CA SER F 82 3.96 -42.83 16.84
C SER F 82 5.48 -43.02 16.90
N GLY F 83 5.92 -44.28 16.92
CA GLY F 83 7.33 -44.58 17.15
C GLY F 83 8.23 -44.41 15.95
N LYS F 84 7.67 -44.27 14.74
CA LYS F 84 8.47 -44.33 13.53
C LYS F 84 8.41 -42.96 12.86
N LEU F 85 9.48 -42.62 12.14
CA LEU F 85 9.45 -41.42 11.30
C LEU F 85 8.90 -41.67 9.90
N ILE F 86 9.05 -42.88 9.37
CA ILE F 86 8.49 -43.27 8.07
C ILE F 86 7.60 -44.48 8.32
N CYS F 87 6.31 -44.33 8.02
CA CYS F 87 5.37 -45.44 8.14
C CYS F 87 4.52 -45.53 6.89
N CYS F 88 4.23 -46.77 6.50
CA CYS F 88 3.34 -47.06 5.39
C CYS F 88 1.97 -47.39 5.94
N THR F 89 0.94 -47.11 5.13
CA THR F 89 -0.43 -47.21 5.60
C THR F 89 -1.18 -48.16 4.67
N ASN F 90 -2.50 -48.24 4.87
CA ASN F 90 -3.37 -49.04 4.03
C ASN F 90 -4.15 -48.22 3.02
N VAL F 91 -4.11 -46.90 3.11
CA VAL F 91 -4.88 -46.01 2.25
C VAL F 91 -4.31 -46.04 0.84
N PRO F 92 -5.09 -46.42 -0.17
CA PRO F 92 -4.58 -46.34 -1.55
C PRO F 92 -4.56 -44.90 -2.03
N TRP F 93 -3.65 -44.63 -2.97
CA TRP F 93 -3.42 -43.29 -3.48
C TRP F 93 -4.38 -42.97 -4.62
N ASN F 94 -5.39 -42.15 -4.35
CA ASN F 94 -6.28 -41.71 -5.42
C ASN F 94 -5.57 -40.78 -6.38
N SER F 95 -5.66 -41.09 -7.68
CA SER F 95 -4.89 -40.42 -8.71
C SER F 95 -5.33 -38.98 -8.94
N SER F 96 -6.55 -38.63 -8.52
CA SER F 96 -7.04 -37.27 -8.69
C SER F 96 -6.22 -36.25 -7.91
N TRP F 97 -5.54 -36.69 -6.85
CA TRP F 97 -4.73 -35.78 -6.05
C TRP F 97 -3.53 -35.30 -6.85
N SER F 98 -2.72 -36.21 -7.37
CA SER F 98 -1.63 -35.86 -8.27
C SER F 98 -1.45 -36.98 -9.28
N ASN F 99 -1.19 -36.62 -10.53
CA ASN F 99 -1.01 -37.59 -11.60
C ASN F 99 0.47 -37.90 -11.88
N ARG F 100 1.38 -37.34 -11.10
CA ARG F 100 2.81 -37.46 -11.40
C ARG F 100 3.32 -38.84 -11.03
N ASN F 101 4.24 -39.37 -11.83
CA ASN F 101 4.83 -40.67 -11.54
C ASN F 101 5.84 -40.58 -10.40
N LEU F 102 6.30 -41.75 -9.96
CA LEU F 102 7.16 -41.82 -8.79
C LEU F 102 8.52 -41.17 -9.04
N SER F 103 9.12 -41.44 -10.21
CA SER F 103 10.42 -40.87 -10.51
C SER F 103 10.36 -39.35 -10.59
N GLU F 104 9.27 -38.83 -11.16
CA GLU F 104 9.15 -37.37 -11.28
C GLU F 104 8.92 -36.74 -9.93
N ILE F 105 8.28 -37.47 -9.01
CA ILE F 105 7.98 -36.92 -7.70
C ILE F 105 9.21 -36.90 -6.81
N TRP F 106 9.91 -38.03 -6.71
CA TRP F 106 10.98 -38.16 -5.72
C TRP F 106 12.35 -37.69 -6.22
N ASP F 107 12.51 -37.49 -7.53
CA ASP F 107 13.81 -37.12 -8.08
C ASP F 107 13.71 -35.87 -8.95
N ASN F 108 12.63 -35.11 -8.81
CA ASN F 108 12.42 -33.92 -9.64
C ASN F 108 11.66 -32.85 -8.89
N MET F 109 11.12 -33.17 -7.71
CA MET F 109 10.32 -32.21 -6.97
C MET F 109 10.87 -32.03 -5.56
N THR F 110 10.66 -30.84 -5.01
CA THR F 110 10.96 -30.54 -3.62
C THR F 110 9.70 -30.62 -2.76
N TRP F 111 9.90 -30.85 -1.46
CA TRP F 111 8.78 -30.96 -0.53
C TRP F 111 7.91 -29.70 -0.48
N LEU F 112 8.50 -28.53 -0.73
CA LEU F 112 7.73 -27.29 -0.71
C LEU F 112 6.65 -27.26 -1.80
N GLN F 113 7.07 -27.33 -3.06
CA GLN F 113 6.11 -27.33 -4.16
C GLN F 113 5.19 -28.55 -4.15
N TRP F 114 5.62 -29.66 -3.53
CA TRP F 114 4.70 -30.79 -3.37
C TRP F 114 3.60 -30.45 -2.37
N ASP F 115 3.98 -29.93 -1.19
CA ASP F 115 2.99 -29.54 -0.20
C ASP F 115 2.06 -28.47 -0.74
N LYS F 116 2.56 -27.62 -1.63
CA LYS F 116 1.72 -26.61 -2.25
C LYS F 116 0.75 -27.23 -3.26
N GLU F 117 1.21 -28.26 -3.98
CA GLU F 117 0.35 -28.90 -4.97
C GLU F 117 -0.75 -29.76 -4.32
N ILE F 118 -0.51 -30.27 -3.12
CA ILE F 118 -1.45 -31.19 -2.48
C ILE F 118 -2.18 -30.55 -1.30
N SER F 119 -1.86 -29.30 -0.94
CA SER F 119 -2.61 -28.61 0.12
C SER F 119 -4.12 -28.62 -0.11
N ASN F 120 -4.58 -28.85 -1.34
CA ASN F 120 -6.00 -28.84 -1.66
C ASN F 120 -6.72 -30.06 -1.07
N TYR F 121 -6.06 -31.22 -1.09
CA TYR F 121 -6.66 -32.50 -0.71
C TYR F 121 -6.11 -33.06 0.59
N THR F 122 -5.33 -32.26 1.33
CA THR F 122 -4.75 -32.71 2.60
C THR F 122 -5.81 -33.18 3.58
N GLN F 123 -6.90 -32.41 3.71
CA GLN F 123 -7.97 -32.77 4.64
C GLN F 123 -8.62 -34.10 4.24
N ILE F 124 -8.85 -34.32 2.94
CA ILE F 124 -9.42 -35.58 2.48
C ILE F 124 -8.48 -36.74 2.81
N ILE F 125 -7.18 -36.56 2.56
CA ILE F 125 -6.23 -37.63 2.85
C ILE F 125 -6.22 -37.93 4.34
N TYR F 126 -6.28 -36.88 5.17
CA TYR F 126 -6.33 -37.07 6.62
C TYR F 126 -7.60 -37.81 7.02
N GLY F 127 -8.70 -37.53 6.33
CA GLY F 127 -9.94 -38.23 6.61
C GLY F 127 -9.83 -39.71 6.30
N LEU F 128 -9.27 -40.04 5.14
CA LEU F 128 -9.01 -41.45 4.85
C LEU F 128 -8.03 -42.04 5.87
N LEU F 129 -7.14 -41.22 6.43
CA LEU F 129 -6.10 -41.68 7.35
C LEU F 129 -6.68 -42.00 8.72
N GLU F 130 -7.72 -41.26 9.10
CA GLU F 130 -8.44 -41.39 10.36
C GLU F 130 -9.49 -42.48 10.22
N GLU F 131 -9.93 -42.73 8.99
CA GLU F 131 -10.96 -43.68 8.62
C GLU F 131 -10.26 -45.02 8.46
N SER F 132 -9.17 -45.08 7.69
CA SER F 132 -8.61 -46.38 7.33
C SER F 132 -8.26 -47.12 8.61
N GLN F 133 -7.66 -46.42 9.59
CA GLN F 133 -7.31 -47.06 10.86
C GLN F 133 -8.52 -47.79 11.41
N ASN F 134 -9.73 -47.30 11.09
CA ASN F 134 -10.98 -47.67 11.75
C ASN F 134 -11.33 -49.11 11.38
N GLN F 135 -10.77 -49.57 10.25
CA GLN F 135 -10.85 -50.96 9.78
C GLN F 135 -9.86 -51.82 10.53
N GLN F 136 -8.80 -51.22 11.06
CA GLN F 136 -7.92 -51.96 11.95
C GLN F 136 -8.61 -52.02 13.30
N GLU F 137 -9.28 -50.93 13.67
CA GLU F 137 -10.00 -50.89 14.93
C GLU F 137 -11.05 -51.99 14.90
N LYS F 138 -11.65 -52.21 13.72
CA LYS F 138 -12.73 -53.18 13.53
C LYS F 138 -12.17 -54.60 13.52
N ASN F 139 -10.99 -54.81 12.93
CA ASN F 139 -10.38 -56.15 13.03
C ASN F 139 -10.08 -56.48 14.49
N GLU F 140 -9.55 -55.51 15.23
CA GLU F 140 -9.36 -55.73 16.65
C GLU F 140 -10.70 -55.93 17.34
N GLN F 141 -11.75 -55.32 16.80
CA GLN F 141 -13.13 -55.48 17.31
C GLN F 141 -13.65 -56.88 17.08
N ASP F 142 -13.25 -57.51 16.00
CA ASP F 142 -13.64 -58.89 15.76
C ASP F 142 -12.92 -59.77 16.75
N LEU F 143 -11.66 -59.45 17.02
CA LEU F 143 -10.92 -60.23 18.02
C LEU F 143 -11.46 -59.97 19.43
N LEU F 144 -12.19 -58.87 19.65
CA LEU F 144 -12.72 -58.55 20.98
C LEU F 144 -14.04 -59.25 21.29
N ALA F 145 -15.03 -59.16 20.39
CA ALA F 145 -16.29 -59.88 20.54
C ALA F 145 -16.20 -61.37 20.20
N LEU F 146 -14.99 -61.92 20.03
CA LEU F 146 -14.81 -63.35 19.77
C LEU F 146 -15.72 -63.87 18.67
#